data_2QEG
# 
_entry.id   2QEG 
# 
_audit_conform.dict_name       mmcif_pdbx.dic 
_audit_conform.dict_version    5.377 
_audit_conform.dict_location   http://mmcif.pdb.org/dictionaries/ascii/mmcif_pdbx.dic 
# 
loop_
_database_2.database_id 
_database_2.database_code 
_database_2.pdbx_database_accession 
_database_2.pdbx_DOI 
PDB   2QEG         pdb_00002qeg 10.2210/pdb2qeg/pdb 
NDB   BD0103       ?            ?                   
RCSB  RCSB043495   ?            ?                   
WWPDB D_1000043495 ?            ?                   
# 
_pdbx_database_related.db_name        PDB 
_pdbx_database_related.db_id          2QEF 
_pdbx_database_related.details        . 
_pdbx_database_related.content_type   unspecified 
# 
_pdbx_database_status.status_code                     REL 
_pdbx_database_status.entry_id                        2QEG 
_pdbx_database_status.recvd_initial_deposition_date   2007-06-25 
_pdbx_database_status.deposit_site                    RCSB 
_pdbx_database_status.process_site                    RCSB 
_pdbx_database_status.status_code_sf                  REL 
_pdbx_database_status.status_code_mr                  ? 
_pdbx_database_status.SG_entry                        ? 
_pdbx_database_status.pdb_format_compatible           Y 
_pdbx_database_status.status_code_cs                  ? 
_pdbx_database_status.status_code_nmr_data            ? 
_pdbx_database_status.methods_development_category    ? 
# 
loop_
_audit_author.name 
_audit_author.pdbx_ordinal 
'Wang, F.'    1 
'Li, F.'      2 
'Ganguly, M.' 3 
'Marky, L.A.' 4 
'Gold, B.'    5 
'Egli, M.'    6 
'Stone, M.P.' 7 
# 
_citation.id                        primary 
_citation.title                     
;A bridging water anchors the tethered 5-(3-aminopropyl)-2'-deoxyuridine amine in the DNA major groove proximate to the N+2 C.G base pair: implications for formation of interstrand 5'-GNC-3' cross-links by nitrogen mustards.
;
_citation.journal_abbrev            Biochemistry 
_citation.journal_volume            47 
_citation.page_first                7147 
_citation.page_last                 7157 
_citation.year                      2008 
_citation.journal_id_ASTM           BICHAW 
_citation.country                   US 
_citation.journal_id_ISSN           0006-2960 
_citation.journal_id_CSD            0033 
_citation.book_publisher            ? 
_citation.pdbx_database_id_PubMed   18549246 
_citation.pdbx_database_id_DOI      10.1021/bi800375m 
# 
loop_
_citation_author.citation_id 
_citation_author.name 
_citation_author.ordinal 
_citation_author.identifier_ORCID 
primary 'Wang, F.'    1 ? 
primary 'Li, F.'      2 ? 
primary 'Ganguly, M.' 3 ? 
primary 'Marky, L.A.' 4 ? 
primary 'Gold, B.'    5 ? 
primary 'Egli, M.'    6 ? 
primary 'Stone, M.P.' 7 ? 
# 
_cell.entry_id           2QEG 
_cell.length_a           24.185 
_cell.length_b           40.328 
_cell.length_c           65.686 
_cell.angle_alpha        90.00 
_cell.angle_beta         90.00 
_cell.angle_gamma        90.00 
_cell.Z_PDB              8 
_cell.pdbx_unique_axis   ? 
_cell.length_a_esd       ? 
_cell.length_b_esd       ? 
_cell.length_c_esd       ? 
_cell.angle_alpha_esd    ? 
_cell.angle_beta_esd     ? 
_cell.angle_gamma_esd    ? 
# 
_symmetry.entry_id                         2QEG 
_symmetry.space_group_name_H-M             'P 21 21 21' 
_symmetry.pdbx_full_space_group_name_H-M   ? 
_symmetry.cell_setting                     ? 
_symmetry.Int_Tables_number                19 
_symmetry.space_group_name_Hall            ? 
# 
loop_
_entity.id 
_entity.type 
_entity.src_method 
_entity.pdbx_description 
_entity.formula_weight 
_entity.pdbx_number_of_molecules 
_entity.pdbx_ec 
_entity.pdbx_mutation 
_entity.pdbx_fragment 
_entity.details 
1 polymer syn 
;DNA (5'-D(*DCP*DGP*DCP*DGP*DAP*DAP*DTP*DTP*DCP*(7GU)P*DCP*DG)-3')
;
3662.404 2   ? ? ? DDDZ10 
2 water   nat water                                                               18.015   110 ? ? ? ?      
# 
_entity_poly.entity_id                      1 
_entity_poly.type                           polydeoxyribonucleotide 
_entity_poly.nstd_linkage                   no 
_entity_poly.nstd_monomer                   yes 
_entity_poly.pdbx_seq_one_letter_code       '(DC)(DG)(DC)(DG)(DA)(DA)(DT)(DT)(DC)(7GU)(DC)(DG)' 
_entity_poly.pdbx_seq_one_letter_code_can   CGCGAATTCGCG 
_entity_poly.pdbx_strand_id                 A,B 
_entity_poly.pdbx_target_identifier         ? 
# 
loop_
_entity_poly_seq.entity_id 
_entity_poly_seq.num 
_entity_poly_seq.mon_id 
_entity_poly_seq.hetero 
1 1  DC  n 
1 2  DG  n 
1 3  DC  n 
1 4  DG  n 
1 5  DA  n 
1 6  DA  n 
1 7  DT  n 
1 8  DT  n 
1 9  DC  n 
1 10 7GU n 
1 11 DC  n 
1 12 DG  n 
# 
_pdbx_entity_src_syn.entity_id              1 
_pdbx_entity_src_syn.pdbx_src_id            1 
_pdbx_entity_src_syn.pdbx_alt_source_flag   sample 
_pdbx_entity_src_syn.pdbx_beg_seq_num       ? 
_pdbx_entity_src_syn.pdbx_end_seq_num       ? 
_pdbx_entity_src_syn.organism_scientific    ? 
_pdbx_entity_src_syn.organism_common_name   ? 
_pdbx_entity_src_syn.ncbi_taxonomy_id       ? 
_pdbx_entity_src_syn.details                
;The 7-zG was introduced as the phosphoramidite (Glenn Research, Sterling, VA). The on-column oxidation of the phosphite to phosphate when a 7-zG is present requires (1S)-(+)-(10-camphorsulfonyl)oxaziridine rather than I2 according to the manufacturers protocols (Glenn Research, Sterling, VA). The dry oligomers were then dissolved in the appropriate buffer.
;
# 
_struct_ref.id                         1 
_struct_ref.db_name                    PDB 
_struct_ref.db_code                    2QEG 
_struct_ref.pdbx_db_accession          2QEG 
_struct_ref.entity_id                  1 
_struct_ref.pdbx_align_begin           ? 
_struct_ref.pdbx_seq_one_letter_code   CGCGAATTCGCG 
_struct_ref.pdbx_db_isoform            ? 
# 
loop_
_struct_ref_seq.align_id 
_struct_ref_seq.ref_id 
_struct_ref_seq.pdbx_PDB_id_code 
_struct_ref_seq.pdbx_strand_id 
_struct_ref_seq.seq_align_beg 
_struct_ref_seq.pdbx_seq_align_beg_ins_code 
_struct_ref_seq.seq_align_end 
_struct_ref_seq.pdbx_seq_align_end_ins_code 
_struct_ref_seq.pdbx_db_accession 
_struct_ref_seq.db_align_beg 
_struct_ref_seq.pdbx_db_align_beg_ins_code 
_struct_ref_seq.db_align_end 
_struct_ref_seq.pdbx_db_align_end_ins_code 
_struct_ref_seq.pdbx_auth_seq_align_beg 
_struct_ref_seq.pdbx_auth_seq_align_end 
1 1 2QEG A 1 ? 12 ? 2QEG 1 ? 12 ? 1 12 
2 1 2QEG B 1 ? 12 ? 2QEG 1 ? 12 ? 1 12 
# 
loop_
_chem_comp.id 
_chem_comp.type 
_chem_comp.mon_nstd_flag 
_chem_comp.name 
_chem_comp.pdbx_synonyms 
_chem_comp.formula 
_chem_comp.formula_weight 
7GU 'DNA linking' n "7-DEAZA-2'-DEOXYGUANOSINE-5'-MONOPHOSPHATE" ? 'C11 H15 N4 O7 P' 346.233 
DA  'DNA linking' y "2'-DEOXYADENOSINE-5'-MONOPHOSPHATE"         ? 'C10 H14 N5 O6 P' 331.222 
DC  'DNA linking' y "2'-DEOXYCYTIDINE-5'-MONOPHOSPHATE"          ? 'C9 H14 N3 O7 P'  307.197 
DG  'DNA linking' y "2'-DEOXYGUANOSINE-5'-MONOPHOSPHATE"         ? 'C10 H14 N5 O7 P' 347.221 
DT  'DNA linking' y "THYMIDINE-5'-MONOPHOSPHATE"                 ? 'C10 H15 N2 O8 P' 322.208 
HOH non-polymer   . WATER                                        ? 'H2 O'            18.015  
# 
_exptl.entry_id          2QEG 
_exptl.method            'X-RAY DIFFRACTION' 
_exptl.crystals_number   1 
# 
_exptl_crystal.id                    1 
_exptl_crystal.density_meas          ? 
_exptl_crystal.density_Matthews      2.10 
_exptl_crystal.density_percent_sol   41.54 
_exptl_crystal.description           ? 
_exptl_crystal.F_000                 ? 
_exptl_crystal.preparation           ? 
# 
_exptl_crystal_grow.crystal_id      1 
_exptl_crystal_grow.method          'VAPOR DIFFUSION, HANGING DROP' 
_exptl_crystal_grow.temp            291 
_exptl_crystal_grow.temp_details    ? 
_exptl_crystal_grow.pH              6.0 
_exptl_crystal_grow.pdbx_details    
;Droplets containing 0.6 mM oligonucleotide, 5% 2-methyl-2,4-pentanediol (MPD), 20 mM sodium cacodylate (pH 6.0), 6 mM spermine tetrahydrochloride, 40 mM KCl and 10 mM MgCl2 were equilibrated against a reservoir of 35% MPD., VAPOR DIFFUSION, HANGING DROP, temperature 291K
;
_exptl_crystal_grow.pdbx_pH_range   . 
# 
loop_
_exptl_crystal_grow_comp.crystal_id 
_exptl_crystal_grow_comp.id 
_exptl_crystal_grow_comp.sol_id 
_exptl_crystal_grow_comp.name 
_exptl_crystal_grow_comp.volume 
_exptl_crystal_grow_comp.conc 
_exptl_crystal_grow_comp.details 
1 1 1 2-methyl-2,4-pentanediol      ? ? ? 
1 2 1 'sodium cacodylate'           ? ? ? 
1 3 1 'spermine tetrahydrochloride' ? ? ? 
1 4 1 KCl                           ? ? ? 
1 5 1 MgCl2                         ? ? ? 
1 6 2 MPD                           ? ? ? 
# 
_diffrn.id                     1 
_diffrn.ambient_temp           100 
_diffrn.ambient_temp_details   ? 
_diffrn.crystal_id             1 
# 
_diffrn_detector.diffrn_id              1 
_diffrn_detector.detector               CCD 
_diffrn_detector.type                   'MAR CCD 165 mm' 
_diffrn_detector.pdbx_collection_date   2007-04-18 
_diffrn_detector.details                ? 
# 
_diffrn_radiation.diffrn_id                        1 
_diffrn_radiation.wavelength_id                    1 
_diffrn_radiation.pdbx_monochromatic_or_laue_m_l   M 
_diffrn_radiation.monochromator                    ? 
_diffrn_radiation.pdbx_diffrn_protocol             'SINGLE WAVELENGTH' 
_diffrn_radiation.pdbx_scattering_type             x-ray 
# 
_diffrn_radiation_wavelength.id           1 
_diffrn_radiation_wavelength.wavelength   1 
_diffrn_radiation_wavelength.wt           1.0 
# 
_diffrn_source.diffrn_id                   1 
_diffrn_source.source                      SYNCHROTRON 
_diffrn_source.type                        'APS BEAMLINE 22-ID' 
_diffrn_source.pdbx_synchrotron_site       APS 
_diffrn_source.pdbx_synchrotron_beamline   22-ID 
_diffrn_source.pdbx_wavelength             ? 
_diffrn_source.pdbx_wavelength_list        1 
# 
_reflns.entry_id                     2QEG 
_reflns.observed_criterion_sigma_F   0 
_reflns.observed_criterion_sigma_I   0 
_reflns.d_resolution_high            1.60 
_reflns.d_resolution_low             34.36 
_reflns.number_all                   9994 
_reflns.number_obs                   8678 
_reflns.percent_possible_obs         96.4 
_reflns.pdbx_Rmerge_I_obs            0.049 
_reflns.pdbx_Rsym_value              ? 
_reflns.pdbx_netI_over_sigmaI        ? 
_reflns.B_iso_Wilson_estimate        ? 
_reflns.pdbx_redundancy              6.2 
_reflns.R_free_details               ? 
_reflns.pdbx_chi_squared             ? 
_reflns.pdbx_scaling_rejects         ? 
_reflns.pdbx_diffrn_id               1 
_reflns.pdbx_ordinal                 1 
# 
_reflns_shell.d_res_high             1.60 
_reflns_shell.d_res_low              1.68 
_reflns_shell.percent_possible_all   86.7 
_reflns_shell.Rmerge_I_obs           0.118 
_reflns_shell.pdbx_Rsym_value        ? 
_reflns_shell.meanI_over_sigI_obs    ? 
_reflns_shell.pdbx_redundancy        4.6 
_reflns_shell.percent_possible_obs   ? 
_reflns_shell.number_unique_all      153 
_reflns_shell.number_measured_all    ? 
_reflns_shell.number_measured_obs    ? 
_reflns_shell.number_unique_obs      ? 
_reflns_shell.pdbx_chi_squared       ? 
_reflns_shell.pdbx_diffrn_id         ? 
_reflns_shell.pdbx_ordinal           1 
# 
_refine.entry_id                                 2QEG 
_refine.ls_number_reflns_obs                     7824 
_refine.ls_number_reflns_all                     9994 
_refine.pdbx_ls_sigma_I                          2.0 
_refine.pdbx_ls_sigma_F                          2.0 
_refine.pdbx_data_cutoff_high_absF               ? 
_refine.pdbx_data_cutoff_low_absF                ? 
_refine.pdbx_data_cutoff_high_rms_absF           ? 
_refine.ls_d_res_low                             34.36 
_refine.ls_d_res_high                            1.60 
_refine.ls_percent_reflns_obs                    96.59 
_refine.ls_R_factor_obs                          0.18855 
_refine.ls_R_factor_all                          0.18855 
_refine.ls_R_factor_R_work                       0.18205 
_refine.ls_R_factor_R_free                       0.25957 
_refine.ls_R_factor_R_free_error                 ? 
_refine.ls_R_factor_R_free_error_details         ? 
_refine.ls_percent_reflns_R_free                 9.6 
_refine.ls_number_reflns_R_free                  831 
_refine.ls_number_parameters                     ? 
_refine.ls_number_restraints                     ? 
_refine.occupancy_min                            ? 
_refine.occupancy_max                            ? 
_refine.correlation_coeff_Fo_to_Fc               0.962 
_refine.correlation_coeff_Fo_to_Fc_free          0.926 
_refine.B_iso_mean                               22.428 
_refine.aniso_B[1][1]                            0.48 
_refine.aniso_B[2][2]                            -0.77 
_refine.aniso_B[3][3]                            0.29 
_refine.aniso_B[1][2]                            0.00 
_refine.aniso_B[1][3]                            0.00 
_refine.aniso_B[2][3]                            0.00 
_refine.solvent_model_details                    'BABINET MODEL WITH MASK' 
_refine.solvent_model_param_ksol                 ? 
_refine.solvent_model_param_bsol                 ? 
_refine.pdbx_solvent_vdw_probe_radii             1.40 
_refine.pdbx_solvent_ion_probe_radii             0.80 
_refine.pdbx_solvent_shrinkage_radii             0.80 
_refine.pdbx_ls_cross_valid_method               THROUGHOUT 
_refine.details                                  'HYDROGENS HAVE BEEN ADDED IN THE RIDING POSITIONS' 
_refine.pdbx_starting_model                      355D 
_refine.pdbx_method_to_determine_struct          'MOLECULAR REPLACEMENT' 
_refine.pdbx_isotropic_thermal_model             ? 
_refine.pdbx_stereochemistry_target_values       'MAXIMUM LIKELIHOOD' 
_refine.pdbx_stereochem_target_val_spec_case     ? 
_refine.pdbx_R_Free_selection_details            RANDOM 
_refine.pdbx_overall_ESU_R                       0.152 
_refine.pdbx_overall_ESU_R_Free                  0.121 
_refine.overall_SU_ML                            0.064 
_refine.overall_SU_B                             3.985 
_refine.ls_redundancy_reflns_obs                 ? 
_refine.overall_SU_R_Cruickshank_DPI             ? 
_refine.overall_SU_R_free                        ? 
_refine.ls_wR_factor_R_free                      ? 
_refine.ls_wR_factor_R_work                      ? 
_refine.overall_FOM_free_R_set                   ? 
_refine.overall_FOM_work_R_set                   ? 
_refine.pdbx_overall_phase_error                 ? 
_refine.pdbx_refine_id                           'X-RAY DIFFRACTION' 
_refine.pdbx_diffrn_id                           1 
_refine.pdbx_TLS_residual_ADP_flag               ? 
_refine.pdbx_overall_SU_R_free_Cruickshank_DPI   ? 
_refine.pdbx_overall_SU_R_Blow_DPI               ? 
_refine.pdbx_overall_SU_R_free_Blow_DPI          ? 
# 
_refine_hist.pdbx_refine_id                   'X-RAY DIFFRACTION' 
_refine_hist.cycle_id                         LAST 
_refine_hist.pdbx_number_atoms_protein        0 
_refine_hist.pdbx_number_atoms_nucleic_acid   486 
_refine_hist.pdbx_number_atoms_ligand         0 
_refine_hist.number_atoms_solvent             110 
_refine_hist.number_atoms_total               596 
_refine_hist.d_res_high                       1.60 
_refine_hist.d_res_low                        34.36 
# 
loop_
_refine_ls_restr.type 
_refine_ls_restr.dev_ideal 
_refine_ls_restr.dev_ideal_target 
_refine_ls_restr.weight 
_refine_ls_restr.number 
_refine_ls_restr.pdbx_refine_id 
_refine_ls_restr.pdbx_restraint_function 
r_bond_refined_d             0.006 0.021 ? 542 'X-RAY DIFFRACTION' ? 
r_bond_other_d               0.001 0.020 ? 220 'X-RAY DIFFRACTION' ? 
r_angle_refined_deg          1.618 3.000 ? 826 'X-RAY DIFFRACTION' ? 
r_angle_other_deg            1.144 3.000 ? 558 'X-RAY DIFFRACTION' ? 
r_dihedral_angle_1_deg       ?     ?     ? ?   'X-RAY DIFFRACTION' ? 
r_dihedral_angle_2_deg       ?     ?     ? ?   'X-RAY DIFFRACTION' ? 
r_dihedral_angle_3_deg       ?     ?     ? ?   'X-RAY DIFFRACTION' ? 
r_dihedral_angle_4_deg       ?     ?     ? ?   'X-RAY DIFFRACTION' ? 
r_chiral_restr               0.056 0.200 ? 94  'X-RAY DIFFRACTION' ? 
r_gen_planes_refined         0.023 0.020 ? 248 'X-RAY DIFFRACTION' ? 
r_gen_planes_other           ?     ?     ? ?   'X-RAY DIFFRACTION' ? 
r_nbd_refined                0.402 0.200 ? 64  'X-RAY DIFFRACTION' ? 
r_nbd_other                  0.249 0.200 ? 262 'X-RAY DIFFRACTION' ? 
r_nbtor_refined              0.244 0.200 ? 196 'X-RAY DIFFRACTION' ? 
r_nbtor_other                0.083 0.200 ? 130 'X-RAY DIFFRACTION' ? 
r_xyhbond_nbd_refined        0.167 0.200 ? 58  'X-RAY DIFFRACTION' ? 
r_xyhbond_nbd_other          ?     ?     ? ?   'X-RAY DIFFRACTION' ? 
r_metal_ion_refined          ?     ?     ? ?   'X-RAY DIFFRACTION' ? 
r_metal_ion_other            ?     ?     ? ?   'X-RAY DIFFRACTION' ? 
r_symmetry_vdw_refined       0.048 0.200 ? 2   'X-RAY DIFFRACTION' ? 
r_symmetry_vdw_other         0.148 0.200 ? 12  'X-RAY DIFFRACTION' ? 
r_symmetry_hbond_refined     0.077 0.200 ? 10  'X-RAY DIFFRACTION' ? 
r_symmetry_hbond_other       ?     ?     ? ?   'X-RAY DIFFRACTION' ? 
r_symmetry_metal_ion_refined ?     ?     ? ?   'X-RAY DIFFRACTION' ? 
r_symmetry_metal_ion_other   ?     ?     ? ?   'X-RAY DIFFRACTION' ? 
r_mcbond_it                  ?     ?     ? ?   'X-RAY DIFFRACTION' ? 
r_mcbond_other               ?     ?     ? ?   'X-RAY DIFFRACTION' ? 
r_mcangle_it                 ?     ?     ? ?   'X-RAY DIFFRACTION' ? 
r_scbond_it                  3.217 3.000 ? 783 'X-RAY DIFFRACTION' ? 
r_scangle_it                 4.040 4.500 ? 826 'X-RAY DIFFRACTION' ? 
r_rigid_bond_restr           ?     ?     ? ?   'X-RAY DIFFRACTION' ? 
r_sphericity_free            ?     ?     ? ?   'X-RAY DIFFRACTION' ? 
r_sphericity_bonded          ?     ?     ? ?   'X-RAY DIFFRACTION' ? 
# 
_refine_ls_shell.pdbx_total_number_of_bins_used   20 
_refine_ls_shell.d_res_high                       1.600 
_refine_ls_shell.d_res_low                        1.641 
_refine_ls_shell.number_reflns_R_work             471 
_refine_ls_shell.R_factor_R_work                  0.133 
_refine_ls_shell.percent_reflns_obs               82.12 
_refine_ls_shell.R_factor_R_free                  0.207 
_refine_ls_shell.R_factor_R_free_error            ? 
_refine_ls_shell.percent_reflns_R_free            ? 
_refine_ls_shell.number_reflns_R_free             48 
_refine_ls_shell.number_reflns_all                ? 
_refine_ls_shell.R_factor_all                     ? 
_refine_ls_shell.number_reflns_obs                ? 
_refine_ls_shell.redundancy_reflns_obs            ? 
_refine_ls_shell.pdbx_refine_id                   'X-RAY DIFFRACTION' 
# 
_struct.entry_id                  2QEG 
_struct.title                     'B-DNA with 7-deaza-dG modification' 
_struct.pdbx_model_details        ? 
_struct.pdbx_CASP_flag            ? 
_struct.pdbx_model_type_details   ? 
# 
_struct_keywords.entry_id        2QEG 
_struct_keywords.pdbx_keywords   DNA 
_struct_keywords.text            'B-DNA, 7-deaza-dG, DNA' 
# 
loop_
_struct_asym.id 
_struct_asym.pdbx_blank_PDB_chainid_flag 
_struct_asym.pdbx_modified 
_struct_asym.entity_id 
_struct_asym.details 
A N N 1 ? 
B N N 1 ? 
C N N 2 ? 
D N N 2 ? 
# 
_struct_biol.id        1 
_struct_biol.details   ? 
# 
loop_
_struct_conn.id 
_struct_conn.conn_type_id 
_struct_conn.pdbx_leaving_atom_flag 
_struct_conn.pdbx_PDB_id 
_struct_conn.ptnr1_label_asym_id 
_struct_conn.ptnr1_label_comp_id 
_struct_conn.ptnr1_label_seq_id 
_struct_conn.ptnr1_label_atom_id 
_struct_conn.pdbx_ptnr1_label_alt_id 
_struct_conn.pdbx_ptnr1_PDB_ins_code 
_struct_conn.pdbx_ptnr1_standard_comp_id 
_struct_conn.ptnr1_symmetry 
_struct_conn.ptnr2_label_asym_id 
_struct_conn.ptnr2_label_comp_id 
_struct_conn.ptnr2_label_seq_id 
_struct_conn.ptnr2_label_atom_id 
_struct_conn.pdbx_ptnr2_label_alt_id 
_struct_conn.pdbx_ptnr2_PDB_ins_code 
_struct_conn.ptnr1_auth_asym_id 
_struct_conn.ptnr1_auth_comp_id 
_struct_conn.ptnr1_auth_seq_id 
_struct_conn.ptnr2_auth_asym_id 
_struct_conn.ptnr2_auth_comp_id 
_struct_conn.ptnr2_auth_seq_id 
_struct_conn.ptnr2_symmetry 
_struct_conn.pdbx_ptnr3_label_atom_id 
_struct_conn.pdbx_ptnr3_label_seq_id 
_struct_conn.pdbx_ptnr3_label_comp_id 
_struct_conn.pdbx_ptnr3_label_asym_id 
_struct_conn.pdbx_ptnr3_label_alt_id 
_struct_conn.pdbx_ptnr3_PDB_ins_code 
_struct_conn.details 
_struct_conn.pdbx_dist_value 
_struct_conn.pdbx_value_order 
_struct_conn.pdbx_role 
covale1  covale both ? A DC  9  "O3'" ? ? ? 1_555 A 7GU 10 P  ? ? A DC  9  A 7GU 10 1_555 ? ? ? ? ? ? ?            1.594 ? ? 
covale2  covale both ? A 7GU 10 "O3'" ? ? ? 1_555 A DC  11 P  ? ? A 7GU 10 A DC  11 1_555 ? ? ? ? ? ? ?            1.645 ? ? 
covale3  covale both ? B DC  9  "O3'" ? ? ? 1_555 B 7GU 10 P  ? ? B DC  9  B 7GU 10 1_555 ? ? ? ? ? ? ?            1.596 ? ? 
covale4  covale both ? B 7GU 10 "O3'" ? ? ? 1_555 B DC  11 P  ? ? B 7GU 10 B DC  11 1_555 ? ? ? ? ? ? ?            1.610 ? ? 
hydrog1  hydrog ?    ? A DC  1  N3    ? ? ? 1_555 B DG  12 N1 ? ? A DC  1  B DG  12 1_555 ? ? ? ? ? ? WATSON-CRICK ?     ? ? 
hydrog2  hydrog ?    ? A DC  1  N4    ? ? ? 1_555 B DG  12 O6 ? ? A DC  1  B DG  12 1_555 ? ? ? ? ? ? WATSON-CRICK ?     ? ? 
hydrog3  hydrog ?    ? A DC  1  O2    ? ? ? 1_555 B DG  12 N2 ? ? A DC  1  B DG  12 1_555 ? ? ? ? ? ? WATSON-CRICK ?     ? ? 
hydrog4  hydrog ?    ? A DG  2  N1    ? ? ? 1_555 B DC  11 N3 ? ? A DG  2  B DC  11 1_555 ? ? ? ? ? ? WATSON-CRICK ?     ? ? 
hydrog5  hydrog ?    ? A DG  2  N2    ? ? ? 1_555 B DC  11 O2 ? ? A DG  2  B DC  11 1_555 ? ? ? ? ? ? WATSON-CRICK ?     ? ? 
hydrog6  hydrog ?    ? A DG  2  O6    ? ? ? 1_555 B DC  11 N4 ? ? A DG  2  B DC  11 1_555 ? ? ? ? ? ? WATSON-CRICK ?     ? ? 
hydrog7  hydrog ?    ? A DC  3  N3    ? ? ? 1_555 B 7GU 10 N1 ? ? A DC  3  B 7GU 10 1_555 ? ? ? ? ? ? WATSON-CRICK ?     ? ? 
hydrog8  hydrog ?    ? A DC  3  N4    ? ? ? 1_555 B 7GU 10 O6 ? ? A DC  3  B 7GU 10 1_555 ? ? ? ? ? ? WATSON-CRICK ?     ? ? 
hydrog9  hydrog ?    ? A DC  3  O2    ? ? ? 1_555 B 7GU 10 N2 ? ? A DC  3  B 7GU 10 1_555 ? ? ? ? ? ? WATSON-CRICK ?     ? ? 
hydrog10 hydrog ?    ? A DG  4  N1    ? ? ? 1_555 B DC  9  N3 ? ? A DG  4  B DC  9  1_555 ? ? ? ? ? ? WATSON-CRICK ?     ? ? 
hydrog11 hydrog ?    ? A DG  4  N2    ? ? ? 1_555 B DC  9  O2 ? ? A DG  4  B DC  9  1_555 ? ? ? ? ? ? WATSON-CRICK ?     ? ? 
hydrog12 hydrog ?    ? A DG  4  O6    ? ? ? 1_555 B DC  9  N4 ? ? A DG  4  B DC  9  1_555 ? ? ? ? ? ? WATSON-CRICK ?     ? ? 
hydrog13 hydrog ?    ? A DA  5  N1    ? ? ? 1_555 B DT  8  N3 ? ? A DA  5  B DT  8  1_555 ? ? ? ? ? ? WATSON-CRICK ?     ? ? 
hydrog14 hydrog ?    ? A DA  5  N6    ? ? ? 1_555 B DT  8  O4 ? ? A DA  5  B DT  8  1_555 ? ? ? ? ? ? WATSON-CRICK ?     ? ? 
hydrog15 hydrog ?    ? A DA  6  N1    ? ? ? 1_555 B DT  7  N3 ? ? A DA  6  B DT  7  1_555 ? ? ? ? ? ? WATSON-CRICK ?     ? ? 
hydrog16 hydrog ?    ? A DA  6  N6    ? ? ? 1_555 B DT  7  O4 ? ? A DA  6  B DT  7  1_555 ? ? ? ? ? ? WATSON-CRICK ?     ? ? 
hydrog17 hydrog ?    ? A DT  7  N3    ? ? ? 1_555 B DA  6  N1 ? ? A DT  7  B DA  6  1_555 ? ? ? ? ? ? WATSON-CRICK ?     ? ? 
hydrog18 hydrog ?    ? A DT  7  O4    ? ? ? 1_555 B DA  6  N6 ? ? A DT  7  B DA  6  1_555 ? ? ? ? ? ? WATSON-CRICK ?     ? ? 
hydrog19 hydrog ?    ? A DT  8  N3    ? ? ? 1_555 B DA  5  N1 ? ? A DT  8  B DA  5  1_555 ? ? ? ? ? ? WATSON-CRICK ?     ? ? 
hydrog20 hydrog ?    ? A DT  8  O4    ? ? ? 1_555 B DA  5  N6 ? ? A DT  8  B DA  5  1_555 ? ? ? ? ? ? WATSON-CRICK ?     ? ? 
hydrog21 hydrog ?    ? A DC  9  N3    ? ? ? 1_555 B DG  4  N1 ? ? A DC  9  B DG  4  1_555 ? ? ? ? ? ? WATSON-CRICK ?     ? ? 
hydrog22 hydrog ?    ? A DC  9  N4    ? ? ? 1_555 B DG  4  O6 ? ? A DC  9  B DG  4  1_555 ? ? ? ? ? ? WATSON-CRICK ?     ? ? 
hydrog23 hydrog ?    ? A DC  9  O2    ? ? ? 1_555 B DG  4  N2 ? ? A DC  9  B DG  4  1_555 ? ? ? ? ? ? WATSON-CRICK ?     ? ? 
hydrog24 hydrog ?    ? A 7GU 10 N1    ? ? ? 1_555 B DC  3  N3 ? ? A 7GU 10 B DC  3  1_555 ? ? ? ? ? ? WATSON-CRICK ?     ? ? 
hydrog25 hydrog ?    ? A 7GU 10 N2    ? ? ? 1_555 B DC  3  O2 ? ? A 7GU 10 B DC  3  1_555 ? ? ? ? ? ? WATSON-CRICK ?     ? ? 
hydrog26 hydrog ?    ? A 7GU 10 O6    ? ? ? 1_555 B DC  3  N4 ? ? A 7GU 10 B DC  3  1_555 ? ? ? ? ? ? WATSON-CRICK ?     ? ? 
hydrog27 hydrog ?    ? A DC  11 N3    ? ? ? 1_555 B DG  2  N1 ? ? A DC  11 B DG  2  1_555 ? ? ? ? ? ? WATSON-CRICK ?     ? ? 
hydrog28 hydrog ?    ? A DC  11 N4    ? ? ? 1_555 B DG  2  O6 ? ? A DC  11 B DG  2  1_555 ? ? ? ? ? ? WATSON-CRICK ?     ? ? 
hydrog29 hydrog ?    ? A DC  11 O2    ? ? ? 1_555 B DG  2  N2 ? ? A DC  11 B DG  2  1_555 ? ? ? ? ? ? WATSON-CRICK ?     ? ? 
hydrog30 hydrog ?    ? A DG  12 N1    ? ? ? 1_555 B DC  1  N3 ? ? A DG  12 B DC  1  1_555 ? ? ? ? ? ? WATSON-CRICK ?     ? ? 
hydrog31 hydrog ?    ? A DG  12 N2    ? ? ? 1_555 B DC  1  O2 ? ? A DG  12 B DC  1  1_555 ? ? ? ? ? ? WATSON-CRICK ?     ? ? 
hydrog32 hydrog ?    ? A DG  12 O6    ? ? ? 1_555 B DC  1  N4 ? ? A DG  12 B DC  1  1_555 ? ? ? ? ? ? WATSON-CRICK ?     ? ? 
# 
loop_
_struct_conn_type.id 
_struct_conn_type.criteria 
_struct_conn_type.reference 
covale ? ? 
hydrog ? ? 
# 
_atom_sites.entry_id                    2QEG 
_atom_sites.fract_transf_matrix[1][1]   -0.02950515 
_atom_sites.fract_transf_matrix[1][2]   -0.01475727 
_atom_sites.fract_transf_matrix[1][3]   0.02492642 
_atom_sites.fract_transf_matrix[2][1]   0.01734000 
_atom_sites.fract_transf_matrix[2][2]   -0.01029450 
_atom_sites.fract_transf_matrix[2][3]   0.01443049 
_atom_sites.fract_transf_matrix[3][1]   0.00064813 
_atom_sites.fract_transf_matrix[3][2]   0.01273976 
_atom_sites.fract_transf_matrix[3][3]   0.00830955 
_atom_sites.fract_transf_vector[1]      0.911806 
_atom_sites.fract_transf_vector[2]      0.973767 
_atom_sites.fract_transf_vector[3]      0.627574 
# 
loop_
_atom_type.symbol 
C 
N 
O 
P 
# 
loop_
_atom_site.group_PDB 
_atom_site.id 
_atom_site.type_symbol 
_atom_site.label_atom_id 
_atom_site.label_alt_id 
_atom_site.label_comp_id 
_atom_site.label_asym_id 
_atom_site.label_entity_id 
_atom_site.label_seq_id 
_atom_site.pdbx_PDB_ins_code 
_atom_site.Cartn_x 
_atom_site.Cartn_y 
_atom_site.Cartn_z 
_atom_site.occupancy 
_atom_site.B_iso_or_equiv 
_atom_site.pdbx_formal_charge 
_atom_site.auth_seq_id 
_atom_site.auth_comp_id 
_atom_site.auth_asym_id 
_atom_site.auth_atom_id 
_atom_site.pdbx_PDB_model_num 
ATOM   1   O "O5'" . DC  A 1 1  ? -5.185  19.441  -3.200  1.00 37.47  ? 1  DC  A "O5'" 1 
ATOM   2   C "C5'" . DC  A 1 1  ? -4.905  19.639  -1.813  1.00 33.82  ? 1  DC  A "C5'" 1 
ATOM   3   C "C4'" . DC  A 1 1  ? -3.567  19.032  -1.424  1.00 32.26  ? 1  DC  A "C4'" 1 
ATOM   4   O "O4'" . DC  A 1 1  ? -3.355  19.171  0.007   1.00 30.94  ? 1  DC  A "O4'" 1 
ATOM   5   C "C3'" . DC  A 1 1  ? -3.419  17.540  -1.696  1.00 32.51  ? 1  DC  A "C3'" 1 
ATOM   6   O "O3'" . DC  A 1 1  ? -2.091  17.234  -2.019  1.00 32.92  ? 1  DC  A "O3'" 1 
ATOM   7   C "C2'" . DC  A 1 1  ? -3.748  16.918  -0.358  1.00 31.61  ? 1  DC  A "C2'" 1 
ATOM   8   C "C1'" . DC  A 1 1  ? -3.011  17.904  0.531   1.00 30.45  ? 1  DC  A "C1'" 1 
ATOM   9   N N1    . DC  A 1 1  ? -3.397  17.768  1.950   1.00 30.06  ? 1  DC  A N1    1 
ATOM   10  C C2    . DC  A 1 1  ? -2.401  17.747  2.931   1.00 25.11  ? 1  DC  A C2    1 
ATOM   11  O O2    . DC  A 1 1  ? -1.221  17.892  2.585   1.00 25.43  ? 1  DC  A O2    1 
ATOM   12  N N3    . DC  A 1 1  ? -2.762  17.526  4.212   1.00 26.11  ? 1  DC  A N3    1 
ATOM   13  C C4    . DC  A 1 1  ? -4.053  17.405  4.540   1.00 29.78  ? 1  DC  A C4    1 
ATOM   14  N N4    . DC  A 1 1  ? -4.372  17.241  5.830   1.00 32.17  ? 1  DC  A N4    1 
ATOM   15  C C5    . DC  A 1 1  ? -5.082  17.413  3.551   1.00 31.91  ? 1  DC  A C5    1 
ATOM   16  C C6    . DC  A 1 1  ? -4.712  17.591  2.279   1.00 30.96  ? 1  DC  A C6    1 
ATOM   17  P P     . DG  A 1 2  ? -1.734  16.258  -3.226  1.00 33.26  ? 2  DG  A P     1 
ATOM   18  O OP1   . DG  A 1 2  ? -2.139  16.913  -4.487  1.00 35.34  ? 2  DG  A OP1   1 
ATOM   19  O OP2   . DG  A 1 2  ? -2.177  14.886  -2.898  1.00 35.87  ? 2  DG  A OP2   1 
ATOM   20  O "O5'" . DG  A 1 2  ? -0.137  16.296  -3.110  1.00 35.01  ? 2  DG  A "O5'" 1 
ATOM   21  C "C5'" . DG  A 1 2  ? 0.543   17.547  -2.919  1.00 32.10  ? 2  DG  A "C5'" 1 
ATOM   22  C "C4'" . DG  A 1 2  ? 1.739   17.310  -2.019  1.00 30.21  ? 2  DG  A "C4'" 1 
ATOM   23  O "O4'" . DG  A 1 2  ? 1.288   17.256  -0.640  1.00 29.45  ? 2  DG  A "O4'" 1 
ATOM   24  C "C3'" . DG  A 1 2  ? 2.393   15.977  -2.331  1.00 31.54  ? 2  DG  A "C3'" 1 
ATOM   25  O "O3'" . DG  A 1 2  ? 3.754   16.073  -2.691  1.00 33.54  ? 2  DG  A "O3'" 1 
ATOM   26  C "C2'" . DG  A 1 2  ? 2.240   15.131  -1.083  1.00 31.03  ? 2  DG  A "C2'" 1 
ATOM   27  C "C1'" . DG  A 1 2  ? 1.838   16.117  -0.003  1.00 28.36  ? 2  DG  A "C1'" 1 
ATOM   28  N N9    . DG  A 1 2  ? 0.834   15.541  0.874   1.00 26.61  ? 2  DG  A N9    1 
ATOM   29  C C8    . DG  A 1 2  ? -0.480  15.310  0.541   1.00 26.24  ? 2  DG  A C8    1 
ATOM   30  N N7    . DG  A 1 2  ? -1.168  14.791  1.507   1.00 24.63  ? 2  DG  A N7    1 
ATOM   31  C C5    . DG  A 1 2  ? -0.255  14.658  2.542   1.00 25.07  ? 2  DG  A C5    1 
ATOM   32  C C6    . DG  A 1 2  ? -0.459  14.192  3.854   1.00 23.00  ? 2  DG  A C6    1 
ATOM   33  O O6    . DG  A 1 2  ? -1.518  13.789  4.350   1.00 25.23  ? 2  DG  A O6    1 
ATOM   34  N N1    . DG  A 1 2  ? 0.713   14.205  4.600   1.00 23.56  ? 2  DG  A N1    1 
ATOM   35  C C2    . DG  A 1 2  ? 1.915   14.684  4.147   1.00 24.23  ? 2  DG  A C2    1 
ATOM   36  N N2    . DG  A 1 2  ? 2.930   14.600  5.020   1.00 24.02  ? 2  DG  A N2    1 
ATOM   37  N N3    . DG  A 1 2  ? 2.121   15.138  2.912   1.00 22.98  ? 2  DG  A N3    1 
ATOM   38  C C4    . DG  A 1 2  ? 0.985   15.125  2.176   1.00 22.69  ? 2  DG  A C4    1 
ATOM   39  P P     . DC  A 1 3  ? 4.391   14.771  -3.364  1.00 37.04  ? 3  DC  A P     1 
ATOM   40  O OP1   . DC  A 1 3  ? 5.459   15.227  -4.269  1.00 39.47  ? 3  DC  A OP1   1 
ATOM   41  O OP2   . DC  A 1 3  ? 3.286   13.927  -3.876  1.00 41.02  ? 3  DC  A OP2   1 
ATOM   42  O "O5'" . DC  A 1 3  ? 5.016   13.933  -2.156  1.00 30.16  ? 3  DC  A "O5'" 1 
ATOM   43  C "C5'" . DC  A 1 3  ? 5.875   14.561  -1.226  1.00 28.54  ? 3  DC  A "C5'" 1 
ATOM   44  C "C4'" . DC  A 1 3  ? 6.000   13.690  0.004   1.00 26.78  ? 3  DC  A "C4'" 1 
ATOM   45  O "O4'" . DC  A 1 3  ? 4.731   13.693  0.687   1.00 24.35  ? 3  DC  A "O4'" 1 
ATOM   46  C "C3'" . DC  A 1 3  ? 6.295   12.220  -0.263  1.00 26.97  ? 3  DC  A "C3'" 1 
ATOM   47  O "O3'" . DC  A 1 3  ? 7.670   11.980  -0.194  1.00 30.34  ? 3  DC  A "O3'" 1 
ATOM   48  C "C2'" . DC  A 1 3  ? 5.588   11.464  0.850   1.00 27.14  ? 3  DC  A "C2'" 1 
ATOM   49  C "C1'" . DC  A 1 3  ? 4.604   12.480  1.406   1.00 25.66  ? 3  DC  A "C1'" 1 
ATOM   50  N N1    . DC  A 1 3  ? 3.199   12.084  1.283   1.00 26.68  ? 3  DC  A N1    1 
ATOM   51  C C2    . DC  A 1 3  ? 2.532   11.685  2.432   1.00 24.51  ? 3  DC  A C2    1 
ATOM   52  O O2    . DC  A 1 3  ? 3.178   11.592  3.483   1.00 25.62  ? 3  DC  A O2    1 
ATOM   53  N N3    . DC  A 1 3  ? 1.212   11.408  2.342   1.00 24.46  ? 3  DC  A N3    1 
ATOM   54  C C4    . DC  A 1 3  ? 0.578   11.519  1.177   1.00 25.66  ? 3  DC  A C4    1 
ATOM   55  N N4    . DC  A 1 3  ? -0.722  11.219  1.148   1.00 27.14  ? 3  DC  A N4    1 
ATOM   56  C C5    . DC  A 1 3  ? 1.251   11.922  -0.015  1.00 26.61  ? 3  DC  A C5    1 
ATOM   57  C C6    . DC  A 1 3  ? 2.553   12.189  0.085   1.00 27.68  ? 3  DC  A C6    1 
ATOM   58  P P     . DG  A 1 4  ? 8.266   10.599  -0.726  1.00 32.95  ? 4  DG  A P     1 
ATOM   59  O OP1   . DG  A 1 4  ? 9.638   10.880  -1.186  1.00 33.47  ? 4  DG  A OP1   1 
ATOM   60  O OP2   . DG  A 1 4  ? 7.290   9.937   -1.623  1.00 33.80  ? 4  DG  A OP2   1 
ATOM   61  O "O5'" . DG  A 1 4  ? 8.349   9.698   0.587   1.00 31.28  ? 4  DG  A "O5'" 1 
ATOM   62  C "C5'" . DG  A 1 4  ? 9.099   10.101  1.719   1.00 31.26  ? 4  DG  A "C5'" 1 
ATOM   63  C "C4'" . DG  A 1 4  ? 8.738   9.224   2.903   1.00 30.84  ? 4  DG  A "C4'" 1 
ATOM   64  O "O4'" . DG  A 1 4  ? 7.297   9.233   3.086   1.00 29.57  ? 4  DG  A "O4'" 1 
ATOM   65  C "C3'" . DG  A 1 4  ? 9.123   7.755   2.781   1.00 32.50  ? 4  DG  A "C3'" 1 
ATOM   66  O "O3'" . DG  A 1 4  ? 9.502   7.285   4.070   1.00 34.48  ? 4  DG  A "O3'" 1 
ATOM   67  C "C2'" . DG  A 1 4  ? 7.841   7.120   2.253   1.00 30.43  ? 4  DG  A "C2'" 1 
ATOM   68  C "C1'" . DG  A 1 4  ? 6.774   7.925   2.982   1.00 26.76  ? 4  DG  A "C1'" 1 
ATOM   69  N N9    . DG  A 1 4  ? 5.484   8.017   2.299   1.00 25.38  ? 4  DG  A N9    1 
ATOM   70  C C8    . DG  A 1 4  ? 5.267   8.279   0.970   1.00 25.97  ? 4  DG  A C8    1 
ATOM   71  N N7    . DG  A 1 4  ? 4.008   8.348   0.640   1.00 26.75  ? 4  DG  A N7    1 
ATOM   72  C C5    . DG  A 1 4  ? 3.338   8.127   1.836   1.00 24.48  ? 4  DG  A C5    1 
ATOM   73  C C6    . DG  A 1 4  ? 1.951   8.078   2.102   1.00 24.35  ? 4  DG  A C6    1 
ATOM   74  O O6    . DG  A 1 4  ? 1.006   8.246   1.314   1.00 23.40  ? 4  DG  A O6    1 
ATOM   75  N N1    . DG  A 1 4  ? 1.703   7.824   3.447   1.00 22.56  ? 4  DG  A N1    1 
ATOM   76  C C2    . DG  A 1 4  ? 2.669   7.623   4.398   1.00 23.09  ? 4  DG  A C2    1 
ATOM   77  N N2    . DG  A 1 4  ? 2.229   7.402   5.642   1.00 24.45  ? 4  DG  A N2    1 
ATOM   78  N N3    . DG  A 1 4  ? 3.974   7.722   4.181   1.00 24.91  ? 4  DG  A N3    1 
ATOM   79  C C4    . DG  A 1 4  ? 4.234   7.938   2.870   1.00 26.23  ? 4  DG  A C4    1 
ATOM   80  P P     . DA  A 1 5  ? 9.896   5.762   4.363   1.00 38.85  ? 5  DA  A P     1 
ATOM   81  O OP1   . DA  A 1 5  ? 11.037  5.789   5.308   1.00 39.48  ? 5  DA  A OP1   1 
ATOM   82  O OP2   . DA  A 1 5  ? 9.992   5.016   3.089   1.00 38.92  ? 5  DA  A OP2   1 
ATOM   83  O "O5'" . DA  A 1 5  ? 8.603   5.203   5.124   1.00 36.48  ? 5  DA  A "O5'" 1 
ATOM   84  C "C5'" . DA  A 1 5  ? 8.076   5.928   6.227   1.00 34.77  ? 5  DA  A "C5'" 1 
ATOM   85  C "C4'" . DA  A 1 5  ? 6.923   5.179   6.870   1.00 32.22  ? 5  DA  A "C4'" 1 
ATOM   86  O "O4'" . DA  A 1 5  ? 5.742   5.326   6.044   1.00 31.68  ? 5  DA  A "O4'" 1 
ATOM   87  C "C3'" . DA  A 1 5  ? 7.127   3.682   7.055   1.00 33.27  ? 5  DA  A "C3'" 1 
ATOM   88  O "O3'" . DA  A 1 5  ? 6.613   3.319   8.343   1.00 34.34  ? 5  DA  A "O3'" 1 
ATOM   89  C "C2'" . DA  A 1 5  ? 6.372   3.075   5.870   1.00 30.54  ? 5  DA  A "C2'" 1 
ATOM   90  C "C1'" . DA  A 1 5  ? 5.230   4.065   5.658   1.00 27.33  ? 5  DA  A "C1'" 1 
ATOM   91  N N9    . DA  A 1 5  ? 4.737   4.234   4.285   1.00 25.29  ? 5  DA  A N9    1 
ATOM   92  C C8    . DA  A 1 5  ? 5.479   4.452   3.161   1.00 24.26  ? 5  DA  A C8    1 
ATOM   93  N N7    . DA  A 1 5  ? 4.767   4.656   2.079   1.00 24.89  ? 5  DA  A N7    1 
ATOM   94  C C5    . DA  A 1 5  ? 3.460   4.569   2.517   1.00 22.65  ? 5  DA  A C5    1 
ATOM   95  C C6    . DA  A 1 5  ? 2.213   4.699   1.859   1.00 24.13  ? 5  DA  A C6    1 
ATOM   96  N N6    . DA  A 1 5  ? 2.059   4.947   0.552   1.00 23.00  ? 5  DA  A N6    1 
ATOM   97  N N1    . DA  A 1 5  ? 1.103   4.555   2.607   1.00 22.60  ? 5  DA  A N1    1 
ATOM   98  C C2    . DA  A 1 5  ? 1.231   4.330   3.919   1.00 24.14  ? 5  DA  A C2    1 
ATOM   99  N N3    . DA  A 1 5  ? 2.336   4.180   4.641   1.00 24.10  ? 5  DA  A N3    1 
ATOM   100 C C4    . DA  A 1 5  ? 3.426   4.328   3.879   1.00 23.82  ? 5  DA  A C4    1 
ATOM   101 P P     . DA  A 1 6  ? 6.602   1.808   8.873   1.00 33.37  ? 6  DA  A P     1 
ATOM   102 O OP1   . DA  A 1 6  ? 6.711   1.864   10.350  1.00 36.07  ? 6  DA  A OP1   1 
ATOM   103 O OP2   . DA  A 1 6  ? 7.538   0.986   8.075   1.00 35.12  ? 6  DA  A OP2   1 
ATOM   104 O "O5'" . DA  A 1 6  ? 5.135   1.327   8.461   1.00 30.60  ? 6  DA  A "O5'" 1 
ATOM   105 C "C5'" . DA  A 1 6  ? 4.023   1.994   9.011   1.00 28.38  ? 6  DA  A "C5'" 1 
ATOM   106 C "C4'" . DA  A 1 6  ? 2.745   1.351   8.518   1.00 23.87  ? 6  DA  A "C4'" 1 
ATOM   107 O "O4'" . DA  A 1 6  ? 2.600   1.647   7.111   1.00 24.34  ? 6  DA  A "O4'" 1 
ATOM   108 C "C3'" . DA  A 1 6  ? 2.674   -0.166  8.637   1.00 24.98  ? 6  DA  A "C3'" 1 
ATOM   109 O "O3'" . DA  A 1 6  ? 1.543   -0.475  9.451   1.00 27.06  ? 6  DA  A "O3'" 1 
ATOM   110 C "C2'" . DA  A 1 6  ? 2.564   -0.666  7.190   1.00 25.44  ? 6  DA  A "C2'" 1 
ATOM   111 C "C1'" . DA  A 1 6  ? 2.045   0.548   6.436   1.00 23.23  ? 6  DA  A "C1'" 1 
ATOM   112 N N9    . DA  A 1 6  ? 2.461   0.698   5.045   1.00 21.36  ? 6  DA  A N9    1 
ATOM   113 C C8    . DA  A 1 6  ? 3.743   0.748   4.563   1.00 23.58  ? 6  DA  A C8    1 
ATOM   114 N N7    . DA  A 1 6  ? 3.817   0.971   3.271   1.00 21.04  ? 6  DA  A N7    1 
ATOM   115 C C5    . DA  A 1 6  ? 2.494   1.124   2.892   1.00 20.39  ? 6  DA  A C5    1 
ATOM   116 C C6    . DA  A 1 6  ? 1.898   1.375   1.647   1.00 19.19  ? 6  DA  A C6    1 
ATOM   117 N N6    . DA  A 1 6  ? 2.596   1.557   0.525   1.00 21.77  ? 6  DA  A N6    1 
ATOM   118 N N1    . DA  A 1 6  ? 0.548   1.449   1.604   1.00 19.70  ? 6  DA  A N1    1 
ATOM   119 C C2    . DA  A 1 6  ? -0.147  1.254   2.730   1.00 20.71  ? 6  DA  A C2    1 
ATOM   120 N N3    . DA  A 1 6  ? 0.304   1.041   3.970   1.00 21.17  ? 6  DA  A N3    1 
ATOM   121 C C4    . DA  A 1 6  ? 1.645   0.960   3.970   1.00 21.49  ? 6  DA  A C4    1 
ATOM   122 P P     . DT  A 1 7  ? 1.097   -1.981  9.768   1.00 27.51  ? 7  DT  A P     1 
ATOM   123 O OP1   . DT  A 1 7  ? 0.341   -1.946  11.041  1.00 30.14  ? 7  DT  A OP1   1 
ATOM   124 O OP2   . DT  A 1 7  ? 2.229   -2.918  9.575   1.00 29.60  ? 7  DT  A OP2   1 
ATOM   125 O "O5'" . DT  A 1 7  ? 0.098   -2.272  8.564   1.00 24.88  ? 7  DT  A "O5'" 1 
ATOM   126 C "C5'" . DT  A 1 7  ? -1.027  -1.441  8.414   1.00 25.03  ? 7  DT  A "C5'" 1 
ATOM   127 C "C4'" . DT  A 1 7  ? -1.718  -1.804  7.128   1.00 23.43  ? 7  DT  A "C4'" 1 
ATOM   128 O "O4'" . DT  A 1 7  ? -0.855  -1.508  6.003   1.00 21.44  ? 7  DT  A "O4'" 1 
ATOM   129 C "C3'" . DT  A 1 7  ? -2.063  -3.283  7.016   1.00 23.75  ? 7  DT  A "C3'" 1 
ATOM   130 O "O3'" . DT  A 1 7  ? -3.472  -3.380  7.096   1.00 27.45  ? 7  DT  A "O3'" 1 
ATOM   131 C "C2'" . DT  A 1 7  ? -1.454  -3.736  5.686   1.00 23.55  ? 7  DT  A "C2'" 1 
ATOM   132 C "C1'" . DT  A 1 7  ? -1.231  -2.408  4.977   1.00 21.76  ? 7  DT  A "C1'" 1 
ATOM   133 N N1    . DT  A 1 7  ? -0.152  -2.366  3.973   1.00 20.75  ? 7  DT  A N1    1 
ATOM   134 C C2    . DT  A 1 7  ? -0.455  -2.067  2.659   1.00 21.24  ? 7  DT  A C2    1 
ATOM   135 O O2    . DT  A 1 7  ? -1.583  -1.853  2.248   1.00 21.67  ? 7  DT  A O2    1 
ATOM   136 N N3    . DT  A 1 7  ? 0.631   -1.971  1.835   1.00 21.32  ? 7  DT  A N3    1 
ATOM   137 C C4    . DT  A 1 7  ? 1.944   -2.196  2.175   1.00 21.13  ? 7  DT  A C4    1 
ATOM   138 O O4    . DT  A 1 7  ? 2.830   -2.071  1.346   1.00 22.62  ? 7  DT  A O4    1 
ATOM   139 C C5    . DT  A 1 7  ? 2.190   -2.551  3.555   1.00 21.74  ? 7  DT  A C5    1 
ATOM   140 C C7    . DT  A 1 7  ? 3.581   -2.849  4.046   1.00 24.45  ? 7  DT  A C7    1 
ATOM   141 C C6    . DT  A 1 7  ? 1.141   -2.606  4.378   1.00 20.36  ? 7  DT  A C6    1 
ATOM   142 P P     . DT  A 1 8  ? -4.249  -4.768  7.013   1.00 28.64  ? 8  DT  A P     1 
ATOM   143 O OP1   . DT  A 1 8  ? -5.485  -4.594  7.809   1.00 34.19  ? 8  DT  A OP1   1 
ATOM   144 O OP2   . DT  A 1 8  ? -3.332  -5.890  7.327   1.00 29.95  ? 8  DT  A OP2   1 
ATOM   145 O "O5'" . DT  A 1 8  ? -4.572  -4.842  5.455   1.00 27.26  ? 8  DT  A "O5'" 1 
ATOM   146 C "C5'" . DT  A 1 8  ? -5.362  -3.833  4.865   1.00 25.56  ? 8  DT  A "C5'" 1 
ATOM   147 C "C4'" . DT  A 1 8  ? -5.433  -4.078  3.377   1.00 24.95  ? 8  DT  A "C4'" 1 
ATOM   148 O "O4'" . DT  A 1 8  ? -4.098  -3.954  2.829   1.00 24.17  ? 8  DT  A "O4'" 1 
ATOM   149 C "C3'" . DT  A 1 8  ? -5.932  -5.463  2.980   1.00 25.92  ? 8  DT  A "C3'" 1 
ATOM   150 O "O3'" . DT  A 1 8  ? -7.098  -5.304  2.176   1.00 27.16  ? 8  DT  A "O3'" 1 
ATOM   151 C "C2'" . DT  A 1 8  ? -4.749  -6.109  2.243   1.00 24.85  ? 8  DT  A "C2'" 1 
ATOM   152 C "C1'" . DT  A 1 8  ? -3.971  -4.889  1.776   1.00 23.27  ? 8  DT  A "C1'" 1 
ATOM   153 N N1    . DT  A 1 8  ? -2.522  -5.064  1.519   1.00 22.13  ? 8  DT  A N1    1 
ATOM   154 C C2    . DT  A 1 8  ? -2.000  -4.713  0.295   1.00 21.35  ? 8  DT  A C2    1 
ATOM   155 O O2    . DT  A 1 8  ? -2.683  -4.375  -0.656  1.00 23.72  ? 8  DT  A O2    1 
ATOM   156 N N3    . DT  A 1 8  ? -0.633  -4.814  0.203   1.00 20.88  ? 8  DT  A N3    1 
ATOM   157 C C4    . DT  A 1 8  ? 0.242   -5.239  1.189   1.00 22.13  ? 8  DT  A C4    1 
ATOM   158 O O4    . DT  A 1 8  ? 1.457   -5.264  1.010   1.00 21.99  ? 8  DT  A O4    1 
ATOM   159 C C5    . DT  A 1 8  ? -0.365  -5.562  2.454   1.00 21.45  ? 8  DT  A C5    1 
ATOM   160 C C7    . DT  A 1 8  ? 0.445   -6.236  3.520   1.00 22.66  ? 8  DT  A C7    1 
ATOM   161 C C6    . DT  A 1 8  ? -1.695  -5.446  2.561   1.00 22.32  ? 8  DT  A C6    1 
ATOM   162 P P     . DC  A 1 9  ? -7.791  -6.510  1.381   1.00 29.19  ? 9  DC  A P     1 
ATOM   163 O OP1   . DC  A 1 9  ? -9.233  -6.196  1.319   1.00 31.52  ? 9  DC  A OP1   1 
ATOM   164 O OP2   . DC  A 1 9  ? -7.319  -7.809  1.924   1.00 30.73  ? 9  DC  A OP2   1 
ATOM   165 O "O5'" . DC  A 1 9  ? -7.142  -6.374  -0.069  1.00 27.36  ? 9  DC  A "O5'" 1 
ATOM   166 C "C5'" . DC  A 1 9  ? -7.199  -5.129  -0.741  1.00 26.70  ? 9  DC  A "C5'" 1 
ATOM   167 C "C4'" . DC  A 1 9  ? -6.651  -5.291  -2.142  1.00 24.77  ? 9  DC  A "C4'" 1 
ATOM   168 O "O4'" . DC  A 1 9  ? -5.228  -5.560  -2.084  1.00 25.84  ? 9  DC  A "O4'" 1 
ATOM   169 C "C3'" . DC  A 1 9  ? -7.258  -6.441  -2.937  1.00 25.12  ? 9  DC  A "C3'" 1 
ATOM   170 O "O3'" . DC  A 1 9  ? -7.509  -5.947  -4.241  1.00 25.52  ? 9  DC  A "O3'" 1 
ATOM   171 C "C2'" . DC  A 1 9  ? -6.182  -7.527  -2.907  1.00 25.00  ? 9  DC  A "C2'" 1 
ATOM   172 C "C1'" . DC  A 1 9  ? -4.908  -6.699  -2.865  1.00 23.65  ? 9  DC  A "C1'" 1 
ATOM   173 N N1    . DC  A 1 9  ? -3.702  -7.285  -2.202  1.00 22.05  ? 9  DC  A N1    1 
ATOM   174 C C2    . DC  A 1 9  ? -2.461  -7.183  -2.838  1.00 22.33  ? 9  DC  A C2    1 
ATOM   175 O O2    . DC  A 1 9  ? -2.414  -6.798  -4.016  1.00 22.47  ? 9  DC  A O2    1 
ATOM   176 N N3    . DC  A 1 9  ? -1.351  -7.595  -2.169  1.00 19.74  ? 9  DC  A N3    1 
ATOM   177 C C4    . DC  A 1 9  ? -1.439  -7.999  -0.906  1.00 21.42  ? 9  DC  A C4    1 
ATOM   178 N N4    . DC  A 1 9  ? -0.309  -8.352  -0.294  1.00 20.69  ? 9  DC  A N4    1 
ATOM   179 C C5    . DC  A 1 9  ? -2.690  -8.084  -0.231  1.00 22.63  ? 9  DC  A C5    1 
ATOM   180 C C6    . DC  A 1 9  ? -3.779  -7.681  -0.897  1.00 21.50  ? 9  DC  A C6    1 
HETATM 181 P P     . 7GU A 1 10 ? -8.467  -6.699  -5.268  1.00 26.72  ? 10 7GU A P     1 
HETATM 182 O OP1   . 7GU A 1 10 ? -8.955  -5.635  -6.175  1.00 27.86  ? 10 7GU A OP1   1 
HETATM 183 O OP2   . 7GU A 1 10 ? -9.404  -7.558  -4.520  1.00 26.38  ? 10 7GU A OP2   1 
HETATM 184 O "O5'" . 7GU A 1 10 ? -7.468  -7.673  -6.040  1.00 24.21  ? 10 7GU A "O5'" 1 
HETATM 185 N N9    . 7GU A 1 10 ? -4.005  -10.320 -4.810  1.00 25.38  ? 10 7GU A N9    1 
HETATM 186 C C4    . 7GU A 1 10 ? -2.679  -10.386 -4.538  1.00 23.36  ? 10 7GU A C4    1 
HETATM 187 N N3    . 7GU A 1 10 ? -1.724  -10.119 -5.461  1.00 24.21  ? 10 7GU A N3    1 
HETATM 188 C C2    . 7GU A 1 10 ? -0.495  -10.272 -4.977  1.00 23.86  ? 10 7GU A C2    1 
HETATM 189 N N2    . 7GU A 1 10 ? 0.564   -10.088 -5.784  1.00 23.48  ? 10 7GU A N2    1 
HETATM 190 N N1    . 7GU A 1 10 ? -0.226  -10.664 -3.688  1.00 22.54  ? 10 7GU A N1    1 
HETATM 191 C C6    . 7GU A 1 10 ? -1.188  -10.913 -2.713  1.00 21.90  ? 10 7GU A C6    1 
HETATM 192 O O6    . 7GU A 1 10 ? -0.830  -11.240 -1.574  1.00 23.70  ? 10 7GU A O6    1 
HETATM 193 C C5    . 7GU A 1 10 ? -2.506  -10.786 -3.220  1.00 22.39  ? 10 7GU A C5    1 
HETATM 194 C C7    . 7GU A 1 10 ? -3.797  -10.942 -2.596  1.00 25.01  ? 10 7GU A C7    1 
HETATM 195 C C8    . 7GU A 1 10 ? -4.602  -10.663 -3.619  1.00 24.27  ? 10 7GU A C8    1 
HETATM 196 C "C2'" . 7GU A 1 10 ? -5.959  -10.440 -6.433  1.00 27.01  ? 10 7GU A "C2'" 1 
HETATM 197 C "C5'" . 7GU A 1 10 ? -6.518  -7.143  -6.929  1.00 25.89  ? 10 7GU A "C5'" 1 
HETATM 198 C "C4'" . 7GU A 1 10 ? -5.538  -8.238  -7.292  1.00 27.89  ? 10 7GU A "C4'" 1 
HETATM 199 O "O4'" . 7GU A 1 10 ? -4.728  -8.530  -6.129  1.00 27.16  ? 10 7GU A "O4'" 1 
HETATM 200 C "C1'" . 7GU A 1 10 ? -4.575  -9.929  -6.087  1.00 25.42  ? 10 7GU A "C1'" 1 
HETATM 201 C "C3'" . 7GU A 1 10 ? -6.160  -9.581  -7.676  1.00 27.04  ? 10 7GU A "C3'" 1 
HETATM 202 O "O3'" . 7GU A 1 10 ? -5.443  -10.132 -8.765  1.00 29.05  ? 10 7GU A "O3'" 1 
ATOM   203 P P     . DC  A 1 11 ? -5.967  -10.154 -10.325 1.00 32.48  ? 11 DC  A P     1 
ATOM   204 O OP1   . DC  A 1 11 ? -6.633  -8.864  -10.589 1.00 35.72  ? 11 DC  A OP1   1 
ATOM   205 O OP2   . DC  A 1 11 ? -6.674  -11.423 -10.609 1.00 36.90  ? 11 DC  A OP2   1 
ATOM   206 O "O5'" . DC  A 1 11 ? -4.583  -10.186 -11.124 1.00 31.22  ? 11 DC  A "O5'" 1 
ATOM   207 C "C5'" . DC  A 1 11 ? -3.763  -9.022  -11.176 1.00 31.36  ? 11 DC  A "C5'" 1 
ATOM   208 C "C4'" . DC  A 1 11 ? -2.339  -9.412  -11.544 1.00 32.80  ? 11 DC  A "C4'" 1 
ATOM   209 O "O4'" . DC  A 1 11 ? -1.654  -9.968  -10.392 1.00 31.97  ? 11 DC  A "O4'" 1 
ATOM   210 C "C3'" . DC  A 1 11 ? -2.240  -10.468 -12.629 1.00 32.67  ? 11 DC  A "C3'" 1 
ATOM   211 O "O3'" . DC  A 1 11 ? -1.144  -10.151 -13.486 1.00 37.18  ? 11 DC  A "O3'" 1 
ATOM   212 C "C2'" . DC  A 1 11 ? -2.081  -11.770 -11.839 1.00 31.09  ? 11 DC  A "C2'" 1 
ATOM   213 C "C1'" . DC  A 1 11 ? -1.318  -11.326 -10.601 1.00 29.29  ? 11 DC  A "C1'" 1 
ATOM   214 N N1    . DC  A 1 11 ? -1.626  -12.042 -9.325  1.00 26.99  ? 11 DC  A N1    1 
ATOM   215 C C2    . DC  A 1 11 ? -0.583  -12.329 -8.440  1.00 25.17  ? 11 DC  A C2    1 
ATOM   216 O O2    . DC  A 1 11 ? 0.584   -12.114 -8.791  1.00 26.70  ? 11 DC  A O2    1 
ATOM   217 N N3    . DC  A 1 11 ? -0.869  -12.899 -7.246  1.00 24.42  ? 11 DC  A N3    1 
ATOM   218 C C4    . DC  A 1 11 ? -2.136  -13.130 -6.890  1.00 26.89  ? 11 DC  A C4    1 
ATOM   219 N N4    . DC  A 1 11 ? -2.360  -13.653 -5.681  1.00 27.36  ? 11 DC  A N4    1 
ATOM   220 C C5    . DC  A 1 11 ? -3.218  -12.817 -7.763  1.00 25.79  ? 11 DC  A C5    1 
ATOM   221 C C6    . DC  A 1 11 ? -2.919  -12.261 -8.943  1.00 28.63  ? 11 DC  A C6    1 
ATOM   222 P P     . DG  A 1 12 ? -0.972  -10.819 -14.932 1.00 39.98  ? 12 DG  A P     1 
ATOM   223 O OP1   . DG  A 1 12 ? -0.055  -9.944  -15.699 1.00 41.02  ? 12 DG  A OP1   1 
ATOM   224 O OP2   . DG  A 1 12 ? -2.303  -11.161 -15.481 1.00 39.75  ? 12 DG  A OP2   1 
ATOM   225 O "O5'" . DG  A 1 12 ? -0.234  -12.196 -14.605 1.00 39.09  ? 12 DG  A "O5'" 1 
ATOM   226 C "C5'" . DG  A 1 12 ? 1.138   -12.192 -14.247 1.00 35.86  ? 12 DG  A "C5'" 1 
ATOM   227 C "C4'" . DG  A 1 12 ? 1.523   -13.528 -13.648 1.00 30.84  ? 12 DG  A "C4'" 1 
ATOM   228 O "O4'" . DG  A 1 12 ? 0.879   -13.660 -12.356 1.00 27.55  ? 12 DG  A "O4'" 1 
ATOM   229 C "C3'" . DG  A 1 12 ? 1.065   -14.758 -14.427 1.00 31.08  ? 12 DG  A "C3'" 1 
ATOM   230 O "O3'" . DG  A 1 12 ? 2.057   -15.204 -15.345 1.00 34.42  ? 12 DG  A "O3'" 1 
ATOM   231 C "C2'" . DG  A 1 12 ? 0.805   -15.802 -13.349 1.00 29.81  ? 12 DG  A "C2'" 1 
ATOM   232 C "C1'" . DG  A 1 12 ? 0.948   -15.034 -12.037 1.00 27.02  ? 12 DG  A "C1'" 1 
ATOM   233 N N9    . DG  A 1 12 ? -0.109  -15.351 -11.091 1.00 24.91  ? 12 DG  A N9    1 
ATOM   234 C C8    . DG  A 1 12 ? -1.464  -15.379 -11.319 1.00 28.11  ? 12 DG  A C8    1 
ATOM   235 N N7    . DG  A 1 12 ? -2.157  -15.715 -10.263 1.00 28.08  ? 12 DG  A N7    1 
ATOM   236 C C5    . DG  A 1 12 ? -1.197  -15.917 -9.280  1.00 23.78  ? 12 DG  A C5    1 
ATOM   237 C C6    . DG  A 1 12 ? -1.336  -16.312 -7.927  1.00 26.48  ? 12 DG  A C6    1 
ATOM   238 O O6    . DG  A 1 12 ? -2.378  -16.573 -7.304  1.00 27.50  ? 12 DG  A O6    1 
ATOM   239 N N1    . DG  A 1 12 ? -0.107  -16.409 -7.290  1.00 26.07  ? 12 DG  A N1    1 
ATOM   240 C C2    . DG  A 1 12 ? 1.113   -16.156 -7.874  1.00 26.35  ? 12 DG  A C2    1 
ATOM   241 N N2    . DG  A 1 12 ? 2.194   -16.325 -7.098  1.00 25.11  ? 12 DG  A N2    1 
ATOM   242 N N3    . DG  A 1 12 ? 1.259   -15.809 -9.149  1.00 23.26  ? 12 DG  A N3    1 
ATOM   243 C C4    . DG  A 1 12 ? 0.068   -15.695 -9.776  1.00 23.88  ? 12 DG  A C4    1 
ATOM   244 O "O5'" . DC  B 1 1  ? 1.483   -17.254 1.711   1.00 49.81  ? 1  DC  B "O5'" 1 
ATOM   245 C "C5'" . DC  B 1 1  ? 1.110   -17.956 0.529   1.00 46.84  ? 1  DC  B "C5'" 1 
ATOM   246 C "C4'" . DC  B 1 1  ? 2.165   -18.970 0.117   1.00 46.15  ? 1  DC  B "C4'" 1 
ATOM   247 O "O4'" . DC  B 1 1  ? 1.649   -19.764 -0.976  1.00 45.67  ? 1  DC  B "O4'" 1 
ATOM   248 C "C3'" . DC  B 1 1  ? 3.460   -18.407 -0.451  1.00 43.75  ? 1  DC  B "C3'" 1 
ATOM   249 O "O3'" . DC  B 1 1  ? 4.507   -19.360 -0.374  1.00 43.94  ? 1  DC  B "O3'" 1 
ATOM   250 C "C2'" . DC  B 1 1  ? 3.087   -18.125 -1.901  1.00 44.37  ? 1  DC  B "C2'" 1 
ATOM   251 C "C1'" . DC  B 1 1  ? 1.973   -19.123 -2.195  1.00 44.21  ? 1  DC  B "C1'" 1 
ATOM   252 N N1    . DC  B 1 1  ? 0.752   -18.481 -2.758  1.00 41.68  ? 1  DC  B N1    1 
ATOM   253 C C2    . DC  B 1 1  ? 0.852   -17.766 -3.957  1.00 39.90  ? 1  DC  B C2    1 
ATOM   254 O O2    . DC  B 1 1  ? 1.957   -17.652 -4.499  1.00 38.03  ? 1  DC  B O2    1 
ATOM   255 N N3    . DC  B 1 1  ? -0.264  -17.215 -4.483  1.00 39.62  ? 1  DC  B N3    1 
ATOM   256 C C4    . DC  B 1 1  ? -1.437  -17.337 -3.862  1.00 42.53  ? 1  DC  B C4    1 
ATOM   257 N N4    . DC  B 1 1  ? -2.505  -16.755 -4.415  1.00 42.90  ? 1  DC  B N4    1 
ATOM   258 C C5    . DC  B 1 1  ? -1.561  -18.064 -2.641  1.00 43.15  ? 1  DC  B C5    1 
ATOM   259 C C6    . DC  B 1 1  ? -0.456  -18.624 -2.139  1.00 43.54  ? 1  DC  B C6    1 
ATOM   260 P P     . DG  B 1 2  ? 5.966   -18.938 0.125   1.00 43.57  ? 2  DG  B P     1 
ATOM   261 O OP1   . DG  B 1 2  ? 6.904   -20.017 -0.260  1.00 44.31  ? 2  DG  B OP1   1 
ATOM   262 O OP2   . DG  B 1 2  ? 5.858   -18.495 1.533   1.00 43.62  ? 2  DG  B OP2   1 
ATOM   263 O "O5'" . DG  B 1 2  ? 6.316   -17.648 -0.746  1.00 39.60  ? 2  DG  B "O5'" 1 
ATOM   264 C "C5'" . DG  B 1 2  ? 6.982   -17.821 -1.988  1.00 35.13  ? 2  DG  B "C5'" 1 
ATOM   265 C "C4'" . DG  B 1 2  ? 7.075   -16.509 -2.737  1.00 30.69  ? 2  DG  B "C4'" 1 
ATOM   266 O "O4'" . DG  B 1 2  ? 5.775   -16.143 -3.253  1.00 28.01  ? 2  DG  B "O4'" 1 
ATOM   267 C "C3'" . DG  B 1 2  ? 7.557   -15.325 -1.908  1.00 29.42  ? 2  DG  B "C3'" 1 
ATOM   268 O "O3'" . DG  B 1 2  ? 8.658   -14.747 -2.568  1.00 30.84  ? 2  DG  B "O3'" 1 
ATOM   269 C "C2'" . DG  B 1 2  ? 6.368   -14.377 -1.813  1.00 28.18  ? 2  DG  B "C2'" 1 
ATOM   270 C "C1'" . DG  B 1 2  ? 5.548   -14.766 -3.032  1.00 26.03  ? 2  DG  B "C1'" 1 
ATOM   271 N N9    . DG  B 1 2  ? 4.113   -14.607 -2.880  1.00 24.80  ? 2  DG  B N9    1 
ATOM   272 C C8    . DG  B 1 2  ? 3.344   -14.870 -1.774  1.00 24.55  ? 2  DG  B C8    1 
ATOM   273 N N7    . DG  B 1 2  ? 2.078   -14.657 -1.966  1.00 23.86  ? 2  DG  B N7    1 
ATOM   274 C C5    . DG  B 1 2  ? 2.002   -14.268 -3.296  1.00 22.88  ? 2  DG  B C5    1 
ATOM   275 C C6    . DG  B 1 2  ? 0.890   -13.909 -4.078  1.00 22.68  ? 2  DG  B C6    1 
ATOM   276 O O6    . DG  B 1 2  ? -0.306  -13.905 -3.749  1.00 25.94  ? 2  DG  B O6    1 
ATOM   277 N N1    . DG  B 1 2  ? 1.264   -13.578 -5.380  1.00 22.49  ? 2  DG  B N1    1 
ATOM   278 C C2    . DG  B 1 2  ? 2.544   -13.536 -5.855  1.00 22.48  ? 2  DG  B C2    1 
ATOM   279 N N2    . DG  B 1 2  ? 2.694   -13.183 -7.142  1.00 23.92  ? 2  DG  B N2    1 
ATOM   280 N N3    . DG  B 1 2  ? 3.599   -13.917 -5.148  1.00 22.99  ? 2  DG  B N3    1 
ATOM   281 C C4    . DG  B 1 2  ? 3.248   -14.234 -3.876  1.00 24.30  ? 2  DG  B C4    1 
ATOM   282 P P     . DC  B 1 3  ? 9.402   -13.458 -1.987  1.00 30.50  ? 3  DC  B P     1 
ATOM   283 O OP1   . DC  B 1 3  ? 10.841  -13.659 -2.224  1.00 36.18  ? 3  DC  B OP1   1 
ATOM   284 O OP2   . DC  B 1 3  ? 8.891   -13.134 -0.637  1.00 35.61  ? 3  DC  B OP2   1 
ATOM   285 O "O5'" . DC  B 1 3  ? 8.874   -12.293 -2.947  1.00 28.83  ? 3  DC  B "O5'" 1 
ATOM   286 C "C5'" . DC  B 1 3  ? 8.983   -12.440 -4.352  1.00 27.55  ? 3  DC  B "C5'" 1 
ATOM   287 C "C4'" . DC  B 1 3  ? 7.943   -11.577 -5.021  1.00 24.58  ? 3  DC  B "C4'" 1 
ATOM   288 O "O4'" . DC  B 1 3  ? 6.648   -11.981 -4.545  1.00 23.81  ? 3  DC  B "O4'" 1 
ATOM   289 C "C3'" . DC  B 1 3  ? 8.038   -10.103 -4.683  1.00 25.72  ? 3  DC  B "C3'" 1 
ATOM   290 O "O3'" . DC  B 1 3  ? 8.866   -9.479  -5.630  1.00 24.29  ? 3  DC  B "O3'" 1 
ATOM   291 C "C2'" . DC  B 1 3  ? 6.600   -9.617  -4.778  1.00 27.69  ? 3  DC  B "C2'" 1 
ATOM   292 C "C1'" . DC  B 1 3  ? 5.772   -10.890 -4.732  1.00 24.24  ? 3  DC  B "C1'" 1 
ATOM   293 N N1    . DC  B 1 3  ? 4.784   -10.935 -3.627  1.00 22.62  ? 3  DC  B N1    1 
ATOM   294 C C2    . DC  B 1 3  ? 3.448   -10.713 -3.930  1.00 20.22  ? 3  DC  B C2    1 
ATOM   295 O O2    . DC  B 1 3  ? 3.132   -10.462 -5.091  1.00 23.11  ? 3  DC  B O2    1 
ATOM   296 N N3    . DC  B 1 3  ? 2.536   -10.803 -2.945  1.00 21.07  ? 3  DC  B N3    1 
ATOM   297 C C4    . DC  B 1 3  ? 2.908   -11.069 -1.700  1.00 21.08  ? 3  DC  B C4    1 
ATOM   298 N N4    . DC  B 1 3  ? 1.935   -11.142 -0.784  1.00 24.07  ? 3  DC  B N4    1 
ATOM   299 C C5    . DC  B 1 3  ? 4.275   -11.265 -1.354  1.00 22.40  ? 3  DC  B C5    1 
ATOM   300 C C6    . DC  B 1 3  ? 5.173   -11.176 -2.341  1.00 22.54  ? 3  DC  B C6    1 
ATOM   301 P P     . DG  B 1 4  ? 9.260   -7.946  -5.512  1.00 26.06  ? 4  DG  B P     1 
ATOM   302 O OP1   . DG  B 1 4  ? 10.523  -7.819  -6.259  1.00 28.89  ? 4  DG  B OP1   1 
ATOM   303 O OP2   . DG  B 1 4  ? 9.142   -7.521  -4.099  1.00 26.64  ? 4  DG  B OP2   1 
ATOM   304 O "O5'" . DG  B 1 4  ? 8.112   -7.178  -6.307  1.00 24.70  ? 4  DG  B "O5'" 1 
ATOM   305 C "C5'" . DG  B 1 4  ? 7.905   -7.485  -7.672  1.00 24.82  ? 4  DG  B "C5'" 1 
ATOM   306 C "C4'" . DG  B 1 4  ? 6.652   -6.801  -8.172  1.00 24.42  ? 4  DG  B "C4'" 1 
ATOM   307 O "O4'" . DG  B 1 4  ? 5.525   -7.233  -7.372  1.00 23.60  ? 4  DG  B "O4'" 1 
ATOM   308 C "C3'" . DG  B 1 4  ? 6.651   -5.283  -8.108  1.00 25.49  ? 4  DG  B "C3'" 1 
ATOM   309 O "O3'" . DG  B 1 4  ? 5.936   -4.813  -9.256  1.00 28.68  ? 4  DG  B "O3'" 1 
ATOM   310 C "C2'" . DG  B 1 4  ? 5.982   -5.017  -6.766  1.00 23.15  ? 4  DG  B "C2'" 1 
ATOM   311 C "C1'" . DG  B 1 4  ? 4.953   -6.136  -6.692  1.00 21.41  ? 4  DG  B "C1'" 1 
ATOM   312 N N9    . DG  B 1 4  ? 4.586   -6.540  -5.339  1.00 22.24  ? 4  DG  B N9    1 
ATOM   313 C C8    . DG  B 1 4  ? 5.400   -6.693  -4.246  1.00 21.58  ? 4  DG  B C8    1 
ATOM   314 N N7    . DG  B 1 4  ? 4.769   -7.057  -3.160  1.00 21.70  ? 4  DG  B N7    1 
ATOM   315 C C5    . DG  B 1 4  ? 3.444   -7.124  -3.556  1.00 20.04  ? 4  DG  B C5    1 
ATOM   316 C C6    . DG  B 1 4  ? 2.268   -7.424  -2.825  1.00 21.95  ? 4  DG  B C6    1 
ATOM   317 O O6    . DG  B 1 4  ? 2.140   -7.745  -1.634  1.00 20.06  ? 4  DG  B O6    1 
ATOM   318 N N1    . DG  B 1 4  ? 1.139   -7.354  -3.631  1.00 20.18  ? 4  DG  B N1    1 
ATOM   319 C C2    . DG  B 1 4  ? 1.123   -7.030  -4.963  1.00 20.86  ? 4  DG  B C2    1 
ATOM   320 N N2    . DG  B 1 4  ? -0.080  -6.995  -5.563  1.00 21.33  ? 4  DG  B N2    1 
ATOM   321 N N3    . DG  B 1 4  ? 2.209   -6.755  -5.663  1.00 21.91  ? 4  DG  B N3    1 
ATOM   322 C C4    . DG  B 1 4  ? 3.320   -6.796  -4.894  1.00 21.50  ? 4  DG  B C4    1 
ATOM   323 P P     . DA  B 1 5  ? 5.357   -3.329  -9.389  1.00 30.68  ? 5  DA  B P     1 
ATOM   324 O OP1   . DA  B 1 5  ? 5.390   -2.977  -10.821 1.00 31.81  ? 5  DA  B OP1   1 
ATOM   325 O OP2   . DA  B 1 5  ? 6.034   -2.448  -8.412  1.00 30.17  ? 5  DA  B OP2   1 
ATOM   326 O "O5'" . DA  B 1 5  ? 3.840   -3.528  -8.940  1.00 28.70  ? 5  DA  B "O5'" 1 
ATOM   327 C "C5'" . DA  B 1 5  ? 3.013   -4.402  -9.687  1.00 26.35  ? 5  DA  B "C5'" 1 
ATOM   328 C "C4'" . DA  B 1 5  ? 1.551   -4.136  -9.378  1.00 25.67  ? 5  DA  B "C4'" 1 
ATOM   329 O "O4'" . DA  B 1 5  ? 1.268   -4.431  -7.987  1.00 24.48  ? 5  DA  B "O4'" 1 
ATOM   330 C "C3'" . DA  B 1 5  ? 1.094   -2.704  -9.582  1.00 25.66  ? 5  DA  B "C3'" 1 
ATOM   331 O "O3'" . DA  B 1 5  ? -0.241  -2.746  -10.092 1.00 25.70  ? 5  DA  B "O3'" 1 
ATOM   332 C "C2'" . DA  B 1 5  ? 1.213   -2.087  -8.186  1.00 25.44  ? 5  DA  B "C2'" 1 
ATOM   333 C "C1'" . DA  B 1 5  ? 0.883   -3.259  -7.276  1.00 23.01  ? 5  DA  B "C1'" 1 
ATOM   334 N N9    . DA  B 1 5  ? 1.579   -3.327  -5.990  1.00 22.03  ? 5  DA  B N9    1 
ATOM   335 C C8    . DA  B 1 5  ? 2.926   -3.260  -5.774  1.00 20.75  ? 5  DA  B C8    1 
ATOM   336 N N7    . DA  B 1 5  ? 3.272   -3.477  -4.523  1.00 22.83  ? 5  DA  B N7    1 
ATOM   337 C C5    . DA  B 1 5  ? 2.078   -3.757  -3.889  1.00 20.66  ? 5  DA  B C5    1 
ATOM   338 C C6    . DA  B 1 5  ? 1.765   -4.099  -2.557  1.00 20.82  ? 5  DA  B C6    1 
ATOM   339 N N6    . DA  B 1 5  ? 2.699   -4.246  -1.603  1.00 21.61  ? 5  DA  B N6    1 
ATOM   340 N N1    . DA  B 1 5  ? 0.463   -4.314  -2.263  1.00 20.83  ? 5  DA  B N1    1 
ATOM   341 C C2    . DA  B 1 5  ? -0.456  -4.173  -3.229  1.00 22.91  ? 5  DA  B C2    1 
ATOM   342 N N3    . DA  B 1 5  ? -0.276  -3.877  -4.518  1.00 22.63  ? 5  DA  B N3    1 
ATOM   343 C C4    . DA  B 1 5  ? 1.023   -3.683  -4.787  1.00 21.38  ? 5  DA  B C4    1 
ATOM   344 P P     . DA  B 1 6  ? -1.026  -1.413  -10.487 1.00 28.12  ? 6  DA  B P     1 
ATOM   345 O OP1   . DA  B 1 6  ? -1.994  -1.781  -11.542 1.00 29.95  ? 6  DA  B OP1   1 
ATOM   346 O OP2   . DA  B 1 6  ? -0.025  -0.342  -10.695 1.00 30.35  ? 6  DA  B OP2   1 
ATOM   347 O "O5'" . DA  B 1 6  ? -1.790  -1.065  -9.133  1.00 25.55  ? 6  DA  B "O5'" 1 
ATOM   348 C "C5'" . DA  B 1 6  ? -2.675  -2.013  -8.603  1.00 25.09  ? 6  DA  B "C5'" 1 
ATOM   349 C "C4'" . DA  B 1 6  ? -3.239  -1.507  -7.301  1.00 25.67  ? 6  DA  B "C4'" 1 
ATOM   350 O "O4'" . DA  B 1 6  ? -2.289  -1.708  -6.239  1.00 25.00  ? 6  DA  B "O4'" 1 
ATOM   351 C "C3'" . DA  B 1 6  ? -3.593  -0.028  -7.277  1.00 25.58  ? 6  DA  B "C3'" 1 
ATOM   352 O "O3'" . DA  B 1 6  ? -4.997  0.010   -7.161  1.00 28.57  ? 6  DA  B "O3'" 1 
ATOM   353 C "C2'" . DA  B 1 6  ? -2.837  0.554   -6.078  1.00 24.36  ? 6  DA  B "C2'" 1 
ATOM   354 C "C1'" . DA  B 1 6  ? -2.438  -0.673  -5.281  1.00 23.38  ? 6  DA  B "C1'" 1 
ATOM   355 N N9    . DA  B 1 6  ? -1.168  -0.559  -4.576  1.00 22.54  ? 6  DA  B N9    1 
ATOM   356 C C8    . DA  B 1 6  ? 0.041   -0.203  -5.108  1.00 23.03  ? 6  DA  B C8    1 
ATOM   357 N N7    . DA  B 1 6  ? 1.037   -0.275  -4.257  1.00 23.79  ? 6  DA  B N7    1 
ATOM   358 C C5    . DA  B 1 6  ? 0.428   -0.715  -3.084  1.00 22.55  ? 6  DA  B C5    1 
ATOM   359 C C6    . DA  B 1 6  ? 0.928   -0.965  -1.792  1.00 20.58  ? 6  DA  B C6    1 
ATOM   360 N N6    . DA  B 1 6  ? 2.227   -0.889  -1.493  1.00 21.83  ? 6  DA  B N6    1 
ATOM   361 N N1    . DA  B 1 6  ? 0.057   -1.389  -0.845  1.00 20.23  ? 6  DA  B N1    1 
ATOM   362 C C2    . DA  B 1 6  ? -1.232  -1.537  -1.165  1.00 22.09  ? 6  DA  B C2    1 
ATOM   363 N N3    . DA  B 1 6  ? -1.823  -1.307  -2.341  1.00 21.81  ? 6  DA  B N3    1 
ATOM   364 C C4    . DA  B 1 6  ? -0.931  -0.883  -3.258  1.00 23.06  ? 6  DA  B C4    1 
ATOM   365 P P     . DT  B 1 7  ? -5.833  1.335   -6.886  1.00 28.80  ? 7  DT  B P     1 
ATOM   366 O OP1   . DT  B 1 7  ? -7.196  1.083   -7.388  1.00 30.91  ? 7  DT  B OP1   1 
ATOM   367 O OP2   . DT  B 1 7  ? -5.070  2.523   -7.342  1.00 30.36  ? 7  DT  B OP2   1 
ATOM   368 O "O5'" . DT  B 1 7  ? -5.867  1.380   -5.289  1.00 27.15  ? 7  DT  B "O5'" 1 
ATOM   369 C "C5'" . DT  B 1 7  ? -6.420  0.293   -4.572  1.00 28.43  ? 7  DT  B "C5'" 1 
ATOM   370 C "C4'" . DT  B 1 7  ? -6.210  0.477   -3.085  1.00 27.66  ? 7  DT  B "C4'" 1 
ATOM   371 O "O4'" . DT  B 1 7  ? -4.792  0.537   -2.799  1.00 26.27  ? 7  DT  B "O4'" 1 
ATOM   372 C "C3'" . DT  B 1 7  ? -6.817  1.750   -2.505  1.00 28.62  ? 7  DT  B "C3'" 1 
ATOM   373 O "O3'" . DT  B 1 7  ? -7.787  1.357   -1.551  1.00 31.32  ? 7  DT  B "O3'" 1 
ATOM   374 C "C2'" . DT  B 1 7  ? -5.624  2.508   -1.916  1.00 27.52  ? 7  DT  B "C2'" 1 
ATOM   375 C "C1'" . DT  B 1 7  ? -4.602  1.402   -1.698  1.00 25.64  ? 7  DT  B "C1'" 1 
ATOM   376 N N1    . DT  B 1 7  ? -3.163  1.792   -1.706  1.00 21.78  ? 7  DT  B N1    1 
ATOM   377 C C2    . DT  B 1 7  ? -2.386  1.549   -0.587  1.00 23.52  ? 7  DT  B C2    1 
ATOM   378 O O2    . DT  B 1 7  ? -2.819  1.109   0.457   1.00 23.62  ? 7  DT  B O2    1 
ATOM   379 N N3    . DT  B 1 7  ? -1.061  1.859   -0.718  1.00 21.80  ? 7  DT  B N3    1 
ATOM   380 C C4    . DT  B 1 7  ? -0.420  2.377   -1.822  1.00 24.04  ? 7  DT  B C4    1 
ATOM   381 O O4    . DT  B 1 7  ? 0.794   2.600   -1.792  1.00 23.11  ? 7  DT  B O4    1 
ATOM   382 C C5    . DT  B 1 7  ? -1.281  2.615   -2.961  1.00 23.53  ? 7  DT  B C5    1 
ATOM   383 C C7    . DT  B 1 7  ? -0.733  3.165   -4.248  1.00 24.59  ? 7  DT  B C7    1 
ATOM   384 C C6    . DT  B 1 7  ? -2.591  2.327   -2.842  1.00 23.64  ? 7  DT  B C6    1 
ATOM   385 P P     . DT  B 1 8  ? -8.679  2.409   -0.757  1.00 35.46  ? 8  DT  B P     1 
ATOM   386 O OP1   . DT  B 1 8  ? -9.929  1.715   -0.385  1.00 38.88  ? 8  DT  B OP1   1 
ATOM   387 O OP2   . DT  B 1 8  ? -8.711  3.694   -1.492  1.00 35.24  ? 8  DT  B OP2   1 
ATOM   388 O "O5'" . DT  B 1 8  ? -7.825  2.656   0.566   1.00 31.61  ? 8  DT  B "O5'" 1 
ATOM   389 C "C5'" . DT  B 1 8  ? -7.565  1.554   1.404   1.00 30.43  ? 8  DT  B "C5'" 1 
ATOM   390 C "C4'" . DT  B 1 8  ? -6.670  1.998   2.535   1.00 26.58  ? 8  DT  B "C4'" 1 
ATOM   391 O "O4'" . DT  B 1 8  ? -5.379  2.356   2.000   1.00 25.61  ? 8  DT  B "O4'" 1 
ATOM   392 C "C3'" . DT  B 1 8  ? -7.151  3.225   3.297   1.00 27.37  ? 8  DT  B "C3'" 1 
ATOM   393 O "O3'" . DT  B 1 8  ? -7.301  2.829   4.637   1.00 31.15  ? 8  DT  B "O3'" 1 
ATOM   394 C "C2'" . DT  B 1 8  ? -6.057  4.277   3.106   1.00 26.63  ? 8  DT  B "C2'" 1 
ATOM   395 C "C1'" . DT  B 1 8  ? -4.857  3.403   2.793   1.00 24.75  ? 8  DT  B "C1'" 1 
ATOM   396 N N1    . DT  B 1 8  ? -3.772  4.035   2.009   1.00 22.44  ? 8  DT  B N1    1 
ATOM   397 C C2    . DT  B 1 8  ? -2.476  3.963   2.466   1.00 23.02  ? 8  DT  B C2    1 
ATOM   398 O O2    . DT  B 1 8  ? -2.172  3.504   3.547   1.00 22.37  ? 8  DT  B O2    1 
ATOM   399 N N3    . DT  B 1 8  ? -1.534  4.463   1.609   1.00 21.57  ? 8  DT  B N3    1 
ATOM   400 C C4    . DT  B 1 8  ? -1.757  5.032   0.375   1.00 22.44  ? 8  DT  B C4    1 
ATOM   401 O O4    . DT  B 1 8  ? -0.818  5.404   -0.322  1.00 23.35  ? 8  DT  B O4    1 
ATOM   402 C C5    . DT  B 1 8  ? -3.134  5.049   -0.060  1.00 23.02  ? 8  DT  B C5    1 
ATOM   403 C C7    . DT  B 1 8  ? -3.521  5.592   -1.402  1.00 24.47  ? 8  DT  B C7    1 
ATOM   404 C C6    . DT  B 1 8  ? -4.061  4.540   0.759   1.00 23.48  ? 8  DT  B C6    1 
ATOM   405 P P     . DC  B 1 9  ? -7.731  3.823   5.806   1.00 29.20  ? 9  DC  B P     1 
ATOM   406 O OP1   . DC  B 1 9  ? -8.546  3.006   6.728   1.00 35.15  ? 9  DC  B OP1   1 
ATOM   407 O OP2   . DC  B 1 9  ? -8.272  5.085   5.254   1.00 32.78  ? 9  DC  B OP2   1 
ATOM   408 O "O5'" . DC  B 1 9  ? -6.328  4.168   6.492   1.00 27.69  ? 9  DC  B "O5'" 1 
ATOM   409 C "C5'" . DC  B 1 9  ? -5.478  3.113   6.893   1.00 25.98  ? 9  DC  B "C5'" 1 
ATOM   410 C "C4'" . DC  B 1 9  ? -4.183  3.655   7.463   1.00 25.13  ? 9  DC  B "C4'" 1 
ATOM   411 O "O4'" . DC  B 1 9  ? -3.409  4.274   6.404   1.00 25.32  ? 9  DC  B "O4'" 1 
ATOM   412 C "C3'" . DC  B 1 9  ? -4.326  4.720   8.546   1.00 24.97  ? 9  DC  B "C3'" 1 
ATOM   413 O "O3'" . DC  B 1 9  ? -3.435  4.378   9.597   1.00 27.19  ? 9  DC  B "O3'" 1 
ATOM   414 C "C2'" . DC  B 1 9  ? -3.932  6.017   7.841   1.00 25.78  ? 9  DC  B "C2'" 1 
ATOM   415 C "C1'" . DC  B 1 9  ? -2.880  5.502   6.875   1.00 25.52  ? 9  DC  B "C1'" 1 
ATOM   416 N N1    . DC  B 1 9  ? -2.623  6.274   5.646   1.00 23.58  ? 9  DC  B N1    1 
ATOM   417 C C2    . DC  B 1 9  ? -1.314  6.623   5.294   1.00 22.62  ? 9  DC  B C2    1 
ATOM   418 O O2    . DC  B 1 9  ? -0.391  6.391   6.078   1.00 24.12  ? 9  DC  B O2    1 
ATOM   419 N N3    . DC  B 1 9  ? -1.099  7.189   4.082   1.00 23.20  ? 9  DC  B N3    1 
ATOM   420 C C4    . DC  B 1 9  ? -2.124  7.416   3.254   1.00 23.05  ? 9  DC  B C4    1 
ATOM   421 N N4    . DC  B 1 9  ? -1.853  7.971   2.070   1.00 23.90  ? 9  DC  B N4    1 
ATOM   422 C C5    . DC  B 1 9  ? -3.470  7.089   3.603   1.00 24.88  ? 9  DC  B C5    1 
ATOM   423 C C6    . DC  B 1 9  ? -3.663  6.501   4.789   1.00 25.04  ? 9  DC  B C6    1 
HETATM 424 P P     . 7GU B 1 10 ? -3.631  4.909   11.089  1.00 28.42  ? 10 7GU B P     1 
HETATM 425 O OP1   . 7GU B 1 10 ? -3.008  3.936   12.014  1.00 31.54  ? 10 7GU B OP1   1 
HETATM 426 O OP2   . 7GU B 1 10 ? -5.021  5.384   11.263  1.00 28.91  ? 10 7GU B OP2   1 
HETATM 427 O "O5'" . 7GU B 1 10 ? -2.729  6.220   10.989  1.00 29.54  ? 10 7GU B "O5'" 1 
HETATM 428 N N9    . 7GU B 1 10 ? -1.909  9.460   8.120   1.00 23.53  ? 10 7GU B N9    1 
HETATM 429 C C4    . 7GU B 1 10 ? -1.185  9.877   7.050   1.00 23.90  ? 10 7GU B C4    1 
HETATM 430 N N3    . 7GU B 1 10 ? 0.161   10.052  7.086   1.00 23.83  ? 10 7GU B N3    1 
HETATM 431 C C2    . 7GU B 1 10 ? 0.652   10.456  5.922   1.00 23.67  ? 10 7GU B C2    1 
HETATM 432 N N2    . 7GU B 1 10 ? 1.973   10.692  5.810   1.00 22.61  ? 10 7GU B N2    1 
HETATM 433 N N1    . 7GU B 1 10 ? -0.118  10.663  4.803   1.00 23.17  ? 10 7GU B N1    1 
HETATM 434 C C6    . 7GU B 1 10 ? -1.499  10.476  4.737   1.00 24.44  ? 10 7GU B C6    1 
HETATM 435 O O6    . 7GU B 1 10 ? -2.111  10.706  3.688   1.00 24.68  ? 10 7GU B O6    1 
HETATM 436 C C5    . 7GU B 1 10 ? -2.037  10.062  5.979   1.00 24.09  ? 10 7GU B C5    1 
HETATM 437 C C7    . 7GU B 1 10 ? -3.395  9.771   6.382   1.00 24.39  ? 10 7GU B C7    1 
HETATM 438 C C8    . 7GU B 1 10 ? -3.206  9.435   7.657   1.00 24.50  ? 10 7GU B C8    1 
HETATM 439 C "C2'" . 7GU B 1 10 ? -2.309  9.270   10.612  1.00 26.09  ? 10 7GU B "C2'" 1 
HETATM 440 C "C5'" . 7GU B 1 10 ? -1.336  6.132   11.160  1.00 28.49  ? 10 7GU B "C5'" 1 
HETATM 441 C "C4'" . 7GU B 1 10 ? -0.744  7.486   10.871  1.00 28.16  ? 10 7GU B "C4'" 1 
HETATM 442 O "O4'" . 7GU B 1 10 ? -0.964  7.799   9.478   1.00 27.21  ? 10 7GU B "O4'" 1 
HETATM 443 C "C1'" . 7GU B 1 10 ? -1.365  9.152   9.428   1.00 25.10  ? 10 7GU B "C1'" 1 
HETATM 444 C "C3'" . 7GU B 1 10 ? -1.377  8.643   11.635  1.00 28.56  ? 10 7GU B "C3'" 1 
HETATM 445 O "O3'" . 7GU B 1 10 ? -0.366  9.562   12.003  1.00 31.46  ? 10 7GU B "O3'" 1 
ATOM   446 P P     . DC  B 1 11 ? -0.095  10.032  13.518  1.00 37.21  ? 11 DC  B P     1 
ATOM   447 O OP1   . DC  B 1 11 ? 0.320   8.912   14.391  1.00 38.92  ? 11 DC  B OP1   1 
ATOM   448 O OP2   . DC  B 1 11 ? -1.313  10.818  13.832  1.00 38.73  ? 11 DC  B OP2   1 
ATOM   449 O "O5'" . DC  B 1 11 ? 1.136   11.036  13.329  1.00 36.64  ? 11 DC  B "O5'" 1 
ATOM   450 C "C5'" . DC  B 1 11 ? 2.416   10.520  12.990  1.00 34.20  ? 11 DC  B "C5'" 1 
ATOM   451 C "C4'" . DC  B 1 11 ? 3.221   11.549  12.214  1.00 34.58  ? 11 DC  B "C4'" 1 
ATOM   452 O "O4'" . DC  B 1 11 ? 2.729   11.598  10.851  1.00 32.96  ? 11 DC  B "O4'" 1 
ATOM   453 C "C3'" . DC  B 1 11 ? 3.147   12.962  12.782  1.00 34.17  ? 11 DC  B "C3'" 1 
ATOM   454 O "O3'" . DC  B 1 11 ? 4.462   13.471  13.036  1.00 35.14  ? 11 DC  B "O3'" 1 
ATOM   455 C "C2'" . DC  B 1 11 ? 2.379   13.758  11.725  1.00 31.61  ? 11 DC  B "C2'" 1 
ATOM   456 C "C1'" . DC  B 1 11 ? 2.521   12.936  10.446  1.00 29.70  ? 11 DC  B "C1'" 1 
ATOM   457 N N1    . DC  B 1 11 ? 1.313   13.009  9.542   1.00 28.14  ? 11 DC  B N1    1 
ATOM   458 C C2    . DC  B 1 11 ? 1.442   13.362  8.184   1.00 25.05  ? 11 DC  B C2    1 
ATOM   459 O O2    . DC  B 1 11 ? 2.556   13.614  7.716   1.00 29.33  ? 11 DC  B O2    1 
ATOM   460 N N3    . DC  B 1 11 ? 0.325   13.481  7.421   1.00 26.48  ? 11 DC  B N3    1 
ATOM   461 C C4    . DC  B 1 11 ? -0.871  13.221  7.942   1.00 27.72  ? 11 DC  B C4    1 
ATOM   462 N N4    . DC  B 1 11 ? -1.940  13.336  7.151   1.00 28.29  ? 11 DC  B N4    1 
ATOM   463 C C5    . DC  B 1 11 ? -1.025  12.864  9.315   1.00 25.55  ? 11 DC  B C5    1 
ATOM   464 C C6    . DC  B 1 11 ? 0.078   12.757  10.060  1.00 27.95  ? 11 DC  B C6    1 
ATOM   465 P P     . DG  B 1 12 ? 4.675   14.872  13.784  1.00 34.36  ? 12 DG  B P     1 
ATOM   466 O OP1   . DG  B 1 12 ? 6.044   14.870  14.347  1.00 38.72  ? 12 DG  B OP1   1 
ATOM   467 O OP2   . DG  B 1 12 ? 3.499   15.156  14.641  1.00 34.60  ? 12 DG  B OP2   1 
ATOM   468 O "O5'" . DG  B 1 12 ? 4.613   15.922  12.570  1.00 29.70  ? 12 DG  B "O5'" 1 
ATOM   469 C "C5'" . DG  B 1 12 ? 5.635   15.854  11.596  1.00 25.46  ? 12 DG  B "C5'" 1 
ATOM   470 C "C4'" . DG  B 1 12 ? 5.269   16.621  10.342  1.00 23.59  ? 12 DG  B "C4'" 1 
ATOM   471 O "O4'" . DG  B 1 12 ? 4.142   16.003  9.686   1.00 21.54  ? 12 DG  B "O4'" 1 
ATOM   472 C "C3'" . DG  B 1 12 ? 4.821   18.058  10.518  1.00 23.26  ? 12 DG  B "C3'" 1 
ATOM   473 O "O3'" . DG  B 1 12 ? 5.917   18.919  10.790  1.00 21.44  ? 12 DG  B "O3'" 1 
ATOM   474 C "C2'" . DG  B 1 12 ? 4.177   18.317  9.161   1.00 22.22  ? 12 DG  B "C2'" 1 
ATOM   475 C "C1'" . DG  B 1 12 ? 3.609   16.954  8.782   1.00 21.51  ? 12 DG  B "C1'" 1 
ATOM   476 N N9    . DG  B 1 12 ? 2.148   16.876  8.814   1.00 21.42  ? 12 DG  B N9    1 
ATOM   477 C C8    . DG  B 1 12 ? 1.328   16.603  9.876   1.00 21.86  ? 12 DG  B C8    1 
ATOM   478 N N7    . DG  B 1 12 ? 0.061   16.593  9.566   1.00 22.98  ? 12 DG  B N7    1 
ATOM   479 C C5    . DG  B 1 12 ? 0.044   16.869  8.205   1.00 20.33  ? 12 DG  B C5    1 
ATOM   480 C C6    . DG  B 1 12 ? -1.035  16.977  7.295   1.00 22.52  ? 12 DG  B C6    1 
ATOM   481 O O6    . DG  B 1 12 ? -2.244  16.863  7.527   1.00 24.42  ? 12 DG  B O6    1 
ATOM   482 N N1    . DG  B 1 12 ? -0.593  17.278  6.013   1.00 21.04  ? 12 DG  B N1    1 
ATOM   483 C C2    . DG  B 1 12 ? 0.718   17.424  5.636   1.00 20.50  ? 12 DG  B C2    1 
ATOM   484 N N2    . DG  B 1 12 ? 0.941   17.748  4.359   1.00 19.94  ? 12 DG  B N2    1 
ATOM   485 N N3    . DG  B 1 12 ? 1.735   17.352  6.488   1.00 20.27  ? 12 DG  B N3    1 
ATOM   486 C C4    . DG  B 1 12 ? 1.322   17.040  7.731   1.00 20.73  ? 12 DG  B C4    1 
HETATM 487 O O     . HOH C 2 .  ? 0.147   8.695   -1.438  1.00 39.23  ? 13 HOH A O     1 
HETATM 488 O O     . HOH C 2 .  ? 1.629   14.735  -6.150  1.00 56.75  ? 14 HOH A O     1 
HETATM 489 O O     . HOH C 2 .  ? 5.421   -2.233  0.974   1.00 38.70  ? 15 HOH A O     1 
HETATM 490 O O     . HOH C 2 .  ? 5.390   1.530   -0.424  1.00 38.86  ? 16 HOH A O     1 
HETATM 491 O O     . HOH C 2 .  ? 6.568   1.188   2.480   0.50 35.32  ? 17 HOH A O     1 
HETATM 492 O O     . HOH C 2 .  ? -4.095  -0.758  2.178   1.00 25.93  ? 18 HOH A O     1 
HETATM 493 O O     . HOH C 2 .  ? -5.905  -1.760  0.172   1.00 30.34  ? 19 HOH A O     1 
HETATM 494 O O     . HOH C 2 .  ? -4.393  -2.614  -2.020  1.00 26.33  ? 20 HOH A O     1 
HETATM 495 O O     . HOH C 2 .  ? -7.333  -3.110  -5.952  1.00 38.47  ? 21 HOH A O     1 
HETATM 496 O O     . HOH C 2 .  ? 3.732   -6.040  2.140   1.00 31.81  ? 22 HOH A O     1 
HETATM 497 O O     . HOH C 2 .  ? -0.598  -9.470  2.431   1.00 28.16  ? 23 HOH A O     1 
HETATM 498 O O     . HOH C 2 .  ? -1.901  -11.488 0.848   1.00 31.77  ? 24 HOH A O     1 
HETATM 499 O O     . HOH C 2 .  ? -5.272  -14.195 -4.977  1.00 40.83  ? 25 HOH A O     1 
HETATM 500 O O     . HOH C 2 .  ? -8.621  -10.183 -4.070  1.00 38.15  ? 26 HOH A O     1 
HETATM 501 O O     . HOH C 2 .  ? -2.891  -4.673  -5.667  1.00 26.22  ? 27 HOH A O     1 
HETATM 502 O O     . HOH C 2 .  ? -1.720  -8.713  -7.863  1.00 34.41  ? 28 HOH A O     1 
HETATM 503 O O     . HOH C 2 .  ? -8.529  -2.040  -0.297  1.00 50.20  ? 29 HOH A O     1 
HETATM 504 O O     . HOH C 2 .  ? -7.971  -6.091  6.358   1.00 72.05  ? 30 HOH A O     1 
HETATM 505 O O     . HOH C 2 .  ? -9.180  -2.236  -3.235  1.00 48.32  ? 31 HOH A O     1 
HETATM 506 O O     . HOH C 2 .  ? -2.197  -7.019  5.751   1.00 49.32  ? 32 HOH A O     1 
HETATM 507 O O     . HOH C 2 .  ? 3.747   -6.365  5.179   1.00 41.90  ? 33 HOH A O     1 
HETATM 508 O O     . HOH C 2 .  ? -2.891  -8.499  3.988   0.50 30.04  ? 34 HOH A O     1 
HETATM 509 O O     . HOH C 2 .  ? -9.902  -6.114  -8.658  1.00 39.83  ? 35 HOH A O     1 
HETATM 510 O O     . HOH C 2 .  ? -4.722  -11.625 1.125   1.00 38.41  ? 36 HOH A O     1 
HETATM 511 O O     . HOH C 2 .  ? 5.967   4.755   -0.404  1.00 47.20  ? 37 HOH A O     1 
HETATM 512 O O     . HOH C 2 .  ? -2.102  10.734  -1.581  1.00 52.46  ? 38 HOH A O     1 
HETATM 513 O O     . HOH C 2 .  ? 2.857   8.903   -2.010  1.00 47.43  ? 39 HOH A O     1 
HETATM 514 O O     . HOH C 2 .  ? 5.579   -3.233  7.409   1.00 39.21  ? 40 HOH A O     1 
HETATM 515 O O     . HOH C 2 .  ? -6.491  -14.123 -8.535  1.00 44.53  ? 41 HOH A O     1 
HETATM 516 O O     . HOH C 2 .  ? -6.746  -6.634  -10.458 1.00 47.16  ? 42 HOH A O     1 
HETATM 517 O O     . HOH C 2 .  ? 0.303   -7.325  -15.689 1.00 46.20  ? 43 HOH A O     1 
HETATM 518 O O     . HOH C 2 .  ? 0.253   -7.823  -18.322 1.00 48.28  ? 44 HOH A O     1 
HETATM 519 O O     . HOH C 2 .  ? -3.572  -8.701  -16.260 1.00 53.05  ? 45 HOH A O     1 
HETATM 520 O O     . HOH C 2 .  ? -10.347 -9.094  -12.104 1.00 63.46  ? 46 HOH A O     1 
HETATM 521 O O     . HOH C 2 .  ? -9.592  -11.950 -10.815 1.00 71.12  ? 47 HOH A O     1 
HETATM 522 O O     . HOH C 2 .  ? -4.839  -4.993  -10.047 1.00 42.75  ? 48 HOH A O     1 
HETATM 523 O O     . HOH C 2 .  ? -12.966 -1.630  -2.068  1.00 57.10  ? 49 HOH A O     1 
HETATM 524 O O     . HOH C 2 .  ? -11.539 -3.761  -2.763  1.00 53.21  ? 50 HOH A O     1 
HETATM 525 O O     . HOH C 2 .  ? -4.675  13.401  4.170   1.00 55.15  ? 51 HOH A O     1 
HETATM 526 O O     . HOH C 2 .  ? -3.506  13.217  1.862   1.00 47.98  ? 52 HOH A O     1 
HETATM 527 O O     . HOH C 2 .  ? -6.386  -9.714  0.126   1.00 39.11  ? 53 HOH A O     1 
HETATM 528 O O     . HOH C 2 .  ? -7.829  -10.247 5.580   1.00 104.80 ? 54 HOH A O     1 
HETATM 529 O O     . HOH C 2 .  ? -5.206  -9.035  3.722   0.50 37.55  ? 55 HOH A O     1 
HETATM 530 O O     . HOH C 2 .  ? 9.798   9.674   -4.890  0.50 50.41  ? 56 HOH A O     1 
HETATM 531 O O     . HOH C 2 .  ? 7.383   7.191   -1.644  1.00 51.46  ? 57 HOH A O     1 
HETATM 532 O O     . HOH C 2 .  ? 8.671   12.925  -4.281  1.00 60.38  ? 58 HOH A O     1 
HETATM 533 O O     . HOH C 2 .  ? 10.473  13.410  -1.240  1.00 45.07  ? 59 HOH A O     1 
HETATM 534 O O     . HOH C 2 .  ? -8.827  17.448  5.281   1.00 46.01  ? 60 HOH A O     1 
HETATM 535 O O     . HOH C 2 .  ? 6.005   -0.846  6.379   1.00 39.08  ? 61 HOH A O     1 
HETATM 536 O O     . HOH C 2 .  ? 0.383   -6.784  7.043   1.00 46.34  ? 62 HOH A O     1 
HETATM 537 O O     . HOH C 2 .  ? 1.980   -4.954  6.750   1.00 33.49  ? 63 HOH A O     1 
HETATM 538 O O     . HOH C 2 .  ? -10.090 -3.724  1.509   1.00 48.20  ? 64 HOH A O     1 
HETATM 539 O O     . HOH C 2 .  ? -13.909 -5.949  1.386   1.00 58.81  ? 65 HOH A O     1 
HETATM 540 O O     . HOH C 2 .  ? -3.101  -5.754  -8.094  1.00 36.60  ? 66 HOH A O     1 
HETATM 541 O O     . HOH C 2 .  ? -1.363  -6.232  -11.787 1.00 44.79  ? 67 HOH A O     1 
HETATM 542 O O     . HOH C 2 .  ? 4.935   -2.918  9.928   1.00 60.83  ? 68 HOH A O     1 
HETATM 543 O O     . HOH C 2 .  ? -11.084 -7.280  -0.963  1.00 70.44  ? 69 HOH A O     1 
HETATM 544 O O     . HOH C 2 .  ? -8.643  -10.064 1.340   1.00 75.48  ? 70 HOH A O     1 
HETATM 545 O O     . HOH D 2 .  ? 0.971   4.435   7.299   1.00 31.06  ? 13 HOH B O     1 
HETATM 546 O O     . HOH D 2 .  ? 2.126   9.539   8.862   1.00 38.03  ? 14 HOH B O     1 
HETATM 547 O O     . HOH D 2 .  ? -4.557  10.478  2.692   1.00 39.85  ? 15 HOH B O     1 
HETATM 548 O O     . HOH D 2 .  ? -6.617  2.623   10.571  0.50 30.48  ? 16 HOH B O     1 
HETATM 549 O O     . HOH D 2 .  ? -4.132  8.733   0.354   1.00 32.02  ? 17 HOH B O     1 
HETATM 550 O O     . HOH D 2 .  ? 2.613   3.488   -3.422  1.00 41.71  ? 18 HOH B O     1 
HETATM 551 O O     . HOH D 2 .  ? 4.592   -0.032  -2.749  1.00 42.85  ? 19 HOH B O     1 
HETATM 552 O O     . HOH D 2 .  ? -1.925  1.628   5.597   1.00 25.49  ? 20 HOH B O     1 
HETATM 553 O O     . HOH D 2 .  ? -0.797  2.226   8.047   1.00 29.67  ? 21 HOH B O     1 
HETATM 554 O O     . HOH D 2 .  ? -4.158  0.017   5.038   1.00 30.33  ? 22 HOH B O     1 
HETATM 555 O O     . HOH D 2 .  ? -5.038  -3.084  -4.734  1.00 27.04  ? 23 HOH B O     1 
HETATM 556 O O     . HOH D 2 .  ? 3.649   -8.138  0.631   1.00 32.70  ? 24 HOH B O     1 
HETATM 557 O O     . HOH D 2 .  ? 0.218   -14.742 0.030   1.00 51.70  ? 25 HOH B O     1 
HETATM 558 O O     . HOH D 2 .  ? 7.905   -10.012 -0.443  1.00 47.96  ? 26 HOH B O     1 
HETATM 559 O O     . HOH D 2 .  ? 8.331   -3.476  -4.731  1.00 56.55  ? 27 HOH B O     1 
HETATM 560 O O     . HOH D 2 .  ? 8.286   18.266  12.089  1.00 36.95  ? 28 HOH B O     1 
HETATM 561 O O     . HOH D 2 .  ? 4.262   -0.174  -7.461  1.00 42.78  ? 29 HOH B O     1 
HETATM 562 O O     . HOH D 2 .  ? -6.299  5.697   -4.069  1.00 40.58  ? 30 HOH B O     1 
HETATM 563 O O     . HOH D 2 .  ? -2.105  6.688   -4.774  1.00 42.35  ? 31 HOH B O     1 
HETATM 564 O O     . HOH D 2 .  ? 0.066   1.679   -7.973  1.00 41.19  ? 32 HOH B O     1 
HETATM 565 O O     . HOH D 2 .  ? 5.750   -3.030  -3.521  1.00 44.79  ? 33 HOH B O     1 
HETATM 566 O O     . HOH D 2 .  ? -6.345  -0.569  6.640   1.00 47.53  ? 34 HOH B O     1 
HETATM 567 O O     . HOH D 2 .  ? 2.354   -9.875  2.676   1.00 45.46  ? 35 HOH B O     1 
HETATM 568 O O     . HOH D 2 .  ? -9.708  6.155   2.937   1.00 51.67  ? 36 HOH B O     1 
HETATM 569 O O     . HOH D 2 .  ? -6.632  7.483   5.851   1.00 40.55  ? 37 HOH B O     1 
HETATM 570 O O     . HOH D 2 .  ? -5.512  7.876   10.407  1.00 48.32  ? 38 HOH B O     1 
HETATM 571 O O     . HOH D 2 .  ? -1.594  5.790   14.918  1.00 69.24  ? 39 HOH B O     1 
HETATM 572 O O     . HOH D 2 .  ? 2.076   7.115   13.786  1.00 48.67  ? 40 HOH B O     1 
HETATM 573 O O     . HOH D 2 .  ? -2.710  12.598  12.689  1.00 52.01  ? 41 HOH B O     1 
HETATM 574 O O     . HOH D 2 .  ? -4.865  -19.004 -3.595  1.00 59.81  ? 42 HOH B O     1 
HETATM 575 O O     . HOH D 2 .  ? 12.621  -11.032 -5.710  1.00 59.59  ? 43 HOH B O     1 
HETATM 576 O O     . HOH D 2 .  ? 10.818  -8.494  -1.811  1.00 60.60  ? 44 HOH B O     1 
HETATM 577 O O     . HOH D 2 .  ? -2.157  3.288   -8.171  1.00 40.78  ? 45 HOH B O     1 
HETATM 578 O O     . HOH D 2 .  ? -4.288  4.385   -4.911  1.00 38.46  ? 46 HOH B O     1 
HETATM 579 O O     . HOH D 2 .  ? -6.790  8.327   8.360   1.00 52.76  ? 47 HOH B O     1 
HETATM 580 O O     . HOH D 2 .  ? -4.292  -0.199  -11.839 1.00 44.91  ? 48 HOH B O     1 
HETATM 581 O O     . HOH D 2 .  ? -9.000  4.382   -6.171  1.00 110.21 ? 49 HOH B O     1 
HETATM 582 O O     . HOH D 2 .  ? -4.542  13.039  8.177   1.00 44.07  ? 50 HOH B O     1 
HETATM 583 O O     . HOH D 2 .  ? -0.388  6.605   -2.652  1.00 40.53  ? 51 HOH B O     1 
HETATM 584 O O     . HOH D 2 .  ? -7.039  6.466   0.307   1.00 49.37  ? 52 HOH B O     1 
HETATM 585 O O     . HOH D 2 .  ? -1.486  16.112  11.665  1.00 42.54  ? 53 HOH B O     1 
HETATM 586 O O     . HOH D 2 .  ? 6.131   -7.149  -0.835  1.00 42.98  ? 54 HOH B O     1 
HETATM 587 O O     . HOH D 2 .  ? 0.659   -17.184 4.255   1.00 69.49  ? 55 HOH B O     1 
HETATM 588 O O     . HOH D 2 .  ? 10.112  -4.676  -9.482  1.00 57.23  ? 56 HOH B O     1 
HETATM 589 O O     . HOH D 2 .  ? -6.649  9.240   3.837   1.00 43.59  ? 57 HOH B O     1 
HETATM 590 O O     . HOH D 2 .  ? -11.812 3.880   0.380   1.00 65.48  ? 58 HOH B O     1 
HETATM 591 O O     . HOH D 2 .  ? 0.914   4.611   13.968  1.00 51.53  ? 59 HOH B O     1 
HETATM 592 O O     . HOH D 2 .  ? -6.232  15.574  8.812   0.50 53.37  ? 60 HOH B O     1 
HETATM 593 O O     . HOH D 2 .  ? -1.030  2.008   10.616  1.00 45.82  ? 61 HOH B O     1 
HETATM 594 O O     . HOH D 2 .  ? -1.879  -14.460 -1.168  1.00 53.09  ? 62 HOH B O     1 
HETATM 595 O O     . HOH D 2 .  ? 2.538   0.373   -10.741 1.00 50.69  ? 63 HOH B O     1 
HETATM 596 O O     . HOH D 2 .  ? 8.741   -3.467  -11.557 1.00 64.31  ? 64 HOH B O     1 
# 
loop_
_atom_site_anisotrop.id 
_atom_site_anisotrop.type_symbol 
_atom_site_anisotrop.pdbx_label_atom_id 
_atom_site_anisotrop.pdbx_label_alt_id 
_atom_site_anisotrop.pdbx_label_comp_id 
_atom_site_anisotrop.pdbx_label_asym_id 
_atom_site_anisotrop.pdbx_label_seq_id 
_atom_site_anisotrop.pdbx_PDB_ins_code 
_atom_site_anisotrop.U[1][1] 
_atom_site_anisotrop.U[2][2] 
_atom_site_anisotrop.U[3][3] 
_atom_site_anisotrop.U[1][2] 
_atom_site_anisotrop.U[1][3] 
_atom_site_anisotrop.U[2][3] 
_atom_site_anisotrop.pdbx_auth_seq_id 
_atom_site_anisotrop.pdbx_auth_comp_id 
_atom_site_anisotrop.pdbx_auth_asym_id 
_atom_site_anisotrop.pdbx_auth_atom_id 
1   O "O5'" . DC  A 1  ? 0.4321 0.5168 0.4744 -0.0263 0.0157  0.0067  1  DC  A "O5'" 
2   C "C5'" . DC  A 1  ? 0.4046 0.4702 0.4100 -0.0212 -0.0080 -0.0035 1  DC  A "C5'" 
3   C "C4'" . DC  A 1  ? 0.3850 0.4361 0.4045 -0.0122 0.0004  -0.0109 1  DC  A "C4'" 
4   O "O4'" . DC  A 1  ? 0.3564 0.4296 0.3892 -0.0259 -0.0112 -0.0247 1  DC  A "O4'" 
5   C "C3'" . DC  A 1  ? 0.3812 0.4536 0.4004 -0.0092 -0.0053 -0.0225 1  DC  A "C3'" 
6   O "O3'" . DC  A 1  ? 0.3600 0.4915 0.3992 -0.0085 -0.0102 -0.0579 1  DC  A "O3'" 
7   C "C2'" . DC  A 1  ? 0.3788 0.4263 0.3959 -0.0107 -0.0106 -0.0289 1  DC  A "C2'" 
8   C "C1'" . DC  A 1  ? 0.3435 0.4337 0.3795 -0.0172 -0.0264 -0.0231 1  DC  A "C1'" 
9   N N1    . DC  A 1  ? 0.3175 0.4582 0.3664 -0.0091 -0.0458 -0.0275 1  DC  A N1    
10  C C2    . DC  A 1  ? 0.2450 0.4047 0.3041 -0.0222 -0.0684 -0.0664 1  DC  A C2    
11  O O2    . DC  A 1  ? 0.2552 0.4136 0.2972 -0.0056 -0.0788 -0.0584 1  DC  A O2    
12  N N3    . DC  A 1  ? 0.2442 0.4135 0.3343 -0.0299 -0.0821 -0.0494 1  DC  A N3    
13  C C4    . DC  A 1  ? 0.3164 0.4806 0.3345 -0.0410 -0.0581 -0.0153 1  DC  A C4    
14  N N4    . DC  A 1  ? 0.3489 0.4936 0.3797 -0.0353 -0.0578 -0.0250 1  DC  A N4    
15  C C5    . DC  A 1  ? 0.3611 0.4686 0.3825 -0.0257 -0.0533 -0.0089 1  DC  A C5    
16  C C6    . DC  A 1  ? 0.3419 0.4679 0.3662 -0.0267 -0.0334 -0.0235 1  DC  A C6    
17  P P     . DG  A 2  ? 0.3303 0.5332 0.4002 0.0078  0.0100  -0.0581 2  DG  A P     
18  O OP1   . DG  A 2  ? 0.3928 0.5551 0.3946 -0.0120 0.0082  -0.0016 2  DG  A OP1   
19  O OP2   . DG  A 2  ? 0.3719 0.5488 0.4419 -0.0182 0.0083  -0.0385 2  DG  A OP2   
20  O "O5'" . DG  A 2  ? 0.3895 0.5394 0.4011 -0.0119 0.0207  -0.0491 2  DG  A "O5'" 
21  C "C5'" . DG  A 2  ? 0.4023 0.4420 0.3750 -0.0192 0.0120  -0.0263 2  DG  A "C5'" 
22  C "C4'" . DG  A 2  ? 0.3632 0.4275 0.3570 -0.0159 0.0188  -0.0143 2  DG  A "C4'" 
23  O "O4'" . DG  A 2  ? 0.3620 0.3967 0.3600 -0.0280 0.0175  -0.0251 2  DG  A "O4'" 
24  C "C3'" . DG  A 2  ? 0.3868 0.4314 0.3800 -0.0179 -0.0065 -0.0128 2  DG  A "C3'" 
25  O "O3'" . DG  A 2  ? 0.3758 0.5048 0.3937 -0.0141 0.0114  -0.0035 2  DG  A "O3'" 
26  C "C2'" . DG  A 2  ? 0.3686 0.3986 0.4115 -0.0007 0.0113  -0.0031 2  DG  A "C2'" 
27  C "C1'" . DG  A 2  ? 0.3626 0.3729 0.3419 -0.0073 -0.0052 -0.0190 2  DG  A "C1'" 
28  N N9    . DG  A 2  ? 0.3025 0.3527 0.3558 -0.0073 -0.0041 0.0025  2  DG  A N9    
29  C C8    . DG  A 2  ? 0.3137 0.3466 0.3364 -0.0108 -0.0089 -0.0083 2  DG  A C8    
30  N N7    . DG  A 2  ? 0.2912 0.3404 0.3040 -0.0059 -0.0134 -0.0295 2  DG  A N7    
31  C C5    . DG  A 2  ? 0.3210 0.2866 0.3450 0.0159  0.0123  -0.0350 2  DG  A C5    
32  C C6    . DG  A 2  ? 0.3284 0.2446 0.3005 0.0009  -0.0050 -0.0391 2  DG  A C6    
33  O O6    . DG  A 2  ? 0.3450 0.2955 0.3179 -0.0024 0.0151  -0.0327 2  DG  A O6    
34  N N1    . DG  A 2  ? 0.3258 0.2757 0.2934 0.0023  0.0166  -0.0355 2  DG  A N1    
35  C C2    . DG  A 2  ? 0.3213 0.2890 0.3102 0.0097  0.0006  -0.0581 2  DG  A C2    
36  N N2    . DG  A 2  ? 0.2999 0.3060 0.3065 0.0231  -0.0001 -0.0413 2  DG  A N2    
37  N N3    . DG  A 2  ? 0.2910 0.2741 0.3079 0.0070  0.0023  -0.0132 2  DG  A N3    
38  C C4    . DG  A 2  ? 0.2742 0.2871 0.3007 0.0041  0.0019  -0.0474 2  DG  A C4    
39  P P     . DC  A 3  ? 0.4132 0.5705 0.4234 -0.0107 -0.0118 -0.0469 3  DC  A P     
40  O OP1   . DC  A 3  ? 0.4323 0.6180 0.4489 -0.0380 -0.0084 0.0149  3  DC  A OP1   
41  O OP2   . DC  A 3  ? 0.4546 0.6273 0.4767 -0.0094 -0.0032 -0.0459 3  DC  A OP2   
42  O "O5'" . DC  A 3  ? 0.3313 0.4454 0.3690 -0.0020 0.0454  0.0061  3  DC  A "O5'" 
43  C "C5'" . DC  A 3  ? 0.3351 0.4089 0.3402 -0.0051 0.0192  0.0016  3  DC  A "C5'" 
44  C "C4'" . DC  A 3  ? 0.3222 0.3625 0.3326 -0.0153 0.0155  0.0006  3  DC  A "C4'" 
45  O "O4'" . DC  A 3  ? 0.3519 0.3006 0.2725 -0.0009 0.0214  -0.0480 3  DC  A "O4'" 
46  C "C3'" . DC  A 3  ? 0.3462 0.3590 0.3195 -0.0101 0.0370  -0.0101 3  DC  A "C3'" 
47  O "O3'" . DC  A 3  ? 0.3528 0.4215 0.3785 -0.0047 0.0381  0.0198  3  DC  A "O3'" 
48  C "C2'" . DC  A 3  ? 0.3485 0.3215 0.3611 -0.0022 0.0076  0.0041  3  DC  A "C2'" 
49  C "C1'" . DC  A 3  ? 0.3424 0.3186 0.3138 -0.0083 0.0180  -0.0073 3  DC  A "C1'" 
50  N N1    . DC  A 3  ? 0.3624 0.3167 0.3343 -0.0212 0.0121  0.0007  3  DC  A N1    
51  C C2    . DC  A 3  ? 0.3567 0.2497 0.3245 -0.0078 0.0315  -0.0432 3  DC  A C2    
52  O O2    . DC  A 3  ? 0.3546 0.3094 0.3095 -0.0290 0.0374  -0.0204 3  DC  A O2    
53  N N3    . DC  A 3  ? 0.3375 0.2375 0.3544 -0.0151 0.0228  -0.0519 3  DC  A N3    
54  C C4    . DC  A 3  ? 0.3585 0.3094 0.3070 -0.0149 0.0334  -0.0063 3  DC  A C4    
55  N N4    . DC  A 3  ? 0.3526 0.3253 0.3532 -0.0060 0.0275  -0.0240 3  DC  A N4    
56  C C5    . DC  A 3  ? 0.3553 0.3348 0.3208 -0.0300 0.0326  -0.0304 3  DC  A C5    
57  C C6    . DC  A 3  ? 0.3720 0.3506 0.3291 -0.0217 0.0223  -0.0160 3  DC  A C6    
58  P P     . DG  A 4  ? 0.3650 0.4666 0.4202 -0.0166 0.0340  -0.0123 4  DG  A P     
59  O OP1   . DG  A 4  ? 0.3226 0.5434 0.4057 -0.0253 0.0514  0.0528  4  DG  A OP1   
60  O OP2   . DG  A 4  ? 0.3759 0.5451 0.3629 0.0131  0.0603  -0.0363 4  DG  A OP2   
61  O "O5'" . DG  A 4  ? 0.3641 0.4395 0.3849 -0.0140 0.0325  0.0062  4  DG  A "O5'" 
62  C "C5'" . DG  A 4  ? 0.3834 0.4059 0.3984 -0.0028 0.0182  -0.0023 4  DG  A "C5'" 
63  C "C4'" . DG  A 4  ? 0.3843 0.3911 0.3964 -0.0014 0.0152  0.0047  4  DG  A "C4'" 
64  O "O4'" . DG  A 4  ? 0.3909 0.3527 0.3796 -0.0180 0.0197  -0.0206 4  DG  A "O4'" 
65  C "C3'" . DG  A 4  ? 0.4025 0.4278 0.4042 -0.0037 0.0186  0.0017  4  DG  A "C3'" 
66  O "O3'" . DG  A 4  ? 0.4180 0.4677 0.4244 0.0036  0.0423  0.0230  4  DG  A "O3'" 
67  C "C2'" . DG  A 4  ? 0.3835 0.3746 0.3978 -0.0116 0.0323  -0.0136 4  DG  A "C2'" 
68  C "C1'" . DG  A 4  ? 0.3552 0.3023 0.3591 -0.0076 0.0217  -0.0183 4  DG  A "C1'" 
69  N N9    . DG  A 4  ? 0.3351 0.2829 0.3462 -0.0187 0.0216  -0.0279 4  DG  A N9    
70  C C8    . DG  A 4  ? 0.3407 0.3128 0.3331 -0.0016 0.0186  -0.0244 4  DG  A C8    
71  N N7    . DG  A 4  ? 0.3732 0.3031 0.3399 -0.0270 0.0296  -0.0438 4  DG  A N7    
72  C C5    . DG  A 4  ? 0.3446 0.2585 0.3271 -0.0094 0.0296  -0.0180 4  DG  A C5    
73  C C6    . DG  A 4  ? 0.3457 0.2432 0.3362 -0.0099 0.0109  -0.0297 4  DG  A C6    
74  O O6    . DG  A 4  ? 0.3112 0.2691 0.3086 -0.0239 0.0371  -0.0440 4  DG  A O6    
75  N N1    . DG  A 4  ? 0.3191 0.2213 0.3167 -0.0130 0.0238  -0.0375 4  DG  A N1    
76  C C2    . DG  A 4  ? 0.3094 0.2488 0.3190 -0.0069 0.0188  -0.0358 4  DG  A C2    
77  N N2    . DG  A 4  ? 0.3248 0.2730 0.3311 -0.0227 0.0291  -0.0306 4  DG  A N2    
78  N N3    . DG  A 4  ? 0.3473 0.2592 0.3400 -0.0163 0.0382  -0.0201 4  DG  A N3    
79  C C4    . DG  A 4  ? 0.3703 0.2838 0.3425 -0.0256 0.0243  -0.0328 4  DG  A C4    
80  P P     . DA  A 5  ? 0.4775 0.5309 0.4678 0.0018  0.0245  0.0339  5  DA  A P     
81  O OP1   . DA  A 5  ? 0.4963 0.4804 0.5233 -0.0331 0.0198  0.0311  5  DA  A OP1   
82  O OP2   . DA  A 5  ? 0.5109 0.5046 0.4630 0.0351  0.0415  0.0065  5  DA  A OP2   
83  O "O5'" . DA  A 5  ? 0.4317 0.4960 0.4581 -0.0355 0.0229  0.0078  5  DA  A "O5'" 
84  C "C5'" . DA  A 5  ? 0.4231 0.4477 0.4502 -0.0338 0.0120  -0.0010 5  DA  A "C5'" 
85  C "C4'" . DA  A 5  ? 0.3898 0.4213 0.4128 -0.0212 0.0090  0.0101  5  DA  A "C4'" 
86  O "O4'" . DA  A 5  ? 0.4273 0.3825 0.3937 -0.0416 -0.0132 0.0132  5  DA  A "O4'" 
87  C "C3'" . DA  A 5  ? 0.4014 0.4508 0.4116 -0.0303 -0.0003 0.0086  5  DA  A "C3'" 
88  O "O3'" . DA  A 5  ? 0.3838 0.4884 0.4321 -0.0456 -0.0058 0.0017  5  DA  A "O3'" 
89  C "C2'" . DA  A 5  ? 0.3919 0.3795 0.3890 -0.0274 -0.0084 0.0048  5  DA  A "C2'" 
90  C "C1'" . DA  A 5  ? 0.3664 0.3196 0.3522 -0.0198 -0.0070 -0.0141 5  DA  A "C1'" 
91  N N9    . DA  A 5  ? 0.3257 0.3169 0.3180 -0.0101 -0.0224 -0.0059 5  DA  A N9    
92  C C8    . DA  A 5  ? 0.3058 0.2941 0.3216 -0.0168 -0.0056 -0.0057 5  DA  A C8    
93  N N7    . DA  A 5  ? 0.3290 0.2869 0.3297 -0.0120 -0.0179 -0.0300 5  DA  A N7    
94  C C5    . DA  A 5  ? 0.3189 0.2546 0.2869 -0.0271 -0.0008 -0.0389 5  DA  A C5    
95  C C6    . DA  A 5  ? 0.3358 0.2516 0.3293 -0.0259 -0.0104 -0.0210 5  DA  A C6    
96  N N6    . DA  A 5  ? 0.3368 0.2449 0.2920 -0.0132 0.0014  -0.0237 5  DA  A N6    
97  N N1    . DA  A 5  ? 0.3294 0.2203 0.3089 -0.0044 0.0138  -0.0185 5  DA  A N1    
98  C C2    . DA  A 5  ? 0.3165 0.2766 0.3239 -0.0116 -0.0160 -0.0158 5  DA  A C2    
99  N N3    . DA  A 5  ? 0.3121 0.2738 0.3298 -0.0145 0.0017  -0.0365 5  DA  A N3    
100 C C4    . DA  A 5  ? 0.3323 0.2524 0.3202 -0.0342 -0.0143 -0.0185 5  DA  A C4    
101 P P     . DA  A 6  ? 0.3507 0.5101 0.4069 -0.0444 -0.0082 0.0168  6  DA  A P     
102 O OP1   . DA  A 6  ? 0.3565 0.5223 0.4916 -0.0742 0.0232  -0.0047 6  DA  A OP1   
103 O OP2   . DA  A 6  ? 0.3824 0.4515 0.5001 -0.0240 0.0852  0.0350  6  DA  A OP2   
104 O "O5'" . DA  A 6  ? 0.3080 0.4331 0.4215 -0.0431 0.0093  0.0195  6  DA  A "O5'" 
105 C "C5'" . DA  A 6  ? 0.3498 0.3846 0.3436 -0.0135 -0.0026 -0.0045 6  DA  A "C5'" 
106 C "C4'" . DA  A 6  ? 0.2858 0.3256 0.2956 -0.0272 -0.0198 -0.0012 6  DA  A "C4'" 
107 O "O4'" . DA  A 6  ? 0.3269 0.3058 0.2919 -0.0190 -0.0015 0.0054  6  DA  A "O4'" 
108 C "C3'" . DA  A 6  ? 0.3111 0.3456 0.2923 -0.0022 -0.0195 0.0085  6  DA  A "C3'" 
109 O "O3'" . DA  A 6  ? 0.3170 0.3781 0.3328 0.0142  -0.0279 0.0113  6  DA  A "O3'" 
110 C "C2'" . DA  A 6  ? 0.3225 0.3291 0.3151 0.0088  -0.0060 0.0103  6  DA  A "C2'" 
111 C "C1'" . DA  A 6  ? 0.3184 0.2748 0.2893 0.0002  0.0001  -0.0109 6  DA  A "C1'" 
112 N N9    . DA  A 6  ? 0.2866 0.2542 0.2707 0.0007  0.0044  -0.0007 6  DA  A N9    
113 C C8    . DA  A 6  ? 0.3160 0.2838 0.2960 0.0092  -0.0075 -0.0123 6  DA  A C8    
114 N N7    . DA  A 6  ? 0.2742 0.2648 0.2604 0.0211  -0.0089 -0.0271 6  DA  A N7    
115 C C5    . DA  A 6  ? 0.2665 0.2284 0.2797 0.0035  -0.0050 -0.0478 6  DA  A C5    
116 C C6    . DA  A 6  ? 0.2700 0.1940 0.2650 0.0043  0.0142  -0.0324 6  DA  A C6    
117 N N6    . DA  A 6  ? 0.3212 0.2379 0.2680 0.0099  0.0155  -0.0261 6  DA  A N6    
118 N N1    . DA  A 6  ? 0.2608 0.2088 0.2789 0.0246  -0.0103 -0.0255 6  DA  A N1    
119 C C2    . DA  A 6  ? 0.2650 0.2385 0.2831 -0.0160 -0.0070 -0.0003 6  DA  A C2    
120 N N3    . DA  A 6  ? 0.2853 0.2630 0.2559 0.0069  -0.0092 -0.0065 6  DA  A N3    
121 C C4    . DA  A 6  ? 0.2825 0.2549 0.2789 -0.0083 -0.0078 -0.0174 6  DA  A C4    
122 P P     . DT  A 7  ? 0.3215 0.4034 0.3202 -0.0121 0.0010  0.0358  7  DT  A P     
123 O OP1   . DT  A 7  ? 0.3282 0.4625 0.3543 -0.0122 -0.0093 0.0156  7  DT  A OP1   
124 O OP2   . DT  A 7  ? 0.3033 0.3741 0.4472 -0.0327 0.0068  0.0441  7  DT  A OP2   
125 O "O5'" . DT  A 7  ? 0.2871 0.3300 0.3280 -0.0037 -0.0165 0.0031  7  DT  A "O5'" 
126 C "C5'" . DT  A 7  ? 0.3217 0.3035 0.3257 0.0095  -0.0086 0.0293  7  DT  A "C5'" 
127 C "C4'" . DT  A 7  ? 0.2729 0.3120 0.3053 0.0055  -0.0008 0.0022  7  DT  A "C4'" 
128 O "O4'" . DT  A 7  ? 0.2571 0.2883 0.2689 0.0032  -0.0048 -0.0101 7  DT  A "O4'" 
129 C "C3'" . DT  A 7  ? 0.2828 0.3306 0.2890 0.0183  -0.0118 -0.0052 7  DT  A "C3'" 
130 O "O3'" . DT  A 7  ? 0.3273 0.4003 0.3153 0.0076  -0.0046 -0.0203 7  DT  A "O3'" 
131 C "C2'" . DT  A 7  ? 0.2893 0.3094 0.2959 0.0117  0.0053  0.0030  7  DT  A "C2'" 
132 C "C1'" . DT  A 7  ? 0.2799 0.2734 0.2735 0.0131  -0.0120 -0.0192 7  DT  A "C1'" 
133 N N1    . DT  A 7  ? 0.2889 0.2577 0.2415 0.0166  -0.0222 -0.0150 7  DT  A N1    
134 C C2    . DT  A 7  ? 0.3011 0.2506 0.2550 0.0169  -0.0056 -0.0151 7  DT  A C2    
135 O O2    . DT  A 7  ? 0.2849 0.2685 0.2696 0.0189  -0.0207 0.0020  7  DT  A O2    
136 N N3    . DT  A 7  ? 0.2910 0.2375 0.2815 0.0074  -0.0300 -0.0195 7  DT  A N3    
137 C C4    . DT  A 7  ? 0.2789 0.2523 0.2715 0.0246  -0.0077 -0.0189 7  DT  A C4    
138 O O4    . DT  A 7  ? 0.3123 0.2844 0.2627 0.0269  -0.0021 -0.0262 7  DT  A O4    
139 C C5    . DT  A 7  ? 0.2825 0.2867 0.2565 0.0221  -0.0201 0.0098  7  DT  A C5    
140 C C7    . DT  A 7  ? 0.3278 0.2747 0.3265 0.0127  -0.0183 0.0161  7  DT  A C7    
141 C C6    . DT  A 7  ? 0.2597 0.2442 0.2696 -0.0083 -0.0242 -0.0115 7  DT  A C6    
142 P P     . DT  A 8  ? 0.2995 0.4287 0.3598 0.0022  -0.0201 -0.0007 8  DT  A P     
143 O OP1   . DT  A 8  ? 0.3615 0.5135 0.4239 0.0084  -0.0272 -0.0084 8  DT  A OP1   
144 O OP2   . DT  A 8  ? 0.3479 0.3792 0.4108 -0.0203 -0.0037 0.0894  8  DT  A OP2   
145 O "O5'" . DT  A 8  ? 0.3247 0.3821 0.3289 0.0053  0.0118  -0.0046 8  DT  A "O5'" 
146 C "C5'" . DT  A 8  ? 0.3219 0.3366 0.3126 0.0089  0.0031  0.0025  8  DT  A "C5'" 
147 C "C4'" . DT  A 8  ? 0.3073 0.3340 0.3065 0.0233  -0.0080 -0.0002 8  DT  A "C4'" 
148 O "O4'" . DT  A 8  ? 0.2981 0.3162 0.3039 0.0021  -0.0166 -0.0118 8  DT  A "O4'" 
149 C "C3'" . DT  A 8  ? 0.3070 0.3563 0.3212 0.0230  0.0061  -0.0099 8  DT  A "C3'" 
150 O "O3'" . DT  A 8  ? 0.3015 0.3986 0.3318 -0.0018 0.0045  -0.0108 8  DT  A "O3'" 
151 C "C2'" . DT  A 8  ? 0.2878 0.3446 0.3118 0.0173  -0.0002 0.0038  8  DT  A "C2'" 
152 C "C1'" . DT  A 8  ? 0.3017 0.3011 0.2811 0.0200  -0.0198 -0.0214 8  DT  A "C1'" 
153 N N1    . DT  A 8  ? 0.2868 0.2684 0.2856 0.0278  -0.0034 -0.0185 8  DT  A N1    
154 C C2    . DT  A 8  ? 0.2933 0.2423 0.2755 0.0192  -0.0216 0.0049  8  DT  A C2    
155 O O2    . DT  A 8  ? 0.3320 0.2637 0.3052 0.0238  -0.0144 -0.0083 8  DT  A O2    
156 N N3    . DT  A 8  ? 0.2674 0.2541 0.2719 0.0207  -0.0336 -0.0016 8  DT  A N3    
157 C C4    . DT  A 8  ? 0.2987 0.2664 0.2755 0.0249  -0.0072 -0.0120 8  DT  A C4    
158 O O4    . DT  A 8  ? 0.3058 0.2489 0.2808 0.0247  -0.0109 -0.0336 8  DT  A O4    
159 C C5    . DT  A 8  ? 0.2946 0.2571 0.2632 0.0393  0.0012  -0.0066 8  DT  A C5    
160 C C7    . DT  A 8  ? 0.2701 0.2804 0.3105 0.0426  0.0004  0.0120  8  DT  A C7    
161 C C6    . DT  A 8  ? 0.3036 0.2870 0.2573 0.0042  -0.0085 0.0027  8  DT  A C6    
162 P P     . DC  A 9  ? 0.3210 0.4457 0.3421 -0.0164 -0.0284 0.0058  9  DC  A P     
163 O OP1   . DC  A 9  ? 0.3029 0.5082 0.3863 -0.0015 0.0242  0.0521  9  DC  A OP1   
164 O OP2   . DC  A 9  ? 0.3134 0.4463 0.4078 -0.0390 -0.0048 0.0336  9  DC  A OP2   
165 O "O5'" . DC  A 9  ? 0.2839 0.4060 0.3495 -0.0355 -0.0009 0.0184  9  DC  A "O5'" 
166 C "C5'" . DC  A 9  ? 0.3126 0.3581 0.3438 0.0018  -0.0101 0.0018  9  DC  A "C5'" 
167 C "C4'" . DC  A 9  ? 0.3029 0.3222 0.3157 0.0088  -0.0159 0.0014  9  DC  A "C4'" 
168 O "O4'" . DC  A 9  ? 0.2728 0.3669 0.3419 0.0118  -0.0175 -0.0084 9  DC  A "O4'" 
169 C "C3'" . DC  A 9  ? 0.3249 0.3249 0.3045 0.0158  -0.0082 -0.0064 9  DC  A "C3'" 
170 O "O3'" . DC  A 9  ? 0.2973 0.3729 0.2992 -0.0158 -0.0272 0.0060  9  DC  A "O3'" 
171 C "C2'" . DC  A 9  ? 0.3043 0.3300 0.3156 0.0012  -0.0105 0.0028  9  DC  A "C2'" 
172 C "C1'" . DC  A 9  ? 0.2840 0.3113 0.3031 0.0039  -0.0094 -0.0114 9  DC  A "C1'" 
173 N N1    . DC  A 9  ? 0.2604 0.3024 0.2748 0.0100  -0.0149 -0.0259 9  DC  A N1    
174 C C2    . DC  A 9  ? 0.2767 0.3173 0.2542 0.0079  -0.0073 -0.0203 9  DC  A C2    
175 O O2    . DC  A 9  ? 0.2873 0.2853 0.2811 0.0019  0.0004  -0.0138 9  DC  A O2    
176 N N3    . DC  A 9  ? 0.2833 0.2292 0.2373 0.0184  -0.0039 -0.0092 9  DC  A N3    
177 C C4    . DC  A 9  ? 0.2837 0.2580 0.2720 0.0092  -0.0017 -0.0198 9  DC  A C4    
178 N N4    . DC  A 9  ? 0.2699 0.2426 0.2737 0.0170  -0.0014 -0.0167 9  DC  A N4    
179 C C5    . DC  A 9  ? 0.2791 0.3061 0.2743 0.0083  -0.0021 0.0035  9  DC  A C5    
180 C C6    . DC  A 9  ? 0.2553 0.2719 0.2896 0.0181  -0.0156 -0.0042 9  DC  A C6    
181 P P     . 7GU A 10 ? 0.2944 0.3969 0.3239 0.0189  -0.0165 -0.0026 10 7GU A P     
182 O OP1   . 7GU A 10 ? 0.3138 0.3886 0.3562 -0.0013 0.0012  0.0295  10 7GU A OP1   
183 O OP2   . 7GU A 10 ? 0.3019 0.3767 0.3235 -0.0316 -0.0168 0.0373  10 7GU A OP2   
184 O "O5'" . 7GU A 10 ? 0.2605 0.3716 0.2877 -0.0074 -0.0301 0.0123  10 7GU A "O5'" 
185 N N9    . 7GU A 10 ? 0.3031 0.3296 0.3314 -0.0006 0.0007  -0.0300 10 7GU A N9    
186 C C4    . 7GU A 10 ? 0.2568 0.2936 0.3372 0.0017  -0.0107 -0.0376 10 7GU A C4    
187 N N3    . 7GU A 10 ? 0.3048 0.2648 0.3501 0.0025  0.0020  -0.0382 10 7GU A N3    
188 C C2    . 7GU A 10 ? 0.2834 0.2985 0.3245 -0.0032 -0.0019 -0.0181 10 7GU A C2    
189 N N2    . 7GU A 10 ? 0.2834 0.2822 0.3265 -0.0152 -0.0036 -0.0358 10 7GU A N2    
190 N N1    . 7GU A 10 ? 0.2784 0.2536 0.3245 0.0174  -0.0050 -0.0261 10 7GU A N1    
191 C C6    . 7GU A 10 ? 0.2898 0.2368 0.3051 0.0191  0.0056  -0.0218 10 7GU A C6    
192 O O6    . 7GU A 10 ? 0.2850 0.2709 0.3446 0.0211  0.0054  -0.0412 10 7GU A O6    
193 C C5    . 7GU A 10 ? 0.2613 0.2819 0.3075 0.0136  0.0150  -0.0367 10 7GU A C5    
194 C C7    . 7GU A 10 ? 0.3021 0.3126 0.3356 0.0013  -0.0109 -0.0088 10 7GU A C7    
195 C C8    . 7GU A 10 ? 0.2892 0.3007 0.3321 -0.0071 0.0061  -0.0235 10 7GU A C8    
196 C "C2'" . 7GU A 10 ? 0.3212 0.3478 0.3572 0.0000  -0.0100 -0.0067 10 7GU A "C2'" 
197 C "C5'" . 7GU A 10 ? 0.3221 0.3597 0.3019 0.0024  -0.0214 -0.0042 10 7GU A "C5'" 
198 C "C4'" . 7GU A 10 ? 0.3288 0.3690 0.3616 0.0192  0.0113  0.0051  10 7GU A "C4'" 
199 O "O4'" . 7GU A 10 ? 0.3313 0.3673 0.3333 0.0127  -0.0041 0.0031  10 7GU A "O4'" 
200 C "C1'" . 7GU A 10 ? 0.3017 0.3180 0.3462 0.0011  0.0044  -0.0192 10 7GU A "C1'" 
201 C "C3'" . 7GU A 10 ? 0.3378 0.3669 0.3225 0.0070  -0.0057 -0.0227 10 7GU A "C3'" 
202 O "O3'" . 7GU A 10 ? 0.3337 0.3940 0.3758 0.0379  0.0175  -0.0151 10 7GU A "O3'" 
203 P P     . DC  A 11 ? 0.3606 0.4893 0.3841 0.0196  0.0093  -0.0083 11 DC  A P     
204 O OP1   . DC  A 11 ? 0.4496 0.4809 0.4264 0.0228  0.0017  0.0050  11 DC  A OP1   
205 O OP2   . DC  A 11 ? 0.4271 0.5349 0.4397 -0.0304 0.0308  -0.0051 11 DC  A OP2   
206 O "O5'" . DC  A 11 ? 0.3362 0.4847 0.3652 0.0181  -0.0222 0.0163  11 DC  A "O5'" 
207 C "C5'" . DC  A 11 ? 0.3674 0.4346 0.3894 0.0181  0.0040  0.0079  11 DC  A "C5'" 
208 C "C4'" . DC  A 11 ? 0.3709 0.4541 0.4209 0.0012  -0.0101 0.0294  11 DC  A "C4'" 
209 O "O4'" . DC  A 11 ? 0.3755 0.4555 0.3833 -0.0066 -0.0036 0.0147  11 DC  A "O4'" 
210 C "C3'" . DC  A 11 ? 0.3753 0.4303 0.4356 0.0201  0.0011  0.0300  11 DC  A "C3'" 
211 O "O3'" . DC  A 11 ? 0.4183 0.4925 0.5018 0.0087  -0.0038 0.0440  11 DC  A "O3'" 
212 C "C2'" . DC  A 11 ? 0.3732 0.4207 0.3871 -0.0061 -0.0178 0.0142  11 DC  A "C2'" 
213 C "C1'" . DC  A 11 ? 0.3405 0.3881 0.3842 0.0066  -0.0016 0.0095  11 DC  A "C1'" 
214 N N1    . DC  A 11 ? 0.3026 0.3901 0.3328 -0.0063 -0.0110 -0.0011 11 DC  A N1    
215 C C2    . DC  A 11 ? 0.2744 0.3301 0.3516 0.0056  -0.0200 0.0329  11 DC  A C2    
216 O O2    . DC  A 11 ? 0.2728 0.3846 0.3571 -0.0082 -0.0295 0.0013  11 DC  A O2    
217 N N3    . DC  A 11 ? 0.2540 0.3581 0.3156 0.0063  -0.0056 -0.0557 11 DC  A N3    
218 C C4    . DC  A 11 ? 0.3307 0.3270 0.3638 0.0087  -0.0012 -0.0147 11 DC  A C4    
219 N N4    . DC  A 11 ? 0.3381 0.3340 0.3674 0.0077  -0.0071 -0.0299 11 DC  A N4    
220 C C5    . DC  A 11 ? 0.2952 0.3467 0.3377 0.0161  -0.0090 -0.0026 11 DC  A C5    
221 C C6    . DC  A 11 ? 0.3191 0.3882 0.3802 0.0083  -0.0079 0.0149  11 DC  A C6    
222 P P     . DG  A 12 ? 0.4267 0.5625 0.5298 0.0278  0.0430  0.0645  12 DG  A P     
223 O OP1   . DG  A 12 ? 0.4266 0.5567 0.5753 0.0211  0.0188  0.0710  12 DG  A OP1   
224 O OP2   . DG  A 12 ? 0.4266 0.5915 0.4921 -0.0043 0.0289  0.0245  12 DG  A OP2   
225 O "O5'" . DG  A 12 ? 0.4391 0.5473 0.4988 0.0156  0.0238  0.0538  12 DG  A "O5'" 
226 C "C5'" . DG  A 12 ? 0.4230 0.4942 0.4453 0.0068  0.0216  0.0303  12 DG  A "C5'" 
227 C "C4'" . DG  A 12 ? 0.3708 0.4227 0.3780 0.0137  0.0246  0.0291  12 DG  A "C4'" 
228 O "O4'" . DG  A 12 ? 0.3543 0.3718 0.3205 0.0128  0.0361  0.0165  12 DG  A "O4'" 
229 C "C3'" . DG  A 12 ? 0.3737 0.4247 0.3824 0.0237  0.0198  0.0167  12 DG  A "C3'" 
230 O "O3'" . DG  A 12 ? 0.3889 0.5138 0.4047 0.0330  0.0432  0.0292  12 DG  A "O3'" 
231 C "C2'" . DG  A 12 ? 0.3736 0.3777 0.3811 -0.0076 0.0188  -0.0008 12 DG  A "C2'" 
232 C "C1'" . DG  A 12 ? 0.3532 0.3520 0.3212 -0.0096 0.0221  0.0031  12 DG  A "C1'" 
233 N N9    . DG  A 12 ? 0.3279 0.3162 0.3024 -0.0330 0.0266  0.0152  12 DG  A N9    
234 C C8    . DG  A 12 ? 0.3754 0.3614 0.3312 -0.0137 0.0318  0.0112  12 DG  A C8    
235 N N7    . DG  A 12 ? 0.3770 0.3391 0.3507 -0.0345 0.0393  0.0223  12 DG  A N7    
236 C C5    . DG  A 12 ? 0.3137 0.3086 0.2811 -0.0164 0.0360  -0.0016 12 DG  A C5    
237 C C6    . DG  A 12 ? 0.3445 0.3378 0.3236 -0.0111 0.0436  0.0007  12 DG  A C6    
238 O O6    . DG  A 12 ? 0.3457 0.3593 0.3395 0.0014  0.0700  0.0198  12 DG  A O6    
239 N N1    . DG  A 12 ? 0.3671 0.3400 0.2833 -0.0086 0.0398  -0.0046 12 DG  A N1    
240 C C2    . DG  A 12 ? 0.3551 0.3219 0.3241 -0.0383 0.0281  0.0014  12 DG  A C2    
241 N N2    . DG  A 12 ? 0.3665 0.2960 0.2915 -0.0187 0.0263  -0.0010 12 DG  A N2    
242 N N3    . DG  A 12 ? 0.3563 0.2251 0.3021 -0.0531 0.0546  -0.0161 12 DG  A N3    
243 C C4    . DG  A 12 ? 0.3481 0.2720 0.2872 -0.0371 0.0281  0.0036  12 DG  A C4    
244 O "O5'" . DC  B 1  ? 0.6283 0.6327 0.6316 -0.0008 0.0005  -0.0051 1  DC  B "O5'" 
245 C "C5'" . DC  B 1  ? 0.5985 0.5903 0.5909 -0.0079 -0.0037 -0.0030 1  DC  B "C5'" 
246 C "C4'" . DC  B 1  ? 0.5941 0.5820 0.5774 -0.0109 0.0004  0.0001  1  DC  B "C4'" 
247 O "O4'" . DC  B 1  ? 0.6045 0.5717 0.5591 -0.0357 0.0025  0.0053  1  DC  B "O4'" 
248 C "C3'" . DC  B 1  ? 0.5703 0.5408 0.5510 -0.0129 0.0053  0.0118  1  DC  B "C3'" 
249 O "O3'" . DC  B 1  ? 0.5836 0.5409 0.5451 -0.0218 0.0091  0.0271  1  DC  B "O3'" 
250 C "C2'" . DC  B 1  ? 0.5782 0.5516 0.5558 -0.0188 0.0140  0.0020  1  DC  B "C2'" 
251 C "C1'" . DC  B 1  ? 0.5849 0.5633 0.5315 -0.0180 0.0084  0.0089  1  DC  B "C1'" 
252 N N1    . DC  B 1  ? 0.5805 0.5149 0.4880 -0.0135 0.0156  0.0203  1  DC  B N1    
253 C C2    . DC  B 1  ? 0.5903 0.4536 0.4721 -0.0075 0.0230  0.0105  1  DC  B C2    
254 O O2    . DC  B 1  ? 0.5969 0.4166 0.4312 -0.0398 0.0224  0.0298  1  DC  B O2    
255 N N3    . DC  B 1  ? 0.5948 0.4772 0.4333 -0.0248 0.0219  0.0127  1  DC  B N3    
256 C C4    . DC  B 1  ? 0.5844 0.5311 0.5002 -0.0074 0.0111  0.0305  1  DC  B C4    
257 N N4    . DC  B 1  ? 0.5996 0.5271 0.5030 -0.0190 0.0222  0.0176  1  DC  B N4    
258 C C5    . DC  B 1  ? 0.5866 0.5409 0.5117 -0.0056 0.0227  0.0300  1  DC  B C5    
259 C C6    . DC  B 1  ? 0.5795 0.5663 0.5084 0.0031  0.0097  0.0249  1  DC  B C6    
260 P P     . DG  B 2  ? 0.5985 0.5223 0.5346 -0.0054 -0.0009 0.0409  2  DG  B P     
261 O OP1   . DG  B 2  ? 0.5952 0.5371 0.5509 -0.0164 0.0116  0.0268  2  DG  B OP1   
262 O OP2   . DG  B 2  ? 0.6033 0.5369 0.5171 -0.0343 0.0123  0.0310  2  DG  B OP2   
263 O "O5'" . DG  B 2  ? 0.5408 0.4806 0.4830 -0.0059 0.0045  0.0309  2  DG  B "O5'" 
264 C "C5'" . DG  B 2  ? 0.4432 0.4471 0.4444 0.0038  0.0030  0.0045  2  DG  B "C5'" 
265 C "C4'" . DG  B 2  ? 0.3940 0.3751 0.3968 -0.0068 -0.0083 0.0076  2  DG  B "C4'" 
266 O "O4'" . DG  B 2  ? 0.3641 0.3266 0.3735 0.0042  0.0146  -0.0475 2  DG  B "O4'" 
267 C "C3'" . DG  B 2  ? 0.3841 0.3684 0.3653 0.0106  -0.0181 0.0112  2  DG  B "C3'" 
268 O "O3'" . DG  B 2  ? 0.3741 0.3838 0.4139 -0.0274 -0.0406 0.0350  2  DG  B "O3'" 
269 C "C2'" . DG  B 2  ? 0.3545 0.3633 0.3525 -0.0002 -0.0094 0.0038  2  DG  B "C2'" 
270 C "C1'" . DG  B 2  ? 0.3381 0.3143 0.3365 0.0050  -0.0093 -0.0131 2  DG  B "C1'" 
271 N N9    . DG  B 2  ? 0.3253 0.3055 0.3115 -0.0031 -0.0125 -0.0068 2  DG  B N9    
272 C C8    . DG  B 2  ? 0.3017 0.3159 0.3152 0.0013  -0.0126 -0.0142 2  DG  B C8    
273 N N7    . DG  B 2  ? 0.3204 0.2601 0.3260 -0.0147 -0.0050 -0.0175 2  DG  B N7    
274 C C5    . DG  B 2  ? 0.3133 0.2634 0.2927 -0.0068 0.0065  -0.0333 2  DG  B C5    
275 C C6    . DG  B 2  ? 0.2884 0.2588 0.3142 0.0076  -0.0056 -0.0162 2  DG  B C6    
276 O O6    . DG  B 2  ? 0.3142 0.3151 0.3563 0.0034  0.0112  -0.0274 2  DG  B O6    
277 N N1    . DG  B 2  ? 0.2822 0.2795 0.2928 0.0054  -0.0098 -0.0335 2  DG  B N1    
278 C C2    . DG  B 2  ? 0.3186 0.2507 0.2845 -0.0049 -0.0180 -0.0482 2  DG  B C2    
279 N N2    . DG  B 2  ? 0.3146 0.2904 0.3039 -0.0016 -0.0136 -0.0098 2  DG  B N2    
280 N N3    . DG  B 2  ? 0.3126 0.2869 0.2739 0.0125  -0.0151 -0.0342 2  DG  B N3    
281 C C4    . DG  B 2  ? 0.3175 0.2831 0.3226 -0.0104 -0.0115 -0.0117 2  DG  B C4    
282 P P     . DC  B 3  ? 0.3819 0.3919 0.3849 -0.0163 -0.0657 0.0126  3  DC  B P     
283 O OP1   . DC  B 3  ? 0.4127 0.4845 0.4775 0.0198  -0.0148 0.0457  3  DC  B OP1   
284 O OP2   . DC  B 3  ? 0.4618 0.4804 0.4106 -0.0424 -0.0377 0.0559  3  DC  B OP2   
285 O "O5'" . DC  B 3  ? 0.3622 0.3816 0.3515 0.0101  -0.0342 0.0089  3  DC  B "O5'" 
286 C "C5'" . DC  B 3  ? 0.3575 0.3377 0.3516 0.0053  -0.0117 0.0023  3  DC  B "C5'" 
287 C "C4'" . DC  B 3  ? 0.3134 0.3168 0.3035 -0.0143 -0.0075 -0.0226 3  DC  B "C4'" 
288 O "O4'" . DC  B 3  ? 0.3100 0.2919 0.3028 0.0076  0.0038  -0.0239 3  DC  B "O4'" 
289 C "C3'" . DC  B 3  ? 0.3269 0.3383 0.3122 -0.0034 -0.0145 0.0067  3  DC  B "C3'" 
290 O "O3'" . DC  B 3  ? 0.3096 0.3226 0.2905 -0.0291 -0.0103 0.0033  3  DC  B "O3'" 
291 C "C2'" . DC  B 3  ? 0.3669 0.3443 0.3408 0.0085  0.0216  -0.0030 3  DC  B "C2'" 
292 C "C1'" . DC  B 3  ? 0.2919 0.3228 0.3061 0.0162  -0.0125 -0.0185 3  DC  B "C1'" 
293 N N1    . DC  B 3  ? 0.2947 0.2921 0.2725 0.0173  0.0130  -0.0133 3  DC  B N1    
294 C C2    . DC  B 3  ? 0.2693 0.2407 0.2582 -0.0016 -0.0093 -0.0369 3  DC  B C2    
295 O O2    . DC  B 3  ? 0.3175 0.3078 0.2525 0.0103  -0.0269 -0.0105 3  DC  B O2    
296 N N3    . DC  B 3  ? 0.3007 0.2540 0.2458 -0.0010 0.0025  -0.0546 3  DC  B N3    
297 C C4    . DC  B 3  ? 0.2770 0.2558 0.2682 0.0283  -0.0001 -0.0109 3  DC  B C4    
298 N N4    . DC  B 3  ? 0.3123 0.3191 0.2832 0.0089  0.0183  -0.0291 3  DC  B N4    
299 C C5    . DC  B 3  ? 0.2890 0.3006 0.2614 0.0161  -0.0006 -0.0171 3  DC  B C5    
300 C C6    . DC  B 3  ? 0.2578 0.3094 0.2889 0.0106  -0.0077 -0.0078 3  DC  B C6    
301 P P     . DG  B 4  ? 0.3329 0.3452 0.3118 -0.0407 -0.0067 0.0137  4  DG  B P     
302 O OP1   . DG  B 4  ? 0.3175 0.4185 0.3614 -0.0176 -0.0094 0.0521  4  DG  B OP1   
303 O OP2   . DG  B 4  ? 0.3663 0.3337 0.3119 -0.0384 -0.0090 -0.0089 4  DG  B OP2   
304 O "O5'" . DG  B 4  ? 0.3268 0.3207 0.2909 -0.0179 -0.0140 0.0068  4  DG  B "O5'" 
305 C "C5'" . DG  B 4  ? 0.2983 0.3610 0.2834 0.0022  0.0075  0.0155  4  DG  B "C5'" 
306 C "C4'" . DG  B 4  ? 0.3045 0.3266 0.2967 -0.0095 -0.0170 0.0069  4  DG  B "C4'" 
307 O "O4'" . DG  B 4  ? 0.2906 0.3193 0.2865 -0.0173 -0.0050 -0.0125 4  DG  B "O4'" 
308 C "C3'" . DG  B 4  ? 0.3026 0.3490 0.3169 -0.0004 -0.0077 0.0036  4  DG  B "C3'" 
309 O "O3'" . DG  B 4  ? 0.3476 0.3689 0.3730 -0.0029 -0.0200 0.0317  4  DG  B "O3'" 
310 C "C2'" . DG  B 4  ? 0.2844 0.2968 0.2981 -0.0198 -0.0286 -0.0034 4  DG  B "C2'" 
311 C "C1'" . DG  B 4  ? 0.2903 0.2594 0.2636 -0.0057 -0.0149 0.0067  4  DG  B "C1'" 
312 N N9    . DG  B 4  ? 0.2806 0.2586 0.3056 -0.0161 -0.0025 -0.0047 4  DG  B N9    
313 C C8    . DG  B 4  ? 0.2781 0.2878 0.2541 -0.0199 -0.0136 -0.0041 4  DG  B C8    
314 N N7    . DG  B 4  ? 0.2707 0.2793 0.2743 -0.0131 0.0106  -0.0146 4  DG  B N7    
315 C C5    . DG  B 4  ? 0.2505 0.2490 0.2619 0.0048  -0.0058 -0.0189 4  DG  B C5    
316 C C6    . DG  B 4  ? 0.3067 0.2315 0.2956 0.0141  0.0048  -0.0101 4  DG  B C6    
317 O O6    . DG  B 4  ? 0.2887 0.2284 0.2448 -0.0008 -0.0067 -0.0129 4  DG  B O6    
318 N N1    . DG  B 4  ? 0.2852 0.2050 0.2765 0.0036  -0.0130 -0.0288 4  DG  B N1    
319 C C2    . DG  B 4  ? 0.2826 0.2329 0.2770 -0.0066 0.0087  -0.0034 4  DG  B C2    
320 N N2    . DG  B 4  ? 0.2754 0.2395 0.2954 -0.0064 -0.0017 -0.0095 4  DG  B N2    
321 N N3    . DG  B 4  ? 0.2714 0.2767 0.2844 -0.0055 -0.0203 -0.0095 4  DG  B N3    
322 C C4    . DG  B 4  ? 0.2776 0.2677 0.2712 0.0085  0.0102  0.0012  4  DG  B C4    
323 P P     . DA  B 5  ? 0.3778 0.4146 0.3729 0.0061  0.0102  0.0373  5  DA  B P     
324 O OP1   . DA  B 5  ? 0.3941 0.4402 0.3739 -0.0007 -0.0498 0.0924  5  DA  B OP1   
325 O OP2   . DA  B 5  ? 0.4074 0.3691 0.3695 -0.0321 -0.0218 0.0737  5  DA  B OP2   
326 O "O5'" . DA  B 5  ? 0.3534 0.3702 0.3667 0.0175  -0.0193 0.0375  5  DA  B "O5'" 
327 C "C5'" . DA  B 5  ? 0.3255 0.3466 0.3291 0.0154  0.0106  -0.0075 5  DA  B "C5'" 
328 C "C4'" . DA  B 5  ? 0.3075 0.3377 0.3301 0.0019  0.0037  -0.0039 5  DA  B "C4'" 
329 O "O4'" . DA  B 5  ? 0.3453 0.3035 0.2811 -0.0037 -0.0149 0.0314  5  DA  B "O4'" 
330 C "C3'" . DA  B 5  ? 0.3177 0.3503 0.3070 -0.0115 0.0077  0.0045  5  DA  B "C3'" 
331 O "O3'" . DA  B 5  ? 0.3165 0.3690 0.2910 0.0159  0.0084  0.0206  5  DA  B "O3'" 
332 C "C2'" . DA  B 5  ? 0.3397 0.3047 0.3220 -0.0039 -0.0034 0.0078  5  DA  B "C2'" 
333 C "C1'" . DA  B 5  ? 0.3023 0.2928 0.2791 0.0175  -0.0034 -0.0084 5  DA  B "C1'" 
334 N N9    . DA  B 5  ? 0.3076 0.2519 0.2775 0.0172  -0.0162 0.0136  5  DA  B N9    
335 C C8    . DA  B 5  ? 0.2763 0.2551 0.2567 -0.0008 -0.0167 0.0163  5  DA  B C8    
336 N N7    . DA  B 5  ? 0.2921 0.2676 0.3074 0.0074  -0.0095 0.0110  5  DA  B N7    
337 C C5    . DA  B 5  ? 0.2955 0.2253 0.2639 0.0261  -0.0038 -0.0131 5  DA  B C5    
338 C C6    . DA  B 5  ? 0.2963 0.2326 0.2621 0.0001  0.0005  -0.0446 5  DA  B C6    
339 N N6    . DA  B 5  ? 0.3303 0.2150 0.2755 0.0108  -0.0102 -0.0226 5  DA  B N6    
340 N N1    . DA  B 5  ? 0.2872 0.2179 0.2861 0.0330  -0.0224 -0.0271 5  DA  B N1    
341 C C2    . DA  B 5  ? 0.3037 0.2877 0.2789 0.0147  -0.0022 -0.0123 5  DA  B C2    
342 N N3    . DA  B 5  ? 0.3007 0.2593 0.2996 0.0037  -0.0271 0.0022  5  DA  B N3    
343 C C4    . DA  B 5  ? 0.2914 0.2393 0.2815 0.0170  -0.0011 -0.0215 5  DA  B C4    
344 P P     . DA  B 6  ? 0.3521 0.3504 0.3658 0.0083  -0.0003 0.0494  6  DA  B P     
345 O OP1   . DA  B 6  ? 0.3540 0.4203 0.3635 0.0032  -0.0205 0.0445  6  DA  B OP1   
346 O OP2   . DA  B 6  ? 0.3620 0.3195 0.4715 -0.0224 0.0234  0.0575  6  DA  B OP2   
347 O "O5'" . DA  B 6  ? 0.3256 0.3106 0.3345 0.0208  -0.0232 0.0122  6  DA  B "O5'" 
348 C "C5'" . DA  B 6  ? 0.3151 0.3445 0.2935 0.0111  -0.0222 0.0213  6  DA  B "C5'" 
349 C "C4'" . DA  B 6  ? 0.3357 0.3232 0.3163 0.0076  -0.0088 -0.0051 6  DA  B "C4'" 
350 O "O4'" . DA  B 6  ? 0.3337 0.2941 0.3217 0.0225  -0.0360 0.0058  6  DA  B "O4'" 
351 C "C3'" . DA  B 6  ? 0.3329 0.3340 0.3048 0.0019  -0.0029 -0.0120 6  DA  B "C3'" 
352 O "O3'" . DA  B 6  ? 0.3541 0.4048 0.3264 0.0184  -0.0193 -0.0188 6  DA  B "O3'" 
353 C "C2'" . DA  B 6  ? 0.3111 0.3214 0.2929 0.0228  -0.0154 0.0179  6  DA  B "C2'" 
354 C "C1'" . DA  B 6  ? 0.3147 0.2767 0.2966 0.0141  0.0118  -0.0247 6  DA  B "C1'" 
355 N N9    . DA  B 6  ? 0.3273 0.2687 0.2603 0.0319  -0.0110 -0.0162 6  DA  B N9    
356 C C8    . DA  B 6  ? 0.3462 0.2501 0.2785 0.0044  -0.0191 -0.0050 6  DA  B C8    
357 N N7    . DA  B 6  ? 0.3532 0.2441 0.3064 -0.0024 -0.0034 -0.0042 6  DA  B N7    
358 C C5    . DA  B 6  ? 0.3375 0.2443 0.2746 -0.0070 0.0080  -0.0091 6  DA  B C5    
359 C C6    . DA  B 6  ? 0.3052 0.2175 0.2589 0.0027  -0.0030 -0.0271 6  DA  B C6    
360 N N6    . DA  B 6  ? 0.3157 0.2456 0.2680 0.0031  -0.0116 -0.0464 6  DA  B N6    
361 N N1    . DA  B 6  ? 0.3037 0.2047 0.2602 0.0169  -0.0164 -0.0241 6  DA  B N1    
362 C C2    . DA  B 6  ? 0.3029 0.2515 0.2849 0.0110  -0.0033 -0.0178 6  DA  B C2    
363 N N3    . DA  B 6  ? 0.3007 0.2567 0.2709 0.0222  -0.0238 -0.0159 6  DA  B N3    
364 C C4    . DA  B 6  ? 0.3442 0.2578 0.2739 0.0123  -0.0014 -0.0025 6  DA  B C4    
365 P P     . DT  B 7  ? 0.3536 0.3841 0.3563 0.0332  -0.0123 0.0108  7  DT  B P     
366 O OP1   . DT  B 7  ? 0.3573 0.4852 0.3317 0.0088  0.0054  -0.0131 7  DT  B OP1   
367 O OP2   . DT  B 7  ? 0.3834 0.3641 0.4058 0.0689  0.0353  0.0009  7  DT  B OP2   
368 O "O5'" . DT  B 7  ? 0.3667 0.3420 0.3227 0.0044  0.0152  -0.0347 7  DT  B "O5'" 
369 C "C5'" . DT  B 7  ? 0.3696 0.3640 0.3463 -0.0050 -0.0112 -0.0055 7  DT  B "C5'" 
370 C "C4'" . DT  B 7  ? 0.3640 0.3503 0.3365 0.0040  -0.0219 -0.0064 7  DT  B "C4'" 
371 O "O4'" . DT  B 7  ? 0.3689 0.2894 0.3398 0.0150  -0.0474 0.0029  7  DT  B "O4'" 
372 C "C3'" . DT  B 7  ? 0.3690 0.3867 0.3317 -0.0027 -0.0332 0.0175  7  DT  B "C3'" 
373 O "O3'" . DT  B 7  ? 0.3932 0.4483 0.3485 -0.0043 -0.0675 0.0161  7  DT  B "O3'" 
374 C "C2'" . DT  B 7  ? 0.3432 0.3428 0.3595 0.0068  -0.0185 -0.0079 7  DT  B "C2'" 
375 C "C1'" . DT  B 7  ? 0.3552 0.3066 0.3121 0.0118  -0.0277 0.0056  7  DT  B "C1'" 
376 N N1    . DT  B 7  ? 0.2786 0.2750 0.2739 0.0230  -0.0257 -0.0087 7  DT  B N1    
377 C C2    . DT  B 7  ? 0.3269 0.2683 0.2982 0.0228  -0.0189 -0.0092 7  DT  B C2    
378 O O2    . DT  B 7  ? 0.3211 0.2840 0.2921 0.0174  -0.0304 -0.0253 7  DT  B O2    
379 N N3    . DT  B 7  ? 0.3046 0.2339 0.2896 0.0340  -0.0055 -0.0164 7  DT  B N3    
380 C C4    . DT  B 7  ? 0.3274 0.2568 0.3289 0.0050  -0.0136 -0.0161 7  DT  B C4    
381 O O4    . DT  B 7  ? 0.3339 0.2488 0.2951 0.0160  -0.0165 -0.0135 7  DT  B O4    
382 C C5    . DT  B 7  ? 0.3354 0.2522 0.3063 0.0020  -0.0094 -0.0083 7  DT  B C5    
383 C C7    . DT  B 7  ? 0.3492 0.2971 0.2881 0.0077  -0.0156 0.0092  7  DT  B C7    
384 C C6    . DT  B 7  ? 0.3438 0.2565 0.2979 0.0287  -0.0173 -0.0132 7  DT  B C6    
385 P P     . DT  B 8  ? 0.4226 0.5444 0.3800 0.0130  -0.0080 0.0362  8  DT  B P     
386 O OP1   . DT  B 8  ? 0.4790 0.5632 0.4349 -0.0083 -0.0066 0.0521  8  DT  B OP1   
387 O OP2   . DT  B 8  ? 0.5038 0.4743 0.3609 0.0974  0.0345  0.0124  8  DT  B OP2   
388 O "O5'" . DT  B 8  ? 0.4154 0.4483 0.3372 0.0452  -0.0030 -0.0008 8  DT  B "O5'" 
389 C "C5'" . DT  B 8  ? 0.3747 0.4003 0.3810 0.0080  0.0149  0.0038  8  DT  B "C5'" 
390 C "C4'" . DT  B 8  ? 0.3270 0.3570 0.3257 -0.0019 -0.0142 0.0112  8  DT  B "C4'" 
391 O "O4'" . DT  B 8  ? 0.3087 0.3313 0.3327 0.0126  0.0286  -0.0036 8  DT  B "O4'" 
392 C "C3'" . DT  B 8  ? 0.3324 0.3699 0.3373 -0.0124 -0.0040 0.0126  8  DT  B "C3'" 
393 O "O3'" . DT  B 8  ? 0.4020 0.4255 0.3557 -0.0021 -0.0079 0.0345  8  DT  B "O3'" 
394 C "C2'" . DT  B 8  ? 0.3384 0.3403 0.3332 0.0157  0.0285  -0.0014 8  DT  B "C2'" 
395 C "C1'" . DT  B 8  ? 0.3184 0.3132 0.3085 0.0024  -0.0019 -0.0075 8  DT  B "C1'" 
396 N N1    . DT  B 8  ? 0.2993 0.2690 0.2841 0.0206  0.0161  -0.0241 8  DT  B N1    
397 C C2    . DT  B 8  ? 0.2971 0.2782 0.2993 0.0210  0.0007  -0.0082 8  DT  B C2    
398 O O2    . DT  B 8  ? 0.3191 0.2454 0.2854 0.0170  0.0014  -0.0014 8  DT  B O2    
399 N N3    . DT  B 8  ? 0.2822 0.2501 0.2871 0.0297  0.0006  -0.0165 8  DT  B N3    
400 C C4    . DT  B 8  ? 0.3217 0.2344 0.2963 -0.0115 0.0081  -0.0109 8  DT  B C4    
401 O O4    . DT  B 8  ? 0.3228 0.2829 0.2815 0.0161  0.0332  -0.0272 8  DT  B O4    
402 C C5    . DT  B 8  ? 0.3230 0.2594 0.2919 0.0026  0.0133  -0.0038 8  DT  B C5    
403 C C7    . DT  B 8  ? 0.3659 0.2780 0.2855 -0.0058 -0.0049 0.0377  8  DT  B C7    
404 C C6    . DT  B 8  ? 0.3296 0.2725 0.2901 0.0227  -0.0002 -0.0039 8  DT  B C6    
405 P P     . DC  B 9  ? 0.3756 0.4223 0.3115 0.0057  0.0229  0.0366  9  DC  B P     
406 O OP1   . DC  B 9  ? 0.4251 0.4812 0.4289 -0.0082 0.0252  0.0621  9  DC  B OP1   
407 O OP2   . DC  B 9  ? 0.3904 0.4889 0.3659 0.0270  0.0408  0.0314  9  DC  B OP2   
408 O "O5'" . DC  B 9  ? 0.3538 0.3692 0.3290 0.0122  0.0224  0.0170  9  DC  B "O5'" 
409 C "C5'" . DC  B 9  ? 0.3431 0.3245 0.3195 0.0076  0.0181  0.0154  9  DC  B "C5'" 
410 C "C4'" . DC  B 9  ? 0.3194 0.3217 0.3138 -0.0012 0.0273  0.0202  9  DC  B "C4'" 
411 O "O4'" . DC  B 9  ? 0.3233 0.3185 0.3202 0.0027  0.0531  0.0028  9  DC  B "O4'" 
412 C "C3'" . DC  B 9  ? 0.3203 0.3010 0.3273 -0.0100 0.0197  0.0106  9  DC  B "C3'" 
413 O "O3'" . DC  B 9  ? 0.3417 0.3669 0.3242 0.0043  0.0386  -0.0100 9  DC  B "O3'" 
414 C "C2'" . DC  B 9  ? 0.3118 0.3311 0.3366 0.0040  0.0207  0.0040  9  DC  B "C2'" 
415 C "C1'" . DC  B 9  ? 0.3466 0.2918 0.3310 -0.0054 0.0067  -0.0088 9  DC  B "C1'" 
416 N N1    . DC  B 9  ? 0.3255 0.2892 0.2810 -0.0098 0.0176  -0.0138 9  DC  B N1    
417 C C2    . DC  B 9  ? 0.3082 0.2623 0.2889 -0.0098 -0.0199 -0.0042 9  DC  B C2    
418 O O2    . DC  B 9  ? 0.3553 0.2553 0.3057 -0.0243 0.0046  -0.0204 9  DC  B O2    
419 N N3    . DC  B 9  ? 0.3263 0.2477 0.3076 -0.0029 0.0103  -0.0124 9  DC  B N3    
420 C C4    . DC  B 9  ? 0.3218 0.2422 0.3117 -0.0114 -0.0022 -0.0018 9  DC  B C4    
421 N N4    . DC  B 9  ? 0.3762 0.2487 0.2830 -0.0154 0.0029  -0.0128 9  DC  B N4    
422 C C5    . DC  B 9  ? 0.3723 0.2700 0.3028 -0.0123 0.0160  -0.0193 9  DC  B C5    
423 C C6    . DC  B 9  ? 0.3479 0.2932 0.3100 0.0077  0.0013  -0.0134 9  DC  B C6    
424 P P     . 7GU B 10 ? 0.3700 0.3760 0.3338 -0.0045 0.0164  0.0261  10 7GU B P     
425 O OP1   . 7GU B 10 ? 0.3686 0.4348 0.3946 -0.0052 0.0121  0.0237  10 7GU B OP1   
426 O OP2   . 7GU B 10 ? 0.3136 0.4483 0.3365 0.0110  0.0192  -0.0271 10 7GU B OP2   
427 O "O5'" . 7GU B 10 ? 0.3541 0.4244 0.3438 -0.0030 0.0083  0.0011  10 7GU B "O5'" 
428 N N9    . 7GU B 10 ? 0.3054 0.2924 0.2960 -0.0191 0.0391  -0.0115 10 7GU B N9    
429 C C4    . 7GU B 10 ? 0.3132 0.2902 0.3047 -0.0029 0.0490  -0.0291 10 7GU B C4    
430 N N3    . 7GU B 10 ? 0.3280 0.2515 0.3259 -0.0133 0.0457  -0.0199 10 7GU B N3    
431 C C2    . 7GU B 10 ? 0.3209 0.2513 0.3271 -0.0016 0.0377  -0.0314 10 7GU B C2    
432 N N2    . 7GU B 10 ? 0.3088 0.2477 0.3025 -0.0215 0.0311  -0.0373 10 7GU B N2    
433 N N1    . 7GU B 10 ? 0.3305 0.2389 0.3107 -0.0135 0.0411  -0.0246 10 7GU B N1    
434 C C6    . 7GU B 10 ? 0.3292 0.2930 0.3062 0.0062  0.0336  -0.0355 10 7GU B C6    
435 O O6    . 7GU B 10 ? 0.3521 0.2668 0.3185 -0.0104 0.0314  -0.0238 10 7GU B O6    
436 C C5    . 7GU B 10 ? 0.3178 0.2951 0.3022 -0.0095 0.0505  -0.0078 10 7GU B C5    
437 C C7    . 7GU B 10 ? 0.3259 0.3073 0.2933 -0.0176 0.0215  -0.0203 10 7GU B C7    
438 C C8    . 7GU B 10 ? 0.3269 0.2843 0.3197 -0.0111 0.0321  -0.0032 10 7GU B C8    
439 C "C2'" . 7GU B 10 ? 0.3290 0.3534 0.3086 -0.0071 0.0544  -0.0042 10 7GU B "C2'" 
440 C "C5'" . 7GU B 10 ? 0.3541 0.3853 0.3431 0.0025  0.0123  -0.0126 10 7GU B "C5'" 
441 C "C4'" . 7GU B 10 ? 0.3506 0.3732 0.3462 -0.0165 0.0107  -0.0026 10 7GU B "C4'" 
442 O "O4'" . 7GU B 10 ? 0.3590 0.3395 0.3353 -0.0251 0.0391  0.0155  10 7GU B "O4'" 
443 C "C1'" . 7GU B 10 ? 0.3228 0.3025 0.3283 0.0050  0.0388  -0.0251 10 7GU B "C1'" 
444 C "C3'" . 7GU B 10 ? 0.3524 0.3698 0.3627 -0.0242 0.0308  -0.0023 10 7GU B "C3'" 
445 O "O3'" . 7GU B 10 ? 0.3836 0.4454 0.3663 -0.0564 0.0353  -0.0234 10 7GU B "O3'" 
446 P P     . DC  B 11 ? 0.4283 0.5112 0.4739 0.0125  0.0040  -0.0184 11 DC  B P     
447 O OP1   . DC  B 11 ? 0.4149 0.5234 0.5404 0.0091  -0.0089 0.0257  11 DC  B OP1   
448 O OP2   . DC  B 11 ? 0.4576 0.5120 0.5019 0.0345  -0.0078 -0.0441 11 DC  B OP2   
449 O "O5'" . DC  B 11 ? 0.4439 0.4833 0.4646 -0.0071 0.0096  0.0102  11 DC  B "O5'" 
450 C "C5'" . DC  B 11 ? 0.4294 0.4277 0.4422 -0.0073 0.0124  0.0255  11 DC  B "C5'" 
451 C "C4'" . DC  B 11 ? 0.4370 0.4354 0.4412 -0.0087 -0.0015 0.0228  11 DC  B "C4'" 
452 O "O4'" . DC  B 11 ? 0.4308 0.3899 0.4316 -0.0120 -0.0086 0.0444  11 DC  B "O4'" 
453 C "C3'" . DC  B 11 ? 0.4299 0.4396 0.4285 -0.0097 -0.0074 0.0306  11 DC  B "C3'" 
454 O "O3'" . DC  B 11 ? 0.4694 0.4616 0.4042 -0.0032 -0.0302 0.0492  11 DC  B "O3'" 
455 C "C2'" . DC  B 11 ? 0.4095 0.3953 0.3962 0.0007  -0.0364 0.0171  11 DC  B "C2'" 
456 C "C1'" . DC  B 11 ? 0.3921 0.3546 0.3816 0.0058  0.0029  0.0005  11 DC  B "C1'" 
457 N N1    . DC  B 11 ? 0.3800 0.3335 0.3554 0.0121  -0.0050 -0.0026 11 DC  B N1    
458 C C2    . DC  B 11 ? 0.3502 0.2872 0.3141 0.0111  0.0013  -0.0467 11 DC  B C2    
459 O O2    . DC  B 11 ? 0.4129 0.3417 0.3595 0.0204  -0.0185 -0.0248 11 DC  B O2    
460 N N3    . DC  B 11 ? 0.4004 0.2784 0.3274 0.0007  -0.0032 -0.0327 11 DC  B N3    
461 C C4    . DC  B 11 ? 0.3780 0.3172 0.3578 0.0060  -0.0001 -0.0277 11 DC  B C4    
462 N N4    . DC  B 11 ? 0.3968 0.3066 0.3713 0.0086  -0.0086 -0.0318 11 DC  B N4    
463 C C5    . DC  B 11 ? 0.3746 0.2909 0.3050 0.0175  -0.0113 -0.0449 11 DC  B C5    
464 C C6    . DC  B 11 ? 0.3967 0.3096 0.3555 0.0180  0.0071  -0.0399 11 DC  B C6    
465 P P     . DG  B 12 ? 0.4301 0.4531 0.4221 -0.0396 -0.0486 0.0866  12 DG  B P     
466 O OP1   . DG  B 12 ? 0.4796 0.5351 0.4564 -0.0217 -0.0209 0.0723  12 DG  B OP1   
467 O OP2   . DG  B 12 ? 0.4428 0.4325 0.4390 -0.0601 0.0146  0.0419  12 DG  B OP2   
468 O "O5'" . DG  B 12 ? 0.3946 0.3894 0.3441 -0.0358 -0.0096 0.0809  12 DG  B "O5'" 
469 C "C5'" . DG  B 12 ? 0.3439 0.3343 0.2891 -0.0046 -0.0296 0.0374  12 DG  B "C5'" 
470 C "C4'" . DG  B 12 ? 0.2993 0.3055 0.2913 -0.0022 -0.0375 0.0352  12 DG  B "C4'" 
471 O "O4'" . DG  B 12 ? 0.2891 0.2608 0.2685 0.0080  -0.0698 0.0231  12 DG  B "O4'" 
472 C "C3'" . DG  B 12 ? 0.3088 0.2927 0.2820 -0.0140 -0.0415 0.0247  12 DG  B "C3'" 
473 O "O3'" . DG  B 12 ? 0.2467 0.2606 0.3072 -0.0174 -0.0477 0.0456  12 DG  B "O3'" 
474 C "C2'" . DG  B 12 ? 0.2894 0.2691 0.2859 0.0034  -0.0487 0.0184  12 DG  B "C2'" 
475 C "C1'" . DG  B 12 ? 0.2685 0.2815 0.2670 -0.0006 -0.0434 -0.0078 12 DG  B "C1'" 
476 N N9    . DG  B 12 ? 0.2561 0.2864 0.2711 0.0145  -0.0575 -0.0014 12 DG  B N9    
477 C C8    . DG  B 12 ? 0.2452 0.2904 0.2946 0.0036  -0.0540 -0.0099 12 DG  B C8    
478 N N7    . DG  B 12 ? 0.2410 0.3288 0.3032 0.0066  -0.0599 -0.0125 12 DG  B N7    
479 C C5    . DG  B 12 ? 0.2275 0.2776 0.2673 0.0001  -0.0598 -0.0222 12 DG  B C5    
480 C C6    . DG  B 12 ? 0.2584 0.2867 0.3104 -0.0091 -0.0401 -0.0117 12 DG  B C6    
481 O O6    . DG  B 12 ? 0.2651 0.3261 0.3366 -0.0043 -0.0591 -0.0207 12 DG  B O6    
482 N N1    . DG  B 12 ? 0.2504 0.2645 0.2843 -0.0067 -0.0738 -0.0465 12 DG  B N1    
483 C C2    . DG  B 12 ? 0.2404 0.2475 0.2909 0.0067  -0.0448 -0.0360 12 DG  B C2    
484 N N2    . DG  B 12 ? 0.2290 0.2571 0.2713 0.0028  -0.0763 -0.0619 12 DG  B N2    
485 N N3    . DG  B 12 ? 0.2218 0.2772 0.2712 0.0083  -0.0659 -0.0397 12 DG  B N3    
486 C C4    . DG  B 12 ? 0.2285 0.2651 0.2937 -0.0018 -0.0586 -0.0415 12 DG  B C4    
487 O O     . HOH C .  ? 0.6174 0.5710 0.3018 -0.0490 0.0607  -0.0168 13 HOH A O     
488 O O     . HOH C .  ? 0.7355 0.9034 0.5171 -0.0174 0.0350  -0.1899 14 HOH A O     
489 O O     . HOH C .  ? 0.3841 0.5840 0.5022 0.0715  0.0314  0.0203  15 HOH A O     
490 O O     . HOH C .  ? 0.3524 0.4935 0.6306 0.0633  0.0750  -0.0130 16 HOH A O     
491 O O     . HOH C .  ? 0.2308 0.4109 0.7000 0.0735  0.0186  0.0870  17 HOH A O     
492 O O     . HOH C .  ? 0.3171 0.3558 0.3119 0.0390  -0.0311 -0.0168 18 HOH A O     
493 O O     . HOH C .  ? 0.3917 0.3670 0.3939 0.0123  0.0062  -0.0650 19 HOH A O     
494 O O     . HOH C .  ? 0.3326 0.3763 0.2914 0.0212  -0.0458 -0.0709 20 HOH A O     
495 O O     . HOH C .  ? 0.3934 0.6470 0.4213 0.1209  -0.1654 -0.0541 21 HOH A O     
496 O O     . HOH C .  ? 0.3765 0.4403 0.3919 0.0522  -0.0818 0.0002  22 HOH A O     
497 O O     . HOH C .  ? 0.4324 0.3157 0.3215 -0.0047 -0.0190 0.0618  23 HOH A O     
498 O O     . HOH C .  ? 0.4566 0.3502 0.4001 0.0173  -0.0316 -0.0390 24 HOH A O     
499 O O     . HOH C .  ? 0.3246 0.6354 0.5913 -0.0482 0.1073  -0.0876 25 HOH A O     
500 O O     . HOH C .  ? 0.5553 0.4330 0.4611 -0.0214 0.0569  -0.0077 26 HOH A O     
501 O O     . HOH C .  ? 0.3298 0.3606 0.3058 0.0552  -0.0276 -0.0344 27 HOH A O     
502 O O     . HOH C .  ? 0.3812 0.4962 0.4298 -0.0026 -0.1326 0.0746  28 HOH A O     
503 O O     . HOH C .  ? 0.6889 0.4682 0.7504 0.0265  -0.0074 0.0785  29 HOH A O     
504 O O     . HOH C .  ? 0.5775 1.2015 0.9585 -0.2327 0.3513  0.1272  30 HOH A O     
505 O O     . HOH C .  ? 0.4525 0.6393 0.7441 -0.1110 -0.0108 -0.1772 31 HOH A O     
506 O O     . HOH C .  ? 0.6488 0.8113 0.4137 0.0513  0.0583  0.0233  32 HOH A O     
507 O O     . HOH C .  ? 0.6349 0.5422 0.4147 0.1332  -0.0802 0.0018  33 HOH A O     
508 O O     . HOH C .  ? 0.3630 0.3893 0.3889 0.0438  -0.0383 0.0799  34 HOH A O     
509 O O     . HOH C .  ? 0.4207 0.6229 0.4695 0.0455  -0.0767 0.0408  35 HOH A O     
510 O O     . HOH C .  ? 0.4387 0.5208 0.4999 -0.0776 0.0955  0.0153  36 HOH A O     
511 O O     . HOH C .  ? 0.6616 0.5555 0.5760 0.0244  0.1868  -0.0007 37 HOH A O     
512 O O     . HOH C .  ? 0.7483 0.8112 0.4335 -0.2027 -0.1084 0.1153  38 HOH A O     
513 O O     . HOH C .  ? 0.8458 0.5815 0.3747 -0.0428 -0.0300 -0.0660 39 HOH A O     
514 O O     . HOH C .  ? 0.5958 0.5314 0.3624 0.0039  -0.0915 0.0097  40 HOH A O     
515 O O     . HOH C .  ? 0.4215 0.5057 0.7647 0.0095  -0.0989 -0.0630 41 HOH A O     
516 O O     . HOH C .  ? 0.4563 0.5284 0.8071 -0.0913 -0.1712 0.0481  42 HOH A O     
517 O O     . HOH C .  ? 0.7538 0.5013 0.5001 0.0965  0.0528  -0.0611 43 HOH A O     
518 O O     . HOH C .  ? 0.5971 0.6883 0.5488 -0.0921 -0.0668 0.1076  44 HOH A O     
519 O O     . HOH C .  ? 0.7479 0.7103 0.5574 0.1782  -0.1426 0.0198  45 HOH A O     
520 O O     . HOH C .  ? 0.7044 0.9212 0.7857 -0.2468 -0.0948 -0.1725 46 HOH A O     
521 O O     . HOH C .  ? 0.4567 1.2949 0.9503 0.0933  -0.0952 -0.3400 47 HOH A O     
522 O O     . HOH C .  ? 0.6297 0.4879 0.5065 0.1047  0.0598  -0.0041 48 HOH A O     
523 O O     . HOH C .  ? 1.0464 0.4045 0.7186 0.0584  -0.0379 -0.0070 49 HOH A O     
524 O O     . HOH C .  ? 0.7805 0.7061 0.5349 -0.0871 -0.0004 -0.0770 50 HOH A O     
525 O O     . HOH C .  ? 0.5659 0.5863 0.9431 0.0328  0.0210  0.1027  51 HOH A O     
526 O O     . HOH C .  ? 0.4095 0.5006 0.9125 0.0662  -0.0933 -0.0291 52 HOH A O     
527 O O     . HOH C .  ? 0.4747 0.5435 0.4677 -0.1253 0.0933  -0.0239 53 HOH A O     
528 O O     . HOH C .  ? 1.3428 1.0468 1.5923 0.1764  -0.3270 -0.5548 54 HOH A O     
529 O O     . HOH C .  ? 0.5775 0.4359 0.4132 -0.1242 -0.0922 -0.0240 55 HOH A O     
530 O O     . HOH C .  ? 0.4538 0.3675 1.0939 -0.0689 0.2876  -0.0936 56 HOH A O     
531 O O     . HOH C .  ? 0.7351 0.6228 0.5973 0.0034  0.1166  -0.0761 57 HOH A O     
532 O O     . HOH C .  ? 0.7910 0.8004 0.7026 -0.0452 0.2647  0.2861  58 HOH A O     
533 O O     . HOH C .  ? 0.5628 0.6599 0.4896 0.0356  0.1594  -0.1049 59 HOH A O     
534 O O     . HOH C .  ? 0.6922 0.5121 0.5437 0.0954  0.0068  -0.0984 60 HOH A O     
535 O O     . HOH C .  ? 0.4872 0.5798 0.4178 -0.0314 -0.0960 0.0043  61 HOH A O     
536 O O     . HOH C .  ? 0.7042 0.6326 0.4237 -0.1203 -0.0283 0.0173  62 HOH A O     
537 O O     . HOH C .  ? 0.4509 0.4550 0.3664 0.0769  -0.0349 0.1295  63 HOH A O     
538 O O     . HOH C .  ? 0.4911 0.5807 0.7594 0.0677  0.0814  -0.0047 64 HOH A O     
539 O O     . HOH C .  ? 0.5678 0.9553 0.7114 -0.0516 -0.0233 -0.3096 65 HOH A O     
540 O O     . HOH C .  ? 0.6104 0.4776 0.3028 -0.0253 -0.0785 -0.0543 66 HOH A O     
541 O O     . HOH C .  ? 0.4904 0.4805 0.7306 0.0971  -0.0111 -0.0551 67 HOH A O     
542 O O     . HOH C .  ? 0.9760 0.4021 0.9329 0.0381  0.0526  0.1717  68 HOH A O     
543 O O     . HOH C .  ? 0.4641 1.0709 1.1413 -0.2958 -0.0746 -0.1548 69 HOH A O     
544 O O     . HOH C .  ? 0.8512 1.3124 0.7040 -0.2506 0.1080  -0.5036 70 HOH A O     
545 O O     . HOH D .  ? 0.3958 0.3899 0.3941 -0.0439 -0.0197 0.0123  13 HOH B O     
546 O O     . HOH D .  ? 0.4651 0.4359 0.5439 -0.0534 0.1509  0.0242  14 HOH B O     
547 O O     . HOH D .  ? 0.5166 0.4395 0.5579 0.0349  0.0038  0.0635  15 HOH B O     
548 O O     . HOH D .  ? 0.5157 0.3329 0.3094 -0.0391 0.0462  -0.0415 16 HOH B O     
549 O O     . HOH D .  ? 0.4276 0.3797 0.4092 0.1140  0.0250  -0.0178 17 HOH B O     
550 O O     . HOH D .  ? 0.4517 0.6187 0.5142 -0.1551 -0.0336 0.0673  18 HOH B O     
551 O O     . HOH D .  ? 0.6083 0.5843 0.4352 0.0390  0.0028  0.0025  19 HOH B O     
552 O O     . HOH D .  ? 0.3640 0.3179 0.2866 0.0209  -0.0164 -0.0077 20 HOH B O     
553 O O     . HOH D .  ? 0.4333 0.3612 0.3326 0.0372  -0.0062 -0.0437 21 HOH B O     
554 O O     . HOH D .  ? 0.3905 0.4208 0.3411 -0.0001 -0.0056 0.0029  22 HOH B O     
555 O O     . HOH D .  ? 0.3334 0.3716 0.3221 0.0561  -0.0609 -0.0430 23 HOH B O     
556 O O     . HOH D .  ? 0.4112 0.4618 0.3694 0.0200  -0.1531 0.0065  24 HOH B O     
557 O O     . HOH D .  ? 0.8431 0.6187 0.5026 0.0448  0.1835  0.0171  25 HOH B O     
558 O O     . HOH D .  ? 0.4126 0.8643 0.5452 -0.0527 -0.0342 -0.0726 26 HOH B O     
559 O O     . HOH D .  ? 0.5957 0.9668 0.5861 -0.0672 -0.0329 0.0055  27 HOH B O     
560 O O     . HOH D .  ? 0.4051 0.4947 0.5039 -0.0194 -0.1663 0.0251  28 HOH B O     
561 O O     . HOH D .  ? 0.6225 0.5505 0.4523 -0.0336 0.0256  -0.0028 29 HOH B O     
562 O O     . HOH D .  ? 0.4947 0.5008 0.5463 0.1470  0.0188  -0.0104 30 HOH B O     
563 O O     . HOH D .  ? 0.7391 0.3899 0.4797 0.0459  -0.0411 0.0401  31 HOH B O     
564 O O     . HOH D .  ? 0.7038 0.4344 0.4264 0.0747  0.0458  0.1003  32 HOH B O     
565 O O     . HOH D .  ? 0.4540 0.7059 0.5418 -0.1218 -0.1248 0.0375  33 HOH B O     
566 O O     . HOH D .  ? 0.5853 0.4362 0.7844 0.0013  0.1268  -0.0772 34 HOH B O     
567 O O     . HOH D .  ? 0.6544 0.5804 0.4924 -0.0737 -0.2089 0.0878  35 HOH B O     
568 O O     . HOH D .  ? 0.6824 0.4442 0.8364 0.0472  -0.0244 0.1315  36 HOH B O     
569 O O     . HOH D .  ? 0.4217 0.4909 0.6278 -0.0916 0.0801  0.0414  37 HOH B O     
570 O O     . HOH D .  ? 0.6190 0.7084 0.5084 0.0974  0.0485  0.0063  38 HOH B O     
571 O O     . HOH D .  ? 0.5064 1.4818 0.6425 -0.0948 0.2412  0.0785  39 HOH B O     
572 O O     . HOH D .  ? 0.7021 0.4826 0.6642 0.1666  0.1652  0.0419  40 HOH B O     
573 O O     . HOH D .  ? 0.5918 0.7318 0.6524 0.1583  0.0625  -0.2280 41 HOH B O     
574 O O     . HOH D .  ? 0.7268 0.7895 0.7559 0.1742  0.2852  -0.1111 42 HOH B O     
575 O O     . HOH D .  ? 0.6707 0.8137 0.7798 0.0343  0.1167  0.0478  43 HOH B O     
576 O O     . HOH D .  ? 0.8443 0.6670 0.7912 -0.1627 -0.1715 -0.1224 44 HOH B O     
577 O O     . HOH D .  ? 0.6199 0.5013 0.4280 -0.0129 0.0137  0.0546  45 HOH B O     
578 O O     . HOH D .  ? 0.4638 0.5457 0.4517 0.1061  -0.1322 0.0819  46 HOH B O     
579 O O     . HOH D .  ? 0.5138 0.7356 0.7552 -0.0557 0.0727  -0.0131 47 HOH B O     
580 O O     . HOH D .  ? 0.5338 0.7484 0.4240 0.1115  -0.0108 0.0784  48 HOH B O     
581 O O     . HOH D .  ? 1.0419 1.4826 1.6627 0.0937  -0.3540 0.0669  49 HOH B O     
582 O O     . HOH D .  ? 0.6065 0.5257 0.5420 0.0555  0.2442  -0.0600 50 HOH B O     
583 O O     . HOH D .  ? 0.6093 0.5071 0.4235 -0.0493 0.0421  0.1333  51 HOH B O     
584 O O     . HOH D .  ? 0.6292 0.7279 0.5185 0.3118  0.0492  -0.0001 52 HOH B O     
585 O O     . HOH D .  ? 0.5665 0.6244 0.4251 0.1331  0.1752  0.0441  53 HOH B O     
586 O O     . HOH D .  ? 0.5052 0.6847 0.4428 -0.0392 -0.0560 -0.0373 54 HOH B O     
587 O O     . HOH D .  ? 0.9012 0.7479 0.9910 0.3409  -0.1078 0.0164  55 HOH B O     
588 O O     . HOH D .  ? 0.5130 0.6078 1.0534 -0.0109 0.1875  0.1102  56 HOH B O     
589 O O     . HOH D .  ? 0.4803 0.6508 0.5251 0.0816  -0.0196 -0.0146 57 HOH B O     
590 O O     . HOH D .  ? 0.6053 0.7086 1.1737 0.1315  -0.0265 -0.2031 58 HOH B O     
591 O O     . HOH D .  ? 0.8062 0.6006 0.5510 -0.0203 0.0300  -0.0796 59 HOH B O     
592 O O     . HOH D .  ? 0.4278 0.8076 0.7924 -0.0289 0.0775  -0.0349 60 HOH B O     
593 O O     . HOH D .  ? 0.7041 0.5539 0.4828 0.0253  0.0479  0.0170  61 HOH B O     
594 O O     . HOH D .  ? 0.6804 0.6488 0.6877 0.1737  0.0213  -0.2186 62 HOH B O     
595 O O     . HOH D .  ? 0.7245 0.5553 0.6462 -0.1607 -0.1520 0.1481  63 HOH B O     
596 O O     . HOH D .  ? 0.8866 0.8947 0.6622 0.1088  0.3410  0.0967  64 HOH B O     
# 
loop_
_pdbx_poly_seq_scheme.asym_id 
_pdbx_poly_seq_scheme.entity_id 
_pdbx_poly_seq_scheme.seq_id 
_pdbx_poly_seq_scheme.mon_id 
_pdbx_poly_seq_scheme.ndb_seq_num 
_pdbx_poly_seq_scheme.pdb_seq_num 
_pdbx_poly_seq_scheme.auth_seq_num 
_pdbx_poly_seq_scheme.pdb_mon_id 
_pdbx_poly_seq_scheme.auth_mon_id 
_pdbx_poly_seq_scheme.pdb_strand_id 
_pdbx_poly_seq_scheme.pdb_ins_code 
_pdbx_poly_seq_scheme.hetero 
A 1 1  DC  1  1  1  DC  C   A . n 
A 1 2  DG  2  2  2  DG  G   A . n 
A 1 3  DC  3  3  3  DC  C   A . n 
A 1 4  DG  4  4  4  DG  G   A . n 
A 1 5  DA  5  5  5  DA  A   A . n 
A 1 6  DA  6  6  6  DA  A   A . n 
A 1 7  DT  7  7  7  DT  T   A . n 
A 1 8  DT  8  8  8  DT  T   A . n 
A 1 9  DC  9  9  9  DC  C   A . n 
A 1 10 7GU 10 10 10 7GU 7DG A . n 
A 1 11 DC  11 11 11 DC  C   A . n 
A 1 12 DG  12 12 12 DG  G   A . n 
B 1 1  DC  1  1  13 DC  C   B . n 
B 1 2  DG  2  2  14 DG  G   B . n 
B 1 3  DC  3  3  15 DC  C   B . n 
B 1 4  DG  4  4  16 DG  G   B . n 
B 1 5  DA  5  5  17 DA  A   B . n 
B 1 6  DA  6  6  18 DA  A   B . n 
B 1 7  DT  7  7  19 DT  T   B . n 
B 1 8  DT  8  8  20 DT  T   B . n 
B 1 9  DC  9  9  21 DC  C   B . n 
B 1 10 7GU 10 10 22 7GU 7DG B . n 
B 1 11 DC  11 11 23 DC  C   B . n 
B 1 12 DG  12 12 24 DG  G   B . n 
# 
loop_
_pdbx_nonpoly_scheme.asym_id 
_pdbx_nonpoly_scheme.entity_id 
_pdbx_nonpoly_scheme.mon_id 
_pdbx_nonpoly_scheme.ndb_seq_num 
_pdbx_nonpoly_scheme.pdb_seq_num 
_pdbx_nonpoly_scheme.auth_seq_num 
_pdbx_nonpoly_scheme.pdb_mon_id 
_pdbx_nonpoly_scheme.auth_mon_id 
_pdbx_nonpoly_scheme.pdb_strand_id 
_pdbx_nonpoly_scheme.pdb_ins_code 
C 2 HOH 1  13 101 HOH HOH A . 
C 2 HOH 2  14 104 HOH HOH A . 
C 2 HOH 3  15 112 HOH HOH A . 
C 2 HOH 4  16 113 HOH HOH A . 
C 2 HOH 5  17 114 HOH HOH A . 
C 2 HOH 6  18 115 HOH HOH A . 
C 2 HOH 7  19 119 HOH HOH A . 
C 2 HOH 8  20 120 HOH HOH A . 
C 2 HOH 9  21 122 HOH HOH A . 
C 2 HOH 10 22 123 HOH HOH A . 
C 2 HOH 11 23 125 HOH HOH A . 
C 2 HOH 12 24 126 HOH HOH A . 
C 2 HOH 13 25 131 HOH HOH A . 
C 2 HOH 14 26 133 HOH HOH A . 
C 2 HOH 15 27 134 HOH HOH A . 
C 2 HOH 16 28 136 HOH HOH A . 
C 2 HOH 17 29 137 HOH HOH A . 
C 2 HOH 18 30 138 HOH HOH A . 
C 2 HOH 19 31 139 HOH HOH A . 
C 2 HOH 20 32 140 HOH HOH A . 
C 2 HOH 21 33 142 HOH HOH A . 
C 2 HOH 22 34 143 HOH HOH A . 
C 2 HOH 23 35 146 HOH HOH A . 
C 2 HOH 24 36 152 HOH HOH A . 
C 2 HOH 25 37 159 HOH HOH A . 
C 2 HOH 26 38 160 HOH HOH A . 
C 2 HOH 27 39 171 HOH HOH A . 
C 2 HOH 28 40 175 HOH HOH A . 
C 2 HOH 29 41 176 HOH HOH A . 
C 2 HOH 30 42 177 HOH HOH A . 
C 2 HOH 31 43 178 HOH HOH A . 
C 2 HOH 32 44 179 HOH HOH A . 
C 2 HOH 33 45 180 HOH HOH A . 
C 2 HOH 34 46 181 HOH HOH A . 
C 2 HOH 35 47 182 HOH HOH A . 
C 2 HOH 36 48 183 HOH HOH A . 
C 2 HOH 37 49 186 HOH HOH A . 
C 2 HOH 38 50 187 HOH HOH A . 
C 2 HOH 39 51 188 HOH HOH A . 
C 2 HOH 40 52 190 HOH HOH A . 
C 2 HOH 41 53 193 HOH HOH A . 
C 2 HOH 42 54 194 HOH HOH A . 
C 2 HOH 43 55 195 HOH HOH A . 
C 2 HOH 44 56 197 HOH HOH A . 
C 2 HOH 45 57 198 HOH HOH A . 
C 2 HOH 46 58 201 HOH HOH A . 
C 2 HOH 47 59 202 HOH HOH A . 
C 2 HOH 48 60 206 HOH HOH A . 
C 2 HOH 49 61 211 HOH HOH A . 
C 2 HOH 50 62 212 HOH HOH A . 
C 2 HOH 51 63 213 HOH HOH A . 
C 2 HOH 52 64 214 HOH HOH A . 
C 2 HOH 53 65 215 HOH HOH A . 
C 2 HOH 54 66 218 HOH HOH A . 
C 2 HOH 55 67 219 HOH HOH A . 
C 2 HOH 56 68 210 HOH HOH A . 
C 2 HOH 57 69 222 HOH HOH A . 
C 2 HOH 58 70 227 HOH HOH A . 
D 2 HOH 1  13 102 HOH HOH B . 
D 2 HOH 2  14 103 HOH HOH B . 
D 2 HOH 3  15 105 HOH HOH B . 
D 2 HOH 4  16 107 HOH HOH B . 
D 2 HOH 5  17 109 HOH HOH B . 
D 2 HOH 6  18 110 HOH HOH B . 
D 2 HOH 7  19 111 HOH HOH B . 
D 2 HOH 8  20 116 HOH HOH B . 
D 2 HOH 9  21 117 HOH HOH B . 
D 2 HOH 10 22 118 HOH HOH B . 
D 2 HOH 11 23 121 HOH HOH B . 
D 2 HOH 12 24 124 HOH HOH B . 
D 2 HOH 13 25 127 HOH HOH B . 
D 2 HOH 14 26 128 HOH HOH B . 
D 2 HOH 15 27 129 HOH HOH B . 
D 2 HOH 16 28 130 HOH HOH B . 
D 2 HOH 17 29 144 HOH HOH B . 
D 2 HOH 18 30 147 HOH HOH B . 
D 2 HOH 19 31 148 HOH HOH B . 
D 2 HOH 20 32 149 HOH HOH B . 
D 2 HOH 21 33 150 HOH HOH B . 
D 2 HOH 22 34 153 HOH HOH B . 
D 2 HOH 23 35 154 HOH HOH B . 
D 2 HOH 24 36 156 HOH HOH B . 
D 2 HOH 25 37 157 HOH HOH B . 
D 2 HOH 26 38 158 HOH HOH B . 
D 2 HOH 27 39 161 HOH HOH B . 
D 2 HOH 28 40 162 HOH HOH B . 
D 2 HOH 29 41 165 HOH HOH B . 
D 2 HOH 30 42 166 HOH HOH B . 
D 2 HOH 31 43 167 HOH HOH B . 
D 2 HOH 32 44 168 HOH HOH B . 
D 2 HOH 33 45 169 HOH HOH B . 
D 2 HOH 34 46 170 HOH HOH B . 
D 2 HOH 35 47 174 HOH HOH B . 
D 2 HOH 36 48 184 HOH HOH B . 
D 2 HOH 37 49 185 HOH HOH B . 
D 2 HOH 38 50 189 HOH HOH B . 
D 2 HOH 39 51 191 HOH HOH B . 
D 2 HOH 40 52 192 HOH HOH B . 
D 2 HOH 41 53 199 HOH HOH B . 
D 2 HOH 42 54 203 HOH HOH B . 
D 2 HOH 43 55 204 HOH HOH B . 
D 2 HOH 44 56 205 HOH HOH B . 
D 2 HOH 45 57 216 HOH HOH B . 
D 2 HOH 46 58 217 HOH HOH B . 
D 2 HOH 47 59 221 HOH HOH B . 
D 2 HOH 48 60 224 HOH HOH B . 
D 2 HOH 49 61 226 HOH HOH B . 
D 2 HOH 50 62 228 HOH HOH B . 
D 2 HOH 51 63 229 HOH HOH B . 
D 2 HOH 52 64 231 HOH HOH B . 
# 
loop_
_pdbx_struct_mod_residue.id 
_pdbx_struct_mod_residue.label_asym_id 
_pdbx_struct_mod_residue.label_comp_id 
_pdbx_struct_mod_residue.label_seq_id 
_pdbx_struct_mod_residue.auth_asym_id 
_pdbx_struct_mod_residue.auth_comp_id 
_pdbx_struct_mod_residue.auth_seq_id 
_pdbx_struct_mod_residue.PDB_ins_code 
_pdbx_struct_mod_residue.parent_comp_id 
_pdbx_struct_mod_residue.details 
1 A 7GU 10 A 7GU 10 ? DG ? 
2 B 7GU 10 B 7GU 10 ? DG ? 
# 
_pdbx_struct_assembly.id                   1 
_pdbx_struct_assembly.details              author_and_software_defined_assembly 
_pdbx_struct_assembly.method_details       PISA 
_pdbx_struct_assembly.oligomeric_details   dimeric 
_pdbx_struct_assembly.oligomeric_count     2 
# 
_pdbx_struct_assembly_gen.assembly_id       1 
_pdbx_struct_assembly_gen.oper_expression   1 
_pdbx_struct_assembly_gen.asym_id_list      A,B,C,D 
# 
loop_
_pdbx_struct_assembly_prop.biol_id 
_pdbx_struct_assembly_prop.type 
_pdbx_struct_assembly_prop.value 
_pdbx_struct_assembly_prop.details 
1 'ABSA (A^2)' 2370 ? 
1 MORE         7.5  ? 
1 'SSA (A^2)'  4250 ? 
# 
_pdbx_struct_oper_list.id                   1 
_pdbx_struct_oper_list.type                 'identity operation' 
_pdbx_struct_oper_list.name                 1_555 
_pdbx_struct_oper_list.symmetry_operation   x,y,z 
_pdbx_struct_oper_list.matrix[1][1]         1.0000000000 
_pdbx_struct_oper_list.matrix[1][2]         0.0000000000 
_pdbx_struct_oper_list.matrix[1][3]         0.0000000000 
_pdbx_struct_oper_list.vector[1]            0.0000000000 
_pdbx_struct_oper_list.matrix[2][1]         0.0000000000 
_pdbx_struct_oper_list.matrix[2][2]         1.0000000000 
_pdbx_struct_oper_list.matrix[2][3]         0.0000000000 
_pdbx_struct_oper_list.vector[2]            0.0000000000 
_pdbx_struct_oper_list.matrix[3][1]         0.0000000000 
_pdbx_struct_oper_list.matrix[3][2]         0.0000000000 
_pdbx_struct_oper_list.matrix[3][3]         1.0000000000 
_pdbx_struct_oper_list.vector[3]            0.0000000000 
# 
loop_
_pdbx_audit_revision_history.ordinal 
_pdbx_audit_revision_history.data_content_type 
_pdbx_audit_revision_history.major_revision 
_pdbx_audit_revision_history.minor_revision 
_pdbx_audit_revision_history.revision_date 
1 'Structure model' 1 0 2008-05-06 
2 'Structure model' 1 1 2011-07-13 
3 'Structure model' 1 2 2023-08-30 
# 
_pdbx_audit_revision_details.ordinal             1 
_pdbx_audit_revision_details.revision_ordinal    1 
_pdbx_audit_revision_details.data_content_type   'Structure model' 
_pdbx_audit_revision_details.provider            repository 
_pdbx_audit_revision_details.type                'Initial release' 
_pdbx_audit_revision_details.description         ? 
_pdbx_audit_revision_details.details             ? 
# 
loop_
_pdbx_audit_revision_group.ordinal 
_pdbx_audit_revision_group.revision_ordinal 
_pdbx_audit_revision_group.data_content_type 
_pdbx_audit_revision_group.group 
1 2 'Structure model' 'Version format compliance' 
2 3 'Structure model' 'Data collection'           
3 3 'Structure model' 'Database references'       
4 3 'Structure model' 'Derived calculations'      
5 3 'Structure model' 'Refinement description'    
# 
loop_
_pdbx_audit_revision_category.ordinal 
_pdbx_audit_revision_category.revision_ordinal 
_pdbx_audit_revision_category.data_content_type 
_pdbx_audit_revision_category.category 
1 3 'Structure model' chem_comp_atom                
2 3 'Structure model' chem_comp_bond                
3 3 'Structure model' database_2                    
4 3 'Structure model' pdbx_initial_refinement_model 
5 3 'Structure model' struct_conn                   
# 
loop_
_pdbx_audit_revision_item.ordinal 
_pdbx_audit_revision_item.revision_ordinal 
_pdbx_audit_revision_item.data_content_type 
_pdbx_audit_revision_item.item 
1 3 'Structure model' '_database_2.pdbx_DOI'                
2 3 'Structure model' '_database_2.pdbx_database_accession' 
3 3 'Structure model' '_struct_conn.pdbx_leaving_atom_flag' 
# 
_pdbx_refine_tls.id               1 
_pdbx_refine_tls.details          ? 
_pdbx_refine_tls.method           refined 
_pdbx_refine_tls.origin_x         0.3830 
_pdbx_refine_tls.origin_y         0.1341 
_pdbx_refine_tls.origin_z         0.0400 
_pdbx_refine_tls.T[1][1]          0.0045 
_pdbx_refine_tls.T[2][2]          -0.0132 
_pdbx_refine_tls.T[3][3]          -0.0242 
_pdbx_refine_tls.T[1][2]          0.0266 
_pdbx_refine_tls.T[1][3]          -0.0172 
_pdbx_refine_tls.T[2][3]          0.0064 
_pdbx_refine_tls.L[1][1]          0.8936 
_pdbx_refine_tls.L[2][2]          5.7676 
_pdbx_refine_tls.L[3][3]          1.2130 
_pdbx_refine_tls.L[1][2]          0.1114 
_pdbx_refine_tls.L[1][3]          -0.3338 
_pdbx_refine_tls.L[2][3]          2.4199 
_pdbx_refine_tls.S[1][1]          0.1979 
_pdbx_refine_tls.S[1][2]          0.0260 
_pdbx_refine_tls.S[1][3]          0.0110 
_pdbx_refine_tls.S[2][1]          -0.0004 
_pdbx_refine_tls.S[2][2]          -0.2011 
_pdbx_refine_tls.S[2][3]          -0.1465 
_pdbx_refine_tls.S[3][1]          -0.0558 
_pdbx_refine_tls.S[3][2]          -0.1290 
_pdbx_refine_tls.S[3][3]          0.0032 
_pdbx_refine_tls.pdbx_refine_id   'X-RAY DIFFRACTION' 
# 
loop_
_pdbx_refine_tls_group.id 
_pdbx_refine_tls_group.refine_tls_id 
_pdbx_refine_tls_group.beg_auth_asym_id 
_pdbx_refine_tls_group.beg_auth_seq_id 
_pdbx_refine_tls_group.beg_label_asym_id 
_pdbx_refine_tls_group.beg_label_seq_id 
_pdbx_refine_tls_group.end_auth_asym_id 
_pdbx_refine_tls_group.end_auth_seq_id 
_pdbx_refine_tls_group.end_label_asym_id 
_pdbx_refine_tls_group.end_label_seq_id 
_pdbx_refine_tls_group.selection 
_pdbx_refine_tls_group.pdbx_refine_id 
_pdbx_refine_tls_group.selection_details 
1 1 A 1 A 1 A 12 A 12 ? 'X-RAY DIFFRACTION' ? 
2 1 B 1 B 1 B 12 B 12 ? 'X-RAY DIFFRACTION' ? 
# 
loop_
_software.name 
_software.classification 
_software.version 
_software.citation_id 
_software.pdbx_ordinal 
REFMAC   refinement        5.2.0019 ? 1 
HKL-2000 'data collection' .        ? 2 
HKL-2000 'data reduction'  .        ? 3 
HKL-2000 'data scaling'    .        ? 4 
EPMR     phasing           .        ? 5 
# 
_pdbx_validate_rmsd_angle.id                         1 
_pdbx_validate_rmsd_angle.PDB_model_num              1 
_pdbx_validate_rmsd_angle.auth_atom_id_1             "O4'" 
_pdbx_validate_rmsd_angle.auth_asym_id_1             A 
_pdbx_validate_rmsd_angle.auth_comp_id_1             DC 
_pdbx_validate_rmsd_angle.auth_seq_id_1              1 
_pdbx_validate_rmsd_angle.PDB_ins_code_1             ? 
_pdbx_validate_rmsd_angle.label_alt_id_1             ? 
_pdbx_validate_rmsd_angle.auth_atom_id_2             "C1'" 
_pdbx_validate_rmsd_angle.auth_asym_id_2             A 
_pdbx_validate_rmsd_angle.auth_comp_id_2             DC 
_pdbx_validate_rmsd_angle.auth_seq_id_2              1 
_pdbx_validate_rmsd_angle.PDB_ins_code_2             ? 
_pdbx_validate_rmsd_angle.label_alt_id_2             ? 
_pdbx_validate_rmsd_angle.auth_atom_id_3             N1 
_pdbx_validate_rmsd_angle.auth_asym_id_3             A 
_pdbx_validate_rmsd_angle.auth_comp_id_3             DC 
_pdbx_validate_rmsd_angle.auth_seq_id_3              1 
_pdbx_validate_rmsd_angle.PDB_ins_code_3             ? 
_pdbx_validate_rmsd_angle.label_alt_id_3             ? 
_pdbx_validate_rmsd_angle.angle_value                112.03 
_pdbx_validate_rmsd_angle.angle_target_value         108.30 
_pdbx_validate_rmsd_angle.angle_deviation            3.73 
_pdbx_validate_rmsd_angle.angle_standard_deviation   0.30 
_pdbx_validate_rmsd_angle.linker_flag                N 
# 
loop_
_chem_comp_atom.comp_id 
_chem_comp_atom.atom_id 
_chem_comp_atom.type_symbol 
_chem_comp_atom.pdbx_aromatic_flag 
_chem_comp_atom.pdbx_stereo_config 
_chem_comp_atom.pdbx_ordinal 
7GU P      P N N 1   
7GU OP1    O N N 2   
7GU OP2    O N N 3   
7GU "O5'"  O N N 4   
7GU N9     N Y N 5   
7GU C4     C Y N 6   
7GU N3     N N N 7   
7GU C2     C N N 8   
7GU N2     N N N 9   
7GU N1     N N N 10  
7GU C6     C N N 11  
7GU O6     O N N 12  
7GU C5     C Y N 13  
7GU C7     C Y N 14  
7GU C8     C Y N 15  
7GU "C2'"  C N N 16  
7GU "C5'"  C N N 17  
7GU "C4'"  C N R 18  
7GU "O4'"  O N N 19  
7GU "C1'"  C N R 20  
7GU "C3'"  C N S 21  
7GU "O3'"  O N N 22  
7GU OP3    O N N 23  
7GU HOP2   H N N 24  
7GU HN21   H N N 25  
7GU HN22   H N N 26  
7GU HN1    H N N 27  
7GU H7     H N N 28  
7GU H8     H N N 29  
7GU "H2'"  H N N 30  
7GU "H2''" H N N 31  
7GU "H5'"  H N N 32  
7GU "H5''" H N N 33  
7GU "H4'"  H N N 34  
7GU "H1'"  H N N 35  
7GU "H3'"  H N N 36  
7GU "HO3'" H N N 37  
7GU HOP3   H N N 38  
DA  OP3    O N N 39  
DA  P      P N N 40  
DA  OP1    O N N 41  
DA  OP2    O N N 42  
DA  "O5'"  O N N 43  
DA  "C5'"  C N N 44  
DA  "C4'"  C N R 45  
DA  "O4'"  O N N 46  
DA  "C3'"  C N S 47  
DA  "O3'"  O N N 48  
DA  "C2'"  C N N 49  
DA  "C1'"  C N R 50  
DA  N9     N Y N 51  
DA  C8     C Y N 52  
DA  N7     N Y N 53  
DA  C5     C Y N 54  
DA  C6     C Y N 55  
DA  N6     N N N 56  
DA  N1     N Y N 57  
DA  C2     C Y N 58  
DA  N3     N Y N 59  
DA  C4     C Y N 60  
DA  HOP3   H N N 61  
DA  HOP2   H N N 62  
DA  "H5'"  H N N 63  
DA  "H5''" H N N 64  
DA  "H4'"  H N N 65  
DA  "H3'"  H N N 66  
DA  "HO3'" H N N 67  
DA  "H2'"  H N N 68  
DA  "H2''" H N N 69  
DA  "H1'"  H N N 70  
DA  H8     H N N 71  
DA  H61    H N N 72  
DA  H62    H N N 73  
DA  H2     H N N 74  
DC  OP3    O N N 75  
DC  P      P N N 76  
DC  OP1    O N N 77  
DC  OP2    O N N 78  
DC  "O5'"  O N N 79  
DC  "C5'"  C N N 80  
DC  "C4'"  C N R 81  
DC  "O4'"  O N N 82  
DC  "C3'"  C N S 83  
DC  "O3'"  O N N 84  
DC  "C2'"  C N N 85  
DC  "C1'"  C N R 86  
DC  N1     N N N 87  
DC  C2     C N N 88  
DC  O2     O N N 89  
DC  N3     N N N 90  
DC  C4     C N N 91  
DC  N4     N N N 92  
DC  C5     C N N 93  
DC  C6     C N N 94  
DC  HOP3   H N N 95  
DC  HOP2   H N N 96  
DC  "H5'"  H N N 97  
DC  "H5''" H N N 98  
DC  "H4'"  H N N 99  
DC  "H3'"  H N N 100 
DC  "HO3'" H N N 101 
DC  "H2'"  H N N 102 
DC  "H2''" H N N 103 
DC  "H1'"  H N N 104 
DC  H41    H N N 105 
DC  H42    H N N 106 
DC  H5     H N N 107 
DC  H6     H N N 108 
DG  OP3    O N N 109 
DG  P      P N N 110 
DG  OP1    O N N 111 
DG  OP2    O N N 112 
DG  "O5'"  O N N 113 
DG  "C5'"  C N N 114 
DG  "C4'"  C N R 115 
DG  "O4'"  O N N 116 
DG  "C3'"  C N S 117 
DG  "O3'"  O N N 118 
DG  "C2'"  C N N 119 
DG  "C1'"  C N R 120 
DG  N9     N Y N 121 
DG  C8     C Y N 122 
DG  N7     N Y N 123 
DG  C5     C Y N 124 
DG  C6     C N N 125 
DG  O6     O N N 126 
DG  N1     N N N 127 
DG  C2     C N N 128 
DG  N2     N N N 129 
DG  N3     N N N 130 
DG  C4     C Y N 131 
DG  HOP3   H N N 132 
DG  HOP2   H N N 133 
DG  "H5'"  H N N 134 
DG  "H5''" H N N 135 
DG  "H4'"  H N N 136 
DG  "H3'"  H N N 137 
DG  "HO3'" H N N 138 
DG  "H2'"  H N N 139 
DG  "H2''" H N N 140 
DG  "H1'"  H N N 141 
DG  H8     H N N 142 
DG  H1     H N N 143 
DG  H21    H N N 144 
DG  H22    H N N 145 
DT  OP3    O N N 146 
DT  P      P N N 147 
DT  OP1    O N N 148 
DT  OP2    O N N 149 
DT  "O5'"  O N N 150 
DT  "C5'"  C N N 151 
DT  "C4'"  C N R 152 
DT  "O4'"  O N N 153 
DT  "C3'"  C N S 154 
DT  "O3'"  O N N 155 
DT  "C2'"  C N N 156 
DT  "C1'"  C N R 157 
DT  N1     N N N 158 
DT  C2     C N N 159 
DT  O2     O N N 160 
DT  N3     N N N 161 
DT  C4     C N N 162 
DT  O4     O N N 163 
DT  C5     C N N 164 
DT  C7     C N N 165 
DT  C6     C N N 166 
DT  HOP3   H N N 167 
DT  HOP2   H N N 168 
DT  "H5'"  H N N 169 
DT  "H5''" H N N 170 
DT  "H4'"  H N N 171 
DT  "H3'"  H N N 172 
DT  "HO3'" H N N 173 
DT  "H2'"  H N N 174 
DT  "H2''" H N N 175 
DT  "H1'"  H N N 176 
DT  H3     H N N 177 
DT  H71    H N N 178 
DT  H72    H N N 179 
DT  H73    H N N 180 
DT  H6     H N N 181 
HOH O      O N N 182 
HOH H1     H N N 183 
HOH H2     H N N 184 
# 
loop_
_chem_comp_bond.comp_id 
_chem_comp_bond.atom_id_1 
_chem_comp_bond.atom_id_2 
_chem_comp_bond.value_order 
_chem_comp_bond.pdbx_aromatic_flag 
_chem_comp_bond.pdbx_stereo_config 
_chem_comp_bond.pdbx_ordinal 
7GU P     OP1    doub N N 1   
7GU P     OP2    sing N N 2   
7GU P     "O5'"  sing N N 3   
7GU P     OP3    sing N N 4   
7GU OP2   HOP2   sing N N 5   
7GU "O5'" "C5'"  sing N N 6   
7GU N9    C4     sing Y N 7   
7GU N9    C8     sing Y N 8   
7GU N9    "C1'"  sing N N 9   
7GU C4    N3     sing N N 10  
7GU C4    C5     doub Y N 11  
7GU N3    C2     doub N N 12  
7GU C2    N2     sing N N 13  
7GU C2    N1     sing N N 14  
7GU N2    HN21   sing N N 15  
7GU N2    HN22   sing N N 16  
7GU N1    C6     sing N N 17  
7GU N1    HN1    sing N N 18  
7GU C6    O6     doub N N 19  
7GU C6    C5     sing N N 20  
7GU C5    C7     sing Y N 21  
7GU C7    C8     doub Y N 22  
7GU C7    H7     sing N N 23  
7GU C8    H8     sing N N 24  
7GU "C2'" "C1'"  sing N N 25  
7GU "C2'" "C3'"  sing N N 26  
7GU "C2'" "H2'"  sing N N 27  
7GU "C2'" "H2''" sing N N 28  
7GU "C5'" "C4'"  sing N N 29  
7GU "C5'" "H5'"  sing N N 30  
7GU "C5'" "H5''" sing N N 31  
7GU "C4'" "O4'"  sing N N 32  
7GU "C4'" "C3'"  sing N N 33  
7GU "C4'" "H4'"  sing N N 34  
7GU "O4'" "C1'"  sing N N 35  
7GU "C1'" "H1'"  sing N N 36  
7GU "C3'" "O3'"  sing N N 37  
7GU "C3'" "H3'"  sing N N 38  
7GU "O3'" "HO3'" sing N N 39  
7GU OP3   HOP3   sing N N 40  
DA  OP3   P      sing N N 41  
DA  OP3   HOP3   sing N N 42  
DA  P     OP1    doub N N 43  
DA  P     OP2    sing N N 44  
DA  P     "O5'"  sing N N 45  
DA  OP2   HOP2   sing N N 46  
DA  "O5'" "C5'"  sing N N 47  
DA  "C5'" "C4'"  sing N N 48  
DA  "C5'" "H5'"  sing N N 49  
DA  "C5'" "H5''" sing N N 50  
DA  "C4'" "O4'"  sing N N 51  
DA  "C4'" "C3'"  sing N N 52  
DA  "C4'" "H4'"  sing N N 53  
DA  "O4'" "C1'"  sing N N 54  
DA  "C3'" "O3'"  sing N N 55  
DA  "C3'" "C2'"  sing N N 56  
DA  "C3'" "H3'"  sing N N 57  
DA  "O3'" "HO3'" sing N N 58  
DA  "C2'" "C1'"  sing N N 59  
DA  "C2'" "H2'"  sing N N 60  
DA  "C2'" "H2''" sing N N 61  
DA  "C1'" N9     sing N N 62  
DA  "C1'" "H1'"  sing N N 63  
DA  N9    C8     sing Y N 64  
DA  N9    C4     sing Y N 65  
DA  C8    N7     doub Y N 66  
DA  C8    H8     sing N N 67  
DA  N7    C5     sing Y N 68  
DA  C5    C6     sing Y N 69  
DA  C5    C4     doub Y N 70  
DA  C6    N6     sing N N 71  
DA  C6    N1     doub Y N 72  
DA  N6    H61    sing N N 73  
DA  N6    H62    sing N N 74  
DA  N1    C2     sing Y N 75  
DA  C2    N3     doub Y N 76  
DA  C2    H2     sing N N 77  
DA  N3    C4     sing Y N 78  
DC  OP3   P      sing N N 79  
DC  OP3   HOP3   sing N N 80  
DC  P     OP1    doub N N 81  
DC  P     OP2    sing N N 82  
DC  P     "O5'"  sing N N 83  
DC  OP2   HOP2   sing N N 84  
DC  "O5'" "C5'"  sing N N 85  
DC  "C5'" "C4'"  sing N N 86  
DC  "C5'" "H5'"  sing N N 87  
DC  "C5'" "H5''" sing N N 88  
DC  "C4'" "O4'"  sing N N 89  
DC  "C4'" "C3'"  sing N N 90  
DC  "C4'" "H4'"  sing N N 91  
DC  "O4'" "C1'"  sing N N 92  
DC  "C3'" "O3'"  sing N N 93  
DC  "C3'" "C2'"  sing N N 94  
DC  "C3'" "H3'"  sing N N 95  
DC  "O3'" "HO3'" sing N N 96  
DC  "C2'" "C1'"  sing N N 97  
DC  "C2'" "H2'"  sing N N 98  
DC  "C2'" "H2''" sing N N 99  
DC  "C1'" N1     sing N N 100 
DC  "C1'" "H1'"  sing N N 101 
DC  N1    C2     sing N N 102 
DC  N1    C6     sing N N 103 
DC  C2    O2     doub N N 104 
DC  C2    N3     sing N N 105 
DC  N3    C4     doub N N 106 
DC  C4    N4     sing N N 107 
DC  C4    C5     sing N N 108 
DC  N4    H41    sing N N 109 
DC  N4    H42    sing N N 110 
DC  C5    C6     doub N N 111 
DC  C5    H5     sing N N 112 
DC  C6    H6     sing N N 113 
DG  OP3   P      sing N N 114 
DG  OP3   HOP3   sing N N 115 
DG  P     OP1    doub N N 116 
DG  P     OP2    sing N N 117 
DG  P     "O5'"  sing N N 118 
DG  OP2   HOP2   sing N N 119 
DG  "O5'" "C5'"  sing N N 120 
DG  "C5'" "C4'"  sing N N 121 
DG  "C5'" "H5'"  sing N N 122 
DG  "C5'" "H5''" sing N N 123 
DG  "C4'" "O4'"  sing N N 124 
DG  "C4'" "C3'"  sing N N 125 
DG  "C4'" "H4'"  sing N N 126 
DG  "O4'" "C1'"  sing N N 127 
DG  "C3'" "O3'"  sing N N 128 
DG  "C3'" "C2'"  sing N N 129 
DG  "C3'" "H3'"  sing N N 130 
DG  "O3'" "HO3'" sing N N 131 
DG  "C2'" "C1'"  sing N N 132 
DG  "C2'" "H2'"  sing N N 133 
DG  "C2'" "H2''" sing N N 134 
DG  "C1'" N9     sing N N 135 
DG  "C1'" "H1'"  sing N N 136 
DG  N9    C8     sing Y N 137 
DG  N9    C4     sing Y N 138 
DG  C8    N7     doub Y N 139 
DG  C8    H8     sing N N 140 
DG  N7    C5     sing Y N 141 
DG  C5    C6     sing N N 142 
DG  C5    C4     doub Y N 143 
DG  C6    O6     doub N N 144 
DG  C6    N1     sing N N 145 
DG  N1    C2     sing N N 146 
DG  N1    H1     sing N N 147 
DG  C2    N2     sing N N 148 
DG  C2    N3     doub N N 149 
DG  N2    H21    sing N N 150 
DG  N2    H22    sing N N 151 
DG  N3    C4     sing N N 152 
DT  OP3   P      sing N N 153 
DT  OP3   HOP3   sing N N 154 
DT  P     OP1    doub N N 155 
DT  P     OP2    sing N N 156 
DT  P     "O5'"  sing N N 157 
DT  OP2   HOP2   sing N N 158 
DT  "O5'" "C5'"  sing N N 159 
DT  "C5'" "C4'"  sing N N 160 
DT  "C5'" "H5'"  sing N N 161 
DT  "C5'" "H5''" sing N N 162 
DT  "C4'" "O4'"  sing N N 163 
DT  "C4'" "C3'"  sing N N 164 
DT  "C4'" "H4'"  sing N N 165 
DT  "O4'" "C1'"  sing N N 166 
DT  "C3'" "O3'"  sing N N 167 
DT  "C3'" "C2'"  sing N N 168 
DT  "C3'" "H3'"  sing N N 169 
DT  "O3'" "HO3'" sing N N 170 
DT  "C2'" "C1'"  sing N N 171 
DT  "C2'" "H2'"  sing N N 172 
DT  "C2'" "H2''" sing N N 173 
DT  "C1'" N1     sing N N 174 
DT  "C1'" "H1'"  sing N N 175 
DT  N1    C2     sing N N 176 
DT  N1    C6     sing N N 177 
DT  C2    O2     doub N N 178 
DT  C2    N3     sing N N 179 
DT  N3    C4     sing N N 180 
DT  N3    H3     sing N N 181 
DT  C4    O4     doub N N 182 
DT  C4    C5     sing N N 183 
DT  C5    C7     sing N N 184 
DT  C5    C6     doub N N 185 
DT  C7    H71    sing N N 186 
DT  C7    H72    sing N N 187 
DT  C7    H73    sing N N 188 
DT  C6    H6     sing N N 189 
HOH O     H1     sing N N 190 
HOH O     H2     sing N N 191 
# 
loop_
_ndb_struct_conf_na.entry_id 
_ndb_struct_conf_na.feature 
2QEG 'double helix'        
2QEG 'b-form double helix' 
# 
loop_
_ndb_struct_na_base_pair.model_number 
_ndb_struct_na_base_pair.i_label_asym_id 
_ndb_struct_na_base_pair.i_label_comp_id 
_ndb_struct_na_base_pair.i_label_seq_id 
_ndb_struct_na_base_pair.i_symmetry 
_ndb_struct_na_base_pair.j_label_asym_id 
_ndb_struct_na_base_pair.j_label_comp_id 
_ndb_struct_na_base_pair.j_label_seq_id 
_ndb_struct_na_base_pair.j_symmetry 
_ndb_struct_na_base_pair.shear 
_ndb_struct_na_base_pair.stretch 
_ndb_struct_na_base_pair.stagger 
_ndb_struct_na_base_pair.buckle 
_ndb_struct_na_base_pair.propeller 
_ndb_struct_na_base_pair.opening 
_ndb_struct_na_base_pair.pair_number 
_ndb_struct_na_base_pair.pair_name 
_ndb_struct_na_base_pair.i_auth_asym_id 
_ndb_struct_na_base_pair.i_auth_seq_id 
_ndb_struct_na_base_pair.i_PDB_ins_code 
_ndb_struct_na_base_pair.j_auth_asym_id 
_ndb_struct_na_base_pair.j_auth_seq_id 
_ndb_struct_na_base_pair.j_PDB_ins_code 
_ndb_struct_na_base_pair.hbond_type_28 
_ndb_struct_na_base_pair.hbond_type_12 
1 A DC  1  1_555 B DG  12 1_555 0.309  -0.265 -0.234 4.682   1.589   -2.401 1  A_DC1:DG12_B  A 1  ? B 12 ? 19 1 
1 A DG  2  1_555 B DC  11 1_555 -0.232 -0.141 0.188  -3.645  -9.000  -3.644 2  A_DG2:DC11_B  A 2  ? B 11 ? 19 1 
1 A DC  3  1_555 B 7GU 10 1_555 0.179  -0.122 0.155  0.089   -5.987  1.210  3  A_DC3:7GU10_B A 3  ? B 10 ? 19 1 
1 A DG  4  1_555 B DC  9  1_555 -0.242 -0.082 0.040  12.728  -9.053  0.851  4  A_DG4:DC9_B   A 4  ? B 9  ? 19 1 
1 A DA  5  1_555 B DT  8  1_555 0.068  -0.105 -0.050 2.882   -15.362 3.829  5  A_DA5:DT8_B   A 5  ? B 8  ? 20 1 
1 A DA  6  1_555 B DT  7  1_555 0.085  -0.075 0.064  1.268   -16.066 3.404  6  A_DA6:DT7_B   A 6  ? B 7  ? 20 1 
1 A DT  7  1_555 B DA  6  1_555 -0.073 -0.108 0.097  -0.943  -15.853 4.112  7  A_DT7:DA6_B   A 7  ? B 6  ? 20 1 
1 A DT  8  1_555 B DA  5  1_555 -0.120 -0.167 -0.009 -1.132  -12.434 4.448  8  A_DT8:DA5_B   A 8  ? B 5  ? 20 1 
1 A DC  9  1_555 B DG  4  1_555 0.236  -0.148 0.067  -11.090 -9.568  0.320  9  A_DC9:DG4_B   A 9  ? B 4  ? 19 1 
1 A 7GU 10 1_555 B DC  3  1_555 -0.098 -0.141 0.306  4.960   -6.950  1.766  10 A_7GU10:DC3_B A 10 ? B 3  ? 19 1 
1 A DC  11 1_555 B DG  2  1_555 0.032  -0.142 0.163  0.336   -11.952 -2.818 11 A_DC11:DG2_B  A 11 ? B 2  ? 19 1 
1 A DG  12 1_555 B DC  1  1_555 -0.120 -0.141 0.735  17.586  -11.955 -4.091 12 A_DG12:DC1_B  A 12 ? B 1  ? 19 1 
# 
loop_
_ndb_struct_na_base_pair_step.model_number 
_ndb_struct_na_base_pair_step.i_label_asym_id_1 
_ndb_struct_na_base_pair_step.i_label_comp_id_1 
_ndb_struct_na_base_pair_step.i_label_seq_id_1 
_ndb_struct_na_base_pair_step.i_symmetry_1 
_ndb_struct_na_base_pair_step.j_label_asym_id_1 
_ndb_struct_na_base_pair_step.j_label_comp_id_1 
_ndb_struct_na_base_pair_step.j_label_seq_id_1 
_ndb_struct_na_base_pair_step.j_symmetry_1 
_ndb_struct_na_base_pair_step.i_label_asym_id_2 
_ndb_struct_na_base_pair_step.i_label_comp_id_2 
_ndb_struct_na_base_pair_step.i_label_seq_id_2 
_ndb_struct_na_base_pair_step.i_symmetry_2 
_ndb_struct_na_base_pair_step.j_label_asym_id_2 
_ndb_struct_na_base_pair_step.j_label_comp_id_2 
_ndb_struct_na_base_pair_step.j_label_seq_id_2 
_ndb_struct_na_base_pair_step.j_symmetry_2 
_ndb_struct_na_base_pair_step.shift 
_ndb_struct_na_base_pair_step.slide 
_ndb_struct_na_base_pair_step.rise 
_ndb_struct_na_base_pair_step.tilt 
_ndb_struct_na_base_pair_step.roll 
_ndb_struct_na_base_pair_step.twist 
_ndb_struct_na_base_pair_step.x_displacement 
_ndb_struct_na_base_pair_step.y_displacement 
_ndb_struct_na_base_pair_step.helical_rise 
_ndb_struct_na_base_pair_step.inclination 
_ndb_struct_na_base_pair_step.tip 
_ndb_struct_na_base_pair_step.helical_twist 
_ndb_struct_na_base_pair_step.step_number 
_ndb_struct_na_base_pair_step.step_name 
_ndb_struct_na_base_pair_step.i_auth_asym_id_1 
_ndb_struct_na_base_pair_step.i_auth_seq_id_1 
_ndb_struct_na_base_pair_step.i_PDB_ins_code_1 
_ndb_struct_na_base_pair_step.j_auth_asym_id_1 
_ndb_struct_na_base_pair_step.j_auth_seq_id_1 
_ndb_struct_na_base_pair_step.j_PDB_ins_code_1 
_ndb_struct_na_base_pair_step.i_auth_asym_id_2 
_ndb_struct_na_base_pair_step.i_auth_seq_id_2 
_ndb_struct_na_base_pair_step.i_PDB_ins_code_2 
_ndb_struct_na_base_pair_step.j_auth_asym_id_2 
_ndb_struct_na_base_pair_step.j_auth_seq_id_2 
_ndb_struct_na_base_pair_step.j_PDB_ins_code_2 
1 A DC  1  1_555 B DG  12 1_555 A DG  2  1_555 B DC  11 1_555 -1.114 -0.291 3.665 -5.346 -7.037 33.104 0.789  0.917  3.775 -12.085 
9.180  34.231 1  AA_DC1DG2:DC11DG12_BB  A 1  ? B 12 ? A 2  ? B 11 ? 
1 A DG  2  1_555 B DC  11 1_555 A DC  3  1_555 B 7GU 10 1_555 1.035  0.165  3.261 2.485  -1.529 40.864 0.403  -1.207 3.308 -2.186  
-3.554 40.964 2  AA_DG2DC3:7GU10DC11_BB A 2  ? B 11 ? A 3  ? B 10 ? 
1 A DC  3  1_555 B 7GU 10 1_555 A DG  4  1_555 B DC  9  1_555 -0.483 0.700  3.105 2.694  6.643  27.060 -0.078 1.618  3.123 13.891  
-5.633 27.976 3  AA_DC3DG4:DC97GU10_BB  A 3  ? B 10 ? A 4  ? B 9  ? 
1 A DG  4  1_555 B DC  9  1_555 A DA  5  1_555 B DT  8  1_555 0.111  -0.174 3.455 0.493  0.305  40.589 -0.286 -0.102 3.455 0.440   
-0.710 40.593 4  AA_DG4DA5:DT8DC9_BB    A 4  ? B 9  ? A 5  ? B 8  ? 
1 A DA  5  1_555 B DT  8  1_555 A DA  6  1_555 B DT  7  1_555 -0.053 -0.298 3.218 -1.939 -1.705 36.467 -0.243 -0.179 3.227 -2.720  
3.093  36.555 5  AA_DA5DA6:DT7DT8_BB    A 5  ? B 8  ? A 6  ? B 7  ? 
1 A DA  6  1_555 B DT  7  1_555 A DT  7  1_555 B DA  6  1_555 0.069  -0.526 3.259 -0.049 -2.328 32.108 -0.532 -0.134 3.288 -4.202  
0.088  32.190 6  AA_DA6DT7:DA6DT7_BB    A 6  ? B 7  ? A 7  ? B 6  ? 
1 A DT  7  1_555 B DA  6  1_555 A DT  8  1_555 B DA  5  1_555 -0.047 -0.336 3.174 0.697  -1.670 34.377 -0.314 0.186  3.184 -2.824  
-1.178 34.423 7  AA_DT7DT8:DA5DA6_BB    A 7  ? B 6  ? A 8  ? B 5  ? 
1 A DT  8  1_555 B DA  5  1_555 A DC  9  1_555 B DG  4  1_555 -0.108 -0.158 3.443 0.427  -1.261 43.322 -0.084 0.190  3.445 -1.708  
-0.578 43.341 8  AA_DT8DC9:DG4DA5_BB    A 8  ? B 5  ? A 9  ? B 4  ? 
1 A DC  9  1_555 B DG  4  1_555 A 7GU 10 1_555 B DC  3  1_555 0.589  0.617  3.009 -3.024 2.892  26.881 0.643  -1.951 2.975 6.174   
6.455  27.199 9  AA_DC97GU10:DC3DG4_BB  A 9  ? B 4  ? A 10 ? B 3  ? 
1 A 7GU 10 1_555 B DC  3  1_555 A DC  11 1_555 B DG  2  1_555 -1.540 0.577  3.422 -1.954 -6.908 42.876 1.478  1.883  3.358 -9.372  
2.650  43.445 10 AA_7GU10DC11:DG2DC3_BB A 10 ? B 3  ? A 11 ? B 2  ? 
1 A DC  11 1_555 B DG  2  1_555 A DG  12 1_555 B DC  1  1_555 0.886  0.387  2.984 -3.891 0.507  32.704 0.606  -2.158 2.868 0.896   
6.878  32.933 11 AA_DC11DG12:DC1DG2_BB  A 11 ? B 2  ? A 12 ? B 1  ? 
# 
_pdbx_entity_nonpoly.entity_id   2 
_pdbx_entity_nonpoly.name        water 
_pdbx_entity_nonpoly.comp_id     HOH 
# 
_pdbx_initial_refinement_model.id               1 
_pdbx_initial_refinement_model.entity_id_list   ? 
_pdbx_initial_refinement_model.type             'experimental model' 
_pdbx_initial_refinement_model.source_name      PDB 
_pdbx_initial_refinement_model.accession_code   355D 
_pdbx_initial_refinement_model.details          ? 
# 
